data_1D6U
#
_entry.id   1D6U
#
_cell.length_a   135.236
_cell.length_b   166.482
_cell.length_c   79.628
_cell.angle_alpha   90.00
_cell.angle_beta   90.00
_cell.angle_gamma   90.00
#
_symmetry.space_group_name_H-M   'P 21 21 21'
#
loop_
_entity.id
_entity.type
_entity.pdbx_description
1 polymer 'COPPER AMINE OXIDASE'
2 non-polymer 'COPPER (II) ION'
3 non-polymer 'CALCIUM ION'
4 non-polymer PHENYLACETALDEHYDE
5 non-polymer 2-PHENYLETHYLAMINE
6 non-polymer GLYCEROL
7 water water
#
_entity_poly.entity_id   1
_entity_poly.type   'polypeptide(L)'
_entity_poly.pdbx_seq_one_letter_code
;HGGEAHMVPMDKTLKEFGADVQWDDYAQLFTLIKDGAYVKVKPGAQTAIVNGQPLALQVPVVMKDNKAWVSDTFINDVFQ
SGLDQTFQVEKRPHPLNALTADEIKQAVEIVKASADFKPNTRFTEISLLPPDKEAVWAFALENKPVDQPRKADVIMLDGK
HIIEAVVDLQNNKLLSWQPIKDAHGMVLLDDFASVQNIINNSEEFAAAVKKRGITDAKKVITTPLTVGYFDGKDGLKQDA
RLLKVISYLDVGDGNYWAHPIENLVAVVDLEQKKIVKIEEGPVVPVPMTARPFDGRDRVAPAVKPMQIIEPEGKNYTITG
DMIHWRNWDFHLSMNSRVGPMISTVTYNDNGTKRKVMYEGSLGGMIVPYGDPDIGWYFKAYLDSGDYGMGTLTSPIARGK
DAPSNAVLLNETIADYTGVPMEIPRAIAVFERYAGPEYKHQEMGQPNVSTERRELVVRWISTVGN(TYQ)DYIFDWIFHE
NGTIGIDAGATGIEAVKGVKAKTMHDETAKDDTRYGTLIDHNIVGTTHQHIYNFRLDLDVDGENNSLVAMDPVVKPNTAG
GPRTSTMQVNQYNIGNEQDAAQKFDPGTIRLLSNPNKENRMGNPVSYQIIPYAGGTHPVAKGAQFAPDEWIYHRLSFMDK
QLWVTRYHPGERFPEGKYPNRSTHDTGLGQYSKDNESLDNTDAVVWMTTGTTHVARAEEWPIMPTEWVHTLLKPWNFFDE
TPTLGALKKDK
;
_entity_poly.pdbx_strand_id   A,B
#
loop_
_chem_comp.id
_chem_comp.type
_chem_comp.name
_chem_comp.formula
CA non-polymer 'CALCIUM ION' 'Ca 2'
CU non-polymer 'COPPER (II) ION' 'Cu 2'
GOL non-polymer GLYCEROL 'C3 H8 O3'
HY1 non-polymer PHENYLACETALDEHYDE 'C8 H8 O'
PEA non-polymer 2-PHENYLETHYLAMINE 'C8 H12 N 1'
#
# COMPACT_ATOMS: atom_id res chain seq x y z
N MET A 7 27.79 -23.64 -34.44
CA MET A 7 26.93 -23.70 -33.23
C MET A 7 27.62 -23.07 -32.03
N VAL A 8 26.84 -22.86 -30.97
CA VAL A 8 27.35 -22.25 -29.75
C VAL A 8 26.46 -22.76 -28.61
N PRO A 9 27.01 -22.87 -27.39
CA PRO A 9 26.24 -23.34 -26.23
C PRO A 9 25.09 -22.40 -25.90
N MET A 10 23.90 -22.93 -25.64
CA MET A 10 22.75 -22.09 -25.33
C MET A 10 22.77 -21.46 -23.94
N ASP A 11 22.81 -22.29 -22.92
CA ASP A 11 22.84 -21.77 -21.55
C ASP A 11 23.93 -20.72 -21.35
N LYS A 12 25.11 -21.00 -21.88
CA LYS A 12 26.23 -20.07 -21.75
C LYS A 12 25.93 -18.77 -22.48
N THR A 13 25.57 -18.89 -23.75
CA THR A 13 25.26 -17.73 -24.57
C THR A 13 24.07 -16.94 -24.03
N LEU A 14 22.96 -17.62 -23.76
CA LEU A 14 21.76 -16.94 -23.25
C LEU A 14 21.95 -16.24 -21.91
N LYS A 15 22.76 -16.80 -21.03
CA LYS A 15 22.95 -16.15 -19.75
C LYS A 15 23.88 -14.95 -19.83
N GLU A 16 24.77 -14.94 -20.83
CA GLU A 16 25.67 -13.81 -21.02
C GLU A 16 24.82 -12.68 -21.58
N PHE A 17 23.72 -13.06 -22.21
CA PHE A 17 22.78 -12.13 -22.82
C PHE A 17 21.85 -11.54 -21.75
N GLY A 18 21.73 -12.22 -20.62
CA GLY A 18 20.88 -11.74 -19.54
C GLY A 18 19.49 -12.37 -19.56
N ALA A 19 19.30 -13.36 -20.42
CA ALA A 19 18.01 -14.03 -20.54
C ALA A 19 17.93 -15.20 -19.58
N ASP A 20 16.73 -15.46 -19.08
CA ASP A 20 16.49 -16.57 -18.16
C ASP A 20 16.12 -17.81 -19.00
N VAL A 21 16.78 -18.93 -18.72
CA VAL A 21 16.53 -20.17 -19.45
C VAL A 21 15.86 -21.23 -18.59
N GLN A 22 14.75 -21.79 -19.09
CA GLN A 22 14.05 -22.84 -18.35
C GLN A 22 13.85 -24.06 -19.25
N TRP A 23 14.08 -25.24 -18.71
CA TRP A 23 13.90 -26.47 -19.48
C TRP A 23 12.86 -27.36 -18.82
N ASP A 24 11.86 -27.75 -19.62
CA ASP A 24 10.81 -28.63 -19.14
C ASP A 24 11.04 -29.96 -19.85
N ASP A 25 11.52 -30.95 -19.12
CA ASP A 25 11.79 -32.26 -19.71
C ASP A 25 10.52 -33.01 -20.14
N TYR A 26 9.42 -32.78 -19.45
CA TYR A 26 8.16 -33.44 -19.78
C TYR A 26 7.62 -32.98 -21.14
N ALA A 27 7.75 -31.69 -21.42
CA ALA A 27 7.28 -31.16 -22.67
C ALA A 27 8.41 -31.02 -23.68
N GLN A 28 9.64 -31.29 -23.26
CA GLN A 28 10.80 -31.15 -24.15
C GLN A 28 10.73 -29.74 -24.74
N LEU A 29 10.59 -28.75 -23.85
CA LEU A 29 10.46 -27.37 -24.27
C LEU A 29 11.33 -26.39 -23.48
N PHE A 30 11.95 -25.47 -24.19
CA PHE A 30 12.75 -24.44 -23.57
C PHE A 30 11.90 -23.18 -23.55
N THR A 31 11.92 -22.48 -22.42
CA THR A 31 11.20 -21.22 -22.29
C THR A 31 12.29 -20.21 -21.96
N LEU A 32 12.47 -19.24 -22.86
CA LEU A 32 13.47 -18.18 -22.73
C LEU A 32 12.79 -16.86 -22.41
N ILE A 33 13.28 -16.17 -21.39
CA ILE A 33 12.69 -14.91 -21.00
C ILE A 33 13.72 -13.81 -20.76
N LYS A 34 13.44 -12.63 -21.30
CA LYS A 34 14.27 -11.46 -21.09
C LYS A 34 13.46 -10.23 -21.46
N ASP A 35 13.19 -9.41 -20.44
CA ASP A 35 12.40 -8.20 -20.58
C ASP A 35 11.06 -8.50 -21.25
N GLY A 36 10.76 -7.87 -22.39
CA GLY A 36 9.49 -8.11 -23.04
C GLY A 36 9.40 -9.37 -23.89
N ALA A 37 10.50 -10.09 -24.00
CA ALA A 37 10.52 -11.31 -24.80
C ALA A 37 10.26 -12.57 -24.02
N TYR A 38 9.23 -13.30 -24.45
CA TYR A 38 8.86 -14.55 -23.84
C TYR A 38 8.91 -15.56 -25.00
N VAL A 39 9.96 -16.37 -25.03
CA VAL A 39 10.19 -17.34 -26.10
C VAL A 39 10.06 -18.81 -25.73
N LYS A 40 9.54 -19.60 -26.66
CA LYS A 40 9.40 -21.05 -26.47
C LYS A 40 9.97 -21.75 -27.70
N VAL A 41 10.92 -22.65 -27.47
CA VAL A 41 11.52 -23.36 -28.58
C VAL A 41 11.82 -24.80 -28.20
N LYS A 42 11.43 -25.73 -29.07
CA LYS A 42 11.70 -27.13 -28.82
C LYS A 42 12.87 -27.63 -29.66
N PRO A 43 13.72 -28.47 -29.06
CA PRO A 43 14.89 -29.02 -29.77
C PRO A 43 14.44 -29.72 -31.05
N GLY A 44 15.12 -29.43 -32.16
CA GLY A 44 14.78 -30.05 -33.42
C GLY A 44 13.64 -29.38 -34.19
N ALA A 45 12.88 -28.52 -33.52
CA ALA A 45 11.77 -27.84 -34.18
C ALA A 45 12.29 -26.84 -35.18
N GLN A 46 11.56 -26.68 -36.29
CA GLN A 46 11.93 -25.76 -37.35
C GLN A 46 11.39 -24.35 -37.10
N THR A 47 10.56 -24.22 -36.08
CA THR A 47 9.99 -22.93 -35.73
C THR A 47 10.05 -22.75 -34.21
N ALA A 48 9.81 -21.52 -33.78
CA ALA A 48 9.81 -21.20 -32.36
C ALA A 48 8.66 -20.23 -32.15
N ILE A 49 8.37 -19.91 -30.90
CA ILE A 49 7.31 -18.98 -30.58
C ILE A 49 7.89 -17.80 -29.83
N VAL A 50 7.59 -16.59 -30.29
CA VAL A 50 8.06 -15.37 -29.64
C VAL A 50 6.80 -14.57 -29.35
N ASN A 51 6.53 -14.35 -28.06
CA ASN A 51 5.35 -13.62 -27.61
C ASN A 51 4.08 -14.07 -28.32
N GLY A 52 3.88 -15.39 -28.38
CA GLY A 52 2.69 -15.93 -29.01
C GLY A 52 2.71 -16.03 -30.53
N GLN A 53 3.76 -15.51 -31.18
CA GLN A 53 3.85 -15.57 -32.63
C GLN A 53 4.93 -16.49 -33.17
N PRO A 54 4.59 -17.28 -34.21
CA PRO A 54 5.47 -18.24 -34.87
C PRO A 54 6.64 -17.61 -35.61
N LEU A 55 7.83 -18.17 -35.41
CA LEU A 55 9.04 -17.69 -36.05
C LEU A 55 9.75 -18.85 -36.75
N ALA A 56 10.10 -18.68 -38.01
CA ALA A 56 10.81 -19.73 -38.74
C ALA A 56 12.28 -19.61 -38.37
N LEU A 57 12.92 -20.74 -38.07
CA LEU A 57 14.32 -20.72 -37.69
C LEU A 57 15.21 -21.16 -38.87
N GLN A 58 16.38 -20.55 -38.99
CA GLN A 58 17.30 -20.95 -40.05
C GLN A 58 17.90 -22.28 -39.61
N VAL A 59 18.34 -22.33 -38.36
CA VAL A 59 18.96 -23.51 -37.79
C VAL A 59 18.26 -23.93 -36.50
N PRO A 60 17.63 -25.11 -36.50
CA PRO A 60 16.93 -25.61 -35.30
C PRO A 60 17.89 -25.76 -34.12
N VAL A 61 17.35 -25.74 -32.91
CA VAL A 61 18.16 -25.92 -31.71
C VAL A 61 18.56 -27.39 -31.69
N VAL A 62 19.81 -27.68 -31.36
CA VAL A 62 20.27 -29.05 -31.32
C VAL A 62 20.84 -29.47 -29.97
N MET A 63 20.53 -30.70 -29.58
CA MET A 63 20.99 -31.26 -28.32
C MET A 63 22.26 -32.06 -28.55
N LYS A 64 23.32 -31.68 -27.83
CA LYS A 64 24.60 -32.35 -27.94
C LYS A 64 25.03 -32.79 -26.54
N ASP A 65 24.91 -34.08 -26.27
CA ASP A 65 25.31 -34.61 -24.97
C ASP A 65 24.52 -33.91 -23.86
N ASN A 66 23.20 -33.84 -24.04
CA ASN A 66 22.30 -33.19 -23.09
C ASN A 66 22.64 -31.72 -22.85
N LYS A 67 23.21 -31.09 -23.88
CA LYS A 67 23.56 -29.67 -23.81
C LYS A 67 22.96 -29.09 -25.07
N ALA A 68 22.12 -28.08 -24.93
CA ALA A 68 21.50 -27.47 -26.10
C ALA A 68 22.51 -26.55 -26.77
N TRP A 69 22.49 -26.55 -28.10
CA TRP A 69 23.37 -25.69 -28.89
C TRP A 69 22.54 -24.92 -29.90
N VAL A 70 22.95 -23.69 -30.18
CA VAL A 70 22.21 -22.84 -31.12
C VAL A 70 23.13 -22.11 -32.10
N SER A 71 22.51 -21.55 -33.14
CA SER A 71 23.23 -20.79 -34.14
C SER A 71 23.93 -19.60 -33.50
N ASP A 72 24.97 -19.10 -34.14
CA ASP A 72 25.70 -17.96 -33.63
C ASP A 72 24.89 -16.69 -33.87
N THR A 73 23.78 -16.85 -34.59
CA THR A 73 22.90 -15.73 -34.92
C THR A 73 21.53 -15.90 -34.24
N PHE A 74 21.41 -16.92 -33.40
CA PHE A 74 20.16 -17.23 -32.69
C PHE A 74 19.57 -16.04 -31.93
N ILE A 75 20.32 -15.50 -30.98
CA ILE A 75 19.85 -14.37 -30.18
C ILE A 75 19.32 -13.25 -31.06
N ASN A 76 20.07 -12.88 -32.10
CA ASN A 76 19.62 -11.82 -32.99
C ASN A 76 18.36 -12.20 -33.76
N ASP A 77 18.37 -13.39 -34.37
CA ASP A 77 17.22 -13.84 -35.14
C ASP A 77 15.95 -13.96 -34.29
N VAL A 78 16.11 -14.36 -33.04
CA VAL A 78 14.97 -14.55 -32.15
C VAL A 78 14.56 -13.33 -31.33
N PHE A 79 15.51 -12.73 -30.63
CA PHE A 79 15.23 -11.57 -29.80
C PHE A 79 15.09 -10.25 -30.56
N GLN A 80 15.84 -10.10 -31.65
CA GLN A 80 15.76 -8.88 -32.47
C GLN A 80 14.90 -9.18 -33.71
N SER A 81 14.10 -10.23 -33.62
CA SER A 81 13.24 -10.65 -34.73
C SER A 81 12.20 -9.62 -35.15
N GLY A 82 11.56 -8.97 -34.16
CA GLY A 82 10.54 -7.99 -34.44
C GLY A 82 9.23 -8.44 -33.80
N LEU A 83 9.17 -9.72 -33.44
CA LEU A 83 7.98 -10.28 -32.82
C LEU A 83 7.82 -9.77 -31.39
N ASP A 84 8.90 -9.24 -30.81
CA ASP A 84 8.82 -8.65 -29.48
C ASP A 84 8.57 -7.18 -29.77
N GLN A 85 7.34 -6.74 -29.57
CA GLN A 85 6.98 -5.36 -29.86
C GLN A 85 7.11 -4.37 -28.72
N THR A 86 7.72 -4.80 -27.62
CA THR A 86 7.90 -3.96 -26.44
C THR A 86 8.57 -2.63 -26.78
N PHE A 87 9.67 -2.69 -27.55
CA PHE A 87 10.41 -1.50 -27.94
C PHE A 87 10.13 -1.21 -29.42
N GLN A 88 9.88 0.06 -29.72
CA GLN A 88 9.60 0.52 -31.09
C GLN A 88 10.59 1.63 -31.44
N VAL A 89 10.92 1.78 -32.72
CA VAL A 89 11.86 2.81 -33.14
C VAL A 89 11.28 4.21 -33.04
N GLU A 90 12.10 5.18 -32.64
CA GLU A 90 11.65 6.55 -32.52
C GLU A 90 12.20 7.33 -33.70
N LYS A 91 11.36 7.62 -34.70
CA LYS A 91 11.80 8.36 -35.88
C LYS A 91 11.91 9.86 -35.66
N ARG A 92 11.03 10.38 -34.81
CA ARG A 92 11.04 11.80 -34.47
C ARG A 92 11.32 11.93 -32.98
N PRO A 93 12.58 12.22 -32.63
CA PRO A 93 13.05 12.38 -31.26
C PRO A 93 12.29 13.41 -30.43
N HIS A 94 11.80 12.96 -29.29
CA HIS A 94 11.06 13.82 -28.38
C HIS A 94 11.98 14.95 -27.89
N PRO A 95 11.45 16.18 -27.82
CA PRO A 95 12.22 17.35 -27.38
C PRO A 95 12.76 17.28 -25.95
N LEU A 96 12.21 16.40 -25.12
CA LEU A 96 12.71 16.29 -23.75
C LEU A 96 13.68 15.13 -23.55
N ASN A 97 14.02 14.44 -24.64
CA ASN A 97 14.98 13.34 -24.55
C ASN A 97 16.23 13.85 -23.85
N ALA A 98 16.80 13.04 -22.96
CA ALA A 98 17.99 13.45 -22.23
C ALA A 98 19.17 13.53 -23.19
N LEU A 99 20.18 14.30 -22.81
CA LEU A 99 21.35 14.43 -23.66
C LEU A 99 21.94 13.06 -23.95
N THR A 100 22.29 12.83 -25.22
CA THR A 100 22.89 11.57 -25.62
C THR A 100 24.38 11.61 -25.35
N ALA A 101 25.04 10.45 -25.45
CA ALA A 101 26.47 10.37 -25.23
C ALA A 101 27.19 11.31 -26.20
N ASP A 102 26.71 11.39 -27.43
CA ASP A 102 27.33 12.29 -28.40
C ASP A 102 27.20 13.75 -28.00
N GLU A 103 26.02 14.12 -27.49
CA GLU A 103 25.80 15.51 -27.07
C GLU A 103 26.61 15.84 -25.82
N ILE A 104 26.74 14.86 -24.93
CA ILE A 104 27.51 15.05 -23.71
C ILE A 104 28.97 15.34 -24.09
N LYS A 105 29.47 14.63 -25.09
CA LYS A 105 30.85 14.82 -25.53
C LYS A 105 31.01 16.11 -26.31
N GLN A 106 29.95 16.52 -27.02
CA GLN A 106 30.00 17.75 -27.80
C GLN A 106 30.02 18.93 -26.82
N ALA A 107 29.13 18.88 -25.84
CA ALA A 107 29.01 19.93 -24.83
C ALA A 107 30.34 20.12 -24.11
N VAL A 108 30.99 19.02 -23.77
CA VAL A 108 32.27 19.12 -23.08
C VAL A 108 33.34 19.71 -24.00
N GLU A 109 33.27 19.42 -25.30
CA GLU A 109 34.25 19.98 -26.23
C GLU A 109 34.06 21.48 -26.38
N ILE A 110 32.81 21.92 -26.42
CA ILE A 110 32.52 23.34 -26.56
C ILE A 110 33.09 24.20 -25.42
N VAL A 111 32.87 23.78 -24.18
CA VAL A 111 33.39 24.56 -23.06
C VAL A 111 34.90 24.41 -22.92
N LYS A 112 35.46 23.30 -23.41
CA LYS A 112 36.91 23.13 -23.32
C LYS A 112 37.63 23.97 -24.38
N ALA A 113 36.89 24.39 -25.41
CA ALA A 113 37.48 25.21 -26.46
C ALA A 113 37.51 26.70 -26.07
N SER A 114 36.95 27.01 -24.91
CA SER A 114 36.94 28.38 -24.41
C SER A 114 38.27 28.66 -23.72
N ALA A 115 38.73 29.90 -23.80
CA ALA A 115 39.99 30.29 -23.17
C ALA A 115 39.87 30.37 -21.65
N ASP A 116 38.63 30.50 -21.16
CA ASP A 116 38.42 30.60 -19.73
C ASP A 116 38.42 29.25 -19.01
N PHE A 117 38.32 28.17 -19.78
CA PHE A 117 38.30 26.84 -19.20
C PHE A 117 39.63 26.46 -18.57
N LYS A 118 39.61 26.20 -17.26
CA LYS A 118 40.82 25.85 -16.50
C LYS A 118 41.11 24.35 -16.53
N PRO A 119 42.40 23.99 -16.50
CA PRO A 119 42.99 22.64 -16.53
C PRO A 119 42.36 21.46 -15.78
N ASN A 120 41.91 21.64 -14.54
CA ASN A 120 41.32 20.50 -13.84
C ASN A 120 39.86 20.67 -13.46
N THR A 121 39.12 21.36 -14.32
CA THR A 121 37.71 21.59 -14.09
C THR A 121 36.90 20.30 -14.12
N ARG A 122 35.96 20.17 -13.19
CA ARG A 122 35.09 19.00 -13.14
C ARG A 122 33.68 19.45 -13.49
N PHE A 123 32.79 18.50 -13.77
CA PHE A 123 31.42 18.87 -14.13
C PHE A 123 30.38 18.36 -13.13
N THR A 124 29.75 19.28 -12.41
CA THR A 124 28.72 18.90 -11.45
C THR A 124 27.45 18.42 -12.16
N GLU A 125 27.15 19.00 -13.32
CA GLU A 125 25.96 18.59 -14.06
C GLU A 125 25.98 19.05 -15.51
N ILE A 126 25.64 18.13 -16.40
CA ILE A 126 25.58 18.43 -17.84
C ILE A 126 24.23 17.87 -18.25
N SER A 127 23.24 18.75 -18.37
CA SER A 127 21.89 18.33 -18.73
C SER A 127 21.27 19.18 -19.81
N LEU A 128 20.17 18.68 -20.35
CA LEU A 128 19.42 19.36 -21.39
C LEU A 128 18.80 20.65 -20.87
N LEU A 129 18.90 21.72 -21.68
CA LEU A 129 18.25 22.99 -21.36
C LEU A 129 16.98 22.84 -22.23
N PRO A 130 15.86 22.48 -21.59
CA PRO A 130 14.55 22.27 -22.20
C PRO A 130 13.94 23.44 -22.93
N PRO A 131 13.32 23.17 -24.10
CA PRO A 131 12.68 24.20 -24.91
C PRO A 131 11.54 24.73 -24.07
N ASP A 132 10.85 25.74 -24.57
CA ASP A 132 9.75 26.27 -23.79
C ASP A 132 8.64 25.23 -23.67
N LYS A 133 7.98 25.25 -22.52
CA LYS A 133 6.89 24.34 -22.20
C LYS A 133 5.83 24.25 -23.29
N GLU A 134 5.46 25.40 -23.86
CA GLU A 134 4.42 25.44 -24.88
C GLU A 134 4.79 24.63 -26.12
N ALA A 135 6.00 24.83 -26.61
CA ALA A 135 6.46 24.10 -27.79
C ALA A 135 6.50 22.59 -27.51
N VAL A 136 6.91 22.20 -26.30
CA VAL A 136 6.97 20.79 -25.96
C VAL A 136 5.55 20.20 -25.97
N TRP A 137 4.60 20.85 -25.31
CA TRP A 137 3.22 20.36 -25.31
C TRP A 137 2.69 20.24 -26.74
N ALA A 138 3.08 21.18 -27.61
CA ALA A 138 2.62 21.16 -29.00
C ALA A 138 3.18 19.93 -29.73
N PHE A 139 4.38 19.50 -29.36
CA PHE A 139 4.97 18.34 -30.00
C PHE A 139 4.21 17.07 -29.60
N ALA A 140 3.94 16.92 -28.30
CA ALA A 140 3.25 15.74 -27.81
C ALA A 140 1.78 15.67 -28.22
N LEU A 141 1.13 16.82 -28.33
CA LEU A 141 -0.28 16.86 -28.67
C LEU A 141 -0.62 17.10 -30.14
N GLU A 142 0.30 17.71 -30.88
CA GLU A 142 0.04 18.03 -32.28
C GLU A 142 1.14 17.61 -33.24
N ASN A 143 2.19 16.98 -32.71
CA ASN A 143 3.31 16.54 -33.53
C ASN A 143 4.03 17.73 -34.16
N LYS A 144 3.76 18.92 -33.63
CA LYS A 144 4.39 20.14 -34.14
C LYS A 144 5.87 20.15 -33.74
N PRO A 145 6.77 20.27 -34.73
CA PRO A 145 8.22 20.30 -34.48
C PRO A 145 8.67 21.45 -33.59
N VAL A 146 9.63 21.17 -32.71
CA VAL A 146 10.19 22.18 -31.82
C VAL A 146 11.27 22.85 -32.66
N ASP A 147 10.96 24.04 -33.17
CA ASP A 147 11.91 24.75 -34.02
C ASP A 147 12.89 25.57 -33.20
N GLN A 148 13.59 24.91 -32.29
CA GLN A 148 14.57 25.55 -31.42
C GLN A 148 15.74 24.59 -31.26
N PRO A 149 16.98 25.10 -31.35
CA PRO A 149 18.15 24.24 -31.22
C PRO A 149 18.29 23.55 -29.86
N ARG A 150 18.80 22.32 -29.88
CA ARG A 150 19.03 21.58 -28.65
C ARG A 150 20.12 22.34 -27.91
N LYS A 151 19.88 22.68 -26.66
CA LYS A 151 20.87 23.38 -25.85
C LYS A 151 21.14 22.60 -24.58
N ALA A 152 22.31 22.83 -23.97
CA ALA A 152 22.64 22.12 -22.75
C ALA A 152 23.25 23.02 -21.68
N ASP A 153 22.85 22.78 -20.43
CA ASP A 153 23.41 23.52 -19.31
C ASP A 153 24.65 22.72 -18.90
N VAL A 154 25.76 23.42 -18.71
CA VAL A 154 26.99 22.77 -18.29
C VAL A 154 27.48 23.50 -17.06
N ILE A 155 27.34 22.86 -15.90
CA ILE A 155 27.77 23.47 -14.67
C ILE A 155 29.12 22.88 -14.29
N MET A 156 30.11 23.76 -14.18
CA MET A 156 31.47 23.37 -13.88
C MET A 156 31.96 23.74 -12.49
N LEU A 157 32.93 22.98 -12.01
CA LEU A 157 33.53 23.21 -10.71
C LEU A 157 35.03 23.34 -10.93
N ASP A 158 35.50 24.57 -10.90
CA ASP A 158 36.92 24.88 -11.08
C ASP A 158 37.52 24.97 -9.68
N GLY A 159 38.05 23.85 -9.20
CA GLY A 159 38.61 23.83 -7.87
C GLY A 159 37.42 23.81 -6.92
N LYS A 160 37.00 24.98 -6.47
CA LYS A 160 35.86 25.08 -5.57
C LYS A 160 34.86 26.09 -6.13
N HIS A 161 35.22 26.69 -7.26
CA HIS A 161 34.38 27.70 -7.90
C HIS A 161 33.39 27.12 -8.91
N ILE A 162 32.16 27.61 -8.85
CA ILE A 162 31.10 27.18 -9.76
C ILE A 162 30.96 28.12 -10.95
N ILE A 163 30.90 27.54 -12.14
CA ILE A 163 30.71 28.33 -13.36
C ILE A 163 29.56 27.69 -14.13
N GLU A 164 28.61 28.52 -14.54
CA GLU A 164 27.47 28.06 -15.32
C GLU A 164 27.64 28.47 -16.76
N ALA A 165 27.50 27.52 -17.67
CA ALA A 165 27.63 27.82 -19.09
C ALA A 165 26.47 27.20 -19.86
N VAL A 166 26.16 27.80 -21.01
CA VAL A 166 25.10 27.29 -21.87
C VAL A 166 25.70 27.09 -23.26
N VAL A 167 25.42 25.93 -23.88
CA VAL A 167 25.94 25.66 -25.21
C VAL A 167 24.83 25.37 -26.21
N ASP A 168 25.12 25.63 -27.49
CA ASP A 168 24.16 25.38 -28.56
C ASP A 168 24.66 24.13 -29.28
N LEU A 169 24.00 23.01 -29.02
CA LEU A 169 24.39 21.74 -29.62
C LEU A 169 24.10 21.63 -31.12
N GLN A 170 23.01 22.24 -31.58
CA GLN A 170 22.68 22.19 -32.99
C GLN A 170 23.65 23.02 -33.83
N ASN A 171 24.11 24.15 -33.29
CA ASN A 171 25.03 25.01 -34.01
C ASN A 171 26.45 24.96 -33.46
N ASN A 172 26.66 24.10 -32.47
CA ASN A 172 27.97 23.90 -31.87
C ASN A 172 28.65 25.22 -31.48
N LYS A 173 28.00 26.01 -30.63
CA LYS A 173 28.58 27.26 -30.18
C LYS A 173 28.25 27.58 -28.73
N LEU A 174 29.20 28.22 -28.04
CA LEU A 174 29.04 28.60 -26.64
C LEU A 174 28.17 29.86 -26.56
N LEU A 175 27.08 29.79 -25.82
CA LEU A 175 26.18 30.93 -25.69
C LEU A 175 26.47 31.82 -24.48
N SER A 176 26.77 31.23 -23.33
CA SER A 176 27.07 32.01 -22.14
C SER A 176 28.02 31.30 -21.20
N TRP A 177 28.70 32.08 -20.37
CA TRP A 177 29.67 31.59 -19.40
C TRP A 177 29.60 32.49 -18.18
N GLN A 178 28.88 32.04 -17.16
CA GLN A 178 28.69 32.83 -15.94
C GLN A 178 29.20 32.27 -14.63
N PRO A 179 30.24 32.90 -14.06
CA PRO A 179 30.79 32.44 -12.79
C PRO A 179 29.71 32.69 -11.73
N ILE A 180 29.53 31.77 -10.78
CA ILE A 180 28.52 31.95 -9.75
C ILE A 180 29.16 32.27 -8.40
N LYS A 181 28.99 33.53 -8.00
CA LYS A 181 29.55 34.04 -6.74
C LYS A 181 29.02 33.38 -5.46
N ASP A 182 29.93 33.01 -4.58
CA ASP A 182 29.57 32.41 -3.29
C ASP A 182 28.90 31.03 -3.30
N ALA A 183 28.72 30.44 -4.47
CA ALA A 183 28.09 29.13 -4.54
C ALA A 183 29.09 27.98 -4.37
N HIS A 184 28.78 27.05 -3.48
CA HIS A 184 29.63 25.89 -3.25
C HIS A 184 29.13 24.78 -4.17
N GLY A 185 30.06 23.98 -4.69
CA GLY A 185 29.66 22.88 -5.56
C GLY A 185 29.30 21.65 -4.74
N MET A 186 28.55 20.74 -5.34
CA MET A 186 28.14 19.51 -4.68
C MET A 186 29.37 18.63 -4.49
N VAL A 187 29.22 17.54 -3.76
CA VAL A 187 30.33 16.63 -3.55
C VAL A 187 30.46 15.73 -4.78
N LEU A 188 31.69 15.61 -5.29
CA LEU A 188 31.96 14.78 -6.46
C LEU A 188 32.66 13.51 -6.04
N LEU A 189 32.52 12.48 -6.86
CA LEU A 189 33.11 11.19 -6.54
C LEU A 189 34.57 11.21 -6.13
N ASP A 190 35.41 11.95 -6.85
CA ASP A 190 36.82 12.01 -6.50
C ASP A 190 37.06 12.59 -5.12
N ASP A 191 36.08 13.32 -4.59
CA ASP A 191 36.23 13.89 -3.25
C ASP A 191 36.24 12.77 -2.21
N PHE A 192 35.53 11.68 -2.52
CA PHE A 192 35.48 10.53 -1.63
C PHE A 192 36.87 9.94 -1.45
N ALA A 193 37.60 9.86 -2.55
CA ALA A 193 38.95 9.31 -2.54
C ALA A 193 39.94 10.28 -1.90
N SER A 194 39.81 11.57 -2.18
CA SER A 194 40.71 12.55 -1.60
C SER A 194 40.66 12.42 -0.09
N VAL A 195 39.44 12.48 0.45
CA VAL A 195 39.22 12.37 1.88
C VAL A 195 39.90 11.17 2.53
N GLN A 196 39.70 9.99 1.96
CA GLN A 196 40.31 8.77 2.50
C GLN A 196 41.83 8.85 2.42
N ASN A 197 42.33 9.37 1.30
CA ASN A 197 43.76 9.50 1.09
C ASN A 197 44.38 10.56 2.00
N ILE A 198 43.68 11.68 2.16
CA ILE A 198 44.18 12.74 3.02
C ILE A 198 44.28 12.26 4.45
N ILE A 199 43.27 11.54 4.92
CA ILE A 199 43.31 11.00 6.28
C ILE A 199 44.47 10.01 6.42
N ASN A 200 44.65 9.14 5.42
CA ASN A 200 45.72 8.15 5.44
C ASN A 200 47.11 8.75 5.60
N ASN A 201 47.37 9.85 4.91
CA ASN A 201 48.67 10.52 4.99
C ASN A 201 48.78 11.46 6.17
N SER A 202 47.78 11.44 7.05
CA SER A 202 47.79 12.32 8.21
C SER A 202 48.42 11.70 9.45
N GLU A 203 49.59 12.22 9.80
CA GLU A 203 50.31 11.77 10.98
C GLU A 203 49.47 12.10 12.21
N GLU A 204 48.93 13.31 12.24
CA GLU A 204 48.09 13.75 13.36
C GLU A 204 46.93 12.77 13.56
N PHE A 205 46.17 12.56 12.49
CA PHE A 205 45.00 11.68 12.54
C PHE A 205 45.36 10.28 13.01
N ALA A 206 46.45 9.72 12.47
CA ALA A 206 46.90 8.39 12.85
C ALA A 206 47.13 8.33 14.35
N ALA A 207 47.67 9.41 14.90
CA ALA A 207 47.93 9.48 16.34
C ALA A 207 46.58 9.58 17.05
N ALA A 208 45.71 10.44 16.52
CA ALA A 208 44.39 10.62 17.10
C ALA A 208 43.66 9.29 17.14
N VAL A 209 43.83 8.49 16.10
CA VAL A 209 43.18 7.18 16.01
C VAL A 209 43.80 6.17 16.97
N LYS A 210 45.12 6.17 17.06
CA LYS A 210 45.84 5.25 17.94
C LYS A 210 45.33 5.44 19.37
N LYS A 211 45.11 6.69 19.73
CA LYS A 211 44.61 7.05 21.05
C LYS A 211 43.30 6.34 21.37
N ARG A 212 42.51 6.07 20.34
CA ARG A 212 41.21 5.44 20.52
C ARG A 212 41.15 3.92 20.44
N GLY A 213 42.30 3.26 20.34
CA GLY A 213 42.30 1.81 20.29
C GLY A 213 42.52 1.13 18.96
N ILE A 214 42.61 1.90 17.88
CA ILE A 214 42.83 1.32 16.57
C ILE A 214 44.33 1.07 16.39
N THR A 215 44.71 -0.20 16.32
CA THR A 215 46.10 -0.60 16.17
C THR A 215 46.64 -0.42 14.74
N ASP A 216 45.77 -0.55 13.74
CA ASP A 216 46.17 -0.40 12.35
C ASP A 216 45.31 0.64 11.63
N ALA A 217 45.83 1.86 11.54
CA ALA A 217 45.10 2.96 10.91
C ALA A 217 44.69 2.68 9.46
N LYS A 218 45.34 1.70 8.82
CA LYS A 218 45.02 1.37 7.45
C LYS A 218 43.68 0.65 7.31
N LYS A 219 43.06 0.34 8.44
CA LYS A 219 41.76 -0.34 8.47
C LYS A 219 40.67 0.69 8.77
N VAL A 220 41.02 1.97 8.74
CA VAL A 220 40.08 3.05 9.00
C VAL A 220 39.38 3.46 7.73
N ILE A 221 38.05 3.33 7.72
CA ILE A 221 37.22 3.69 6.56
C ILE A 221 36.60 5.06 6.81
N THR A 222 36.78 5.99 5.87
CA THR A 222 36.21 7.33 6.03
C THR A 222 34.90 7.50 5.22
N THR A 223 34.19 8.60 5.50
CA THR A 223 32.93 8.98 4.82
C THR A 223 32.94 10.50 4.66
N PRO A 224 32.69 11.01 3.46
CA PRO A 224 32.66 12.45 3.11
C PRO A 224 31.35 13.10 3.50
N LEU A 225 31.33 13.90 4.56
CA LEU A 225 30.06 14.51 4.95
C LEU A 225 30.01 16.04 4.82
N THR A 226 28.94 16.54 4.20
CA THR A 226 28.76 17.99 4.08
C THR A 226 28.70 18.57 5.50
N VAL A 227 29.24 19.76 5.68
CA VAL A 227 29.29 20.38 7.00
C VAL A 227 28.15 21.33 7.38
N GLY A 228 27.31 21.68 6.41
CA GLY A 228 26.20 22.56 6.69
C GLY A 228 26.63 24.00 6.94
N TYR A 229 25.82 24.75 7.67
CA TYR A 229 26.11 26.14 7.99
C TYR A 229 25.62 26.48 9.38
N PHE A 230 26.45 27.16 10.16
CA PHE A 230 26.10 27.53 11.52
C PHE A 230 26.58 28.93 11.89
N ASP A 231 26.50 29.84 10.94
CA ASP A 231 26.89 31.23 11.13
C ASP A 231 28.23 31.34 11.87
N GLY A 232 29.09 30.33 11.71
CA GLY A 232 30.39 30.35 12.33
C GLY A 232 30.54 29.65 13.66
N LYS A 233 29.42 29.35 14.31
CA LYS A 233 29.47 28.70 15.62
C LYS A 233 30.20 27.36 15.63
N ASP A 234 30.45 26.81 14.44
CA ASP A 234 31.14 25.53 14.34
C ASP A 234 32.61 25.81 14.04
N GLY A 235 32.93 27.10 13.92
CA GLY A 235 34.28 27.55 13.67
C GLY A 235 34.82 27.27 12.27
N LEU A 236 33.95 27.18 11.28
CA LEU A 236 34.41 26.90 9.92
C LEU A 236 34.31 28.07 8.96
N LYS A 237 35.36 28.23 8.14
CA LYS A 237 35.44 29.29 7.14
C LYS A 237 34.37 29.07 6.08
N GLN A 238 33.61 30.11 5.78
CA GLN A 238 32.54 30.02 4.79
C GLN A 238 33.03 29.91 3.35
N ASP A 239 34.19 30.48 3.07
CA ASP A 239 34.77 30.47 1.73
C ASP A 239 35.56 29.21 1.35
N ALA A 240 35.82 28.35 2.33
CA ALA A 240 36.57 27.12 2.07
C ALA A 240 35.68 25.92 1.73
N ARG A 241 36.05 25.17 0.70
CA ARG A 241 35.29 23.99 0.32
C ARG A 241 35.67 22.92 1.33
N LEU A 242 34.74 22.58 2.22
CA LEU A 242 35.02 21.62 3.27
C LEU A 242 34.11 20.39 3.30
N LEU A 243 34.54 19.40 4.08
CA LEU A 243 33.80 18.17 4.29
C LEU A 243 34.27 17.65 5.65
N LYS A 244 33.35 17.10 6.43
CA LYS A 244 33.73 16.53 7.71
C LYS A 244 33.87 15.04 7.49
N VAL A 245 34.72 14.42 8.29
CA VAL A 245 34.97 13.00 8.12
C VAL A 245 34.67 12.17 9.35
N ILE A 246 33.73 11.24 9.20
CA ILE A 246 33.36 10.33 10.26
C ILE A 246 34.05 9.03 9.87
N SER A 247 34.57 8.29 10.85
CA SER A 247 35.28 7.08 10.55
C SER A 247 34.76 5.80 11.18
N TYR A 248 35.11 4.69 10.55
CA TYR A 248 34.70 3.36 10.98
C TYR A 248 35.90 2.42 10.89
N LEU A 249 35.83 1.30 11.60
CA LEU A 249 36.92 0.34 11.58
C LEU A 249 36.53 -0.88 10.75
N ASP A 250 37.32 -1.19 9.72
CA ASP A 250 37.06 -2.34 8.89
C ASP A 250 37.58 -3.59 9.60
N VAL A 251 36.67 -4.47 10.02
CA VAL A 251 37.07 -5.69 10.71
C VAL A 251 36.87 -6.93 9.85
N GLY A 252 36.61 -6.72 8.56
CA GLY A 252 36.46 -7.85 7.65
C GLY A 252 35.07 -8.49 7.51
N ASP A 253 34.03 -7.88 8.07
CA ASP A 253 32.69 -8.45 7.95
C ASP A 253 31.93 -7.82 6.77
N GLY A 254 32.64 -7.06 5.95
CA GLY A 254 32.00 -6.40 4.83
C GLY A 254 31.01 -5.34 5.28
N ASN A 255 31.06 -4.95 6.55
CA ASN A 255 30.13 -3.93 7.05
C ASN A 255 30.74 -2.98 8.08
N TYR A 256 31.58 -2.07 7.60
CA TYR A 256 32.24 -1.12 8.47
C TYR A 256 31.30 -0.19 9.21
N TRP A 257 30.07 -0.06 8.73
CA TRP A 257 29.11 0.80 9.39
C TRP A 257 28.83 0.29 10.80
N ALA A 258 29.06 -0.99 11.03
CA ALA A 258 28.82 -1.57 12.34
C ALA A 258 29.99 -1.36 13.32
N HIS A 259 30.97 -0.57 12.91
CA HIS A 259 32.14 -0.35 13.76
C HIS A 259 32.56 1.12 13.80
N PRO A 260 31.70 1.97 14.37
CA PRO A 260 31.94 3.40 14.49
C PRO A 260 33.11 3.77 15.43
N ILE A 261 33.81 4.85 15.08
CA ILE A 261 34.90 5.35 15.90
C ILE A 261 34.34 6.67 16.42
N GLU A 262 33.51 6.56 17.45
CA GLU A 262 32.80 7.68 18.03
C GLU A 262 33.63 8.82 18.62
N ASN A 263 33.11 10.03 18.44
CA ASN A 263 33.71 11.26 18.94
C ASN A 263 35.01 11.69 18.26
N LEU A 264 35.21 11.20 17.05
CA LEU A 264 36.38 11.58 16.27
C LEU A 264 35.91 12.20 14.96
N VAL A 265 36.12 13.50 14.80
CA VAL A 265 35.71 14.19 13.59
C VAL A 265 36.84 15.02 13.01
N ALA A 266 37.09 14.85 11.73
CA ALA A 266 38.14 15.59 11.05
C ALA A 266 37.49 16.51 10.04
N VAL A 267 38.05 17.70 9.87
CA VAL A 267 37.54 18.66 8.91
C VAL A 267 38.58 18.75 7.82
N VAL A 268 38.15 18.46 6.58
CA VAL A 268 39.06 18.49 5.44
C VAL A 268 38.80 19.61 4.47
N ASP A 269 39.86 20.28 4.06
CA ASP A 269 39.78 21.35 3.10
C ASP A 269 40.20 20.70 1.79
N LEU A 270 39.29 20.66 0.83
CA LEU A 270 39.56 20.01 -0.45
C LEU A 270 40.53 20.71 -1.39
N GLU A 271 40.62 22.04 -1.35
CA GLU A 271 41.58 22.69 -2.24
C GLU A 271 42.98 22.67 -1.66
N GLN A 272 43.09 22.79 -0.34
CA GLN A 272 44.39 22.75 0.30
C GLN A 272 44.80 21.29 0.49
N LYS A 273 43.84 20.40 0.28
CA LYS A 273 44.09 18.97 0.41
C LYS A 273 44.72 18.56 1.73
N LYS A 274 44.10 18.96 2.84
CA LYS A 274 44.61 18.58 4.14
C LYS A 274 43.59 18.79 5.25
N ILE A 275 43.80 18.10 6.37
CA ILE A 275 42.92 18.22 7.52
C ILE A 275 43.20 19.58 8.17
N VAL A 276 42.18 20.42 8.29
CA VAL A 276 42.38 21.73 8.90
C VAL A 276 41.78 21.83 10.29
N LYS A 277 41.38 20.68 10.85
CA LYS A 277 40.80 20.68 12.19
C LYS A 277 40.35 19.29 12.60
N ILE A 278 40.76 18.90 13.81
CA ILE A 278 40.38 17.61 14.34
C ILE A 278 39.67 17.86 15.67
N GLU A 279 38.48 17.27 15.82
CA GLU A 279 37.70 17.43 17.03
C GLU A 279 37.64 16.09 17.74
N GLU A 280 38.12 16.07 18.98
CA GLU A 280 38.15 14.84 19.76
C GLU A 280 37.23 14.94 20.97
N GLY A 281 36.52 13.85 21.24
CA GLY A 281 35.61 13.82 22.37
C GLY A 281 35.88 12.59 23.20
N PRO A 282 34.99 12.26 24.15
CA PRO A 282 35.22 11.08 24.99
C PRO A 282 35.56 9.86 24.16
N VAL A 283 36.53 9.08 24.62
CA VAL A 283 36.94 7.88 23.90
C VAL A 283 36.01 6.72 24.20
N VAL A 284 35.48 6.11 23.14
CA VAL A 284 34.58 4.97 23.27
C VAL A 284 35.18 3.81 22.48
N PRO A 285 35.34 2.65 23.13
CA PRO A 285 35.89 1.49 22.44
C PRO A 285 35.04 1.17 21.21
N VAL A 286 35.70 0.89 20.09
CA VAL A 286 35.01 0.59 18.85
C VAL A 286 34.29 -0.77 18.90
N PRO A 287 32.99 -0.80 18.56
CA PRO A 287 32.23 -2.05 18.58
C PRO A 287 32.93 -2.97 17.58
N MET A 288 33.33 -4.16 18.04
CA MET A 288 34.08 -5.09 17.20
C MET A 288 33.34 -6.27 16.58
N THR A 289 32.34 -6.79 17.29
CA THR A 289 31.58 -7.95 16.84
C THR A 289 31.17 -7.89 15.37
N ALA A 290 31.51 -8.94 14.63
CA ALA A 290 31.19 -9.04 13.21
C ALA A 290 29.69 -9.02 12.96
N ARG A 291 29.25 -8.12 12.09
CA ARG A 291 27.83 -8.01 11.76
C ARG A 291 27.63 -7.90 10.26
N PRO A 292 28.00 -8.93 9.50
CA PRO A 292 27.83 -8.90 8.04
C PRO A 292 26.36 -8.81 7.68
N PHE A 293 26.06 -8.30 6.49
CA PHE A 293 24.67 -8.21 6.05
C PHE A 293 24.47 -8.91 4.72
N ASP A 294 25.56 -9.42 4.13
CA ASP A 294 25.49 -10.09 2.83
C ASP A 294 25.18 -11.58 2.83
N GLY A 295 24.84 -12.14 3.99
CA GLY A 295 24.51 -13.57 4.06
C GLY A 295 25.68 -14.55 4.08
N ARG A 296 26.91 -14.03 4.18
CA ARG A 296 28.08 -14.91 4.21
C ARG A 296 28.03 -15.90 5.38
N ASP A 297 27.36 -15.49 6.45
CA ASP A 297 27.23 -16.32 7.65
C ASP A 297 25.81 -16.86 7.83
N ARG A 298 25.04 -16.89 6.74
CA ARG A 298 23.66 -17.36 6.80
C ARG A 298 23.30 -18.36 5.72
N VAL A 299 22.17 -19.03 5.91
CA VAL A 299 21.66 -19.97 4.94
C VAL A 299 20.16 -19.71 4.77
N ALA A 300 19.78 -19.33 3.56
CA ALA A 300 18.39 -19.03 3.26
C ALA A 300 17.50 -20.29 3.21
N PRO A 301 16.27 -20.18 3.71
CA PRO A 301 15.34 -21.32 3.69
C PRO A 301 14.92 -21.58 2.24
N ALA A 302 14.75 -22.86 1.89
CA ALA A 302 14.34 -23.20 0.53
C ALA A 302 12.92 -22.71 0.29
N VAL A 303 12.69 -22.17 -0.89
CA VAL A 303 11.38 -21.64 -1.26
C VAL A 303 10.91 -22.18 -2.62
N LYS A 304 9.64 -22.54 -2.71
CA LYS A 304 9.07 -23.01 -3.96
C LYS A 304 9.11 -21.81 -4.89
N PRO A 305 9.40 -22.01 -6.18
CA PRO A 305 9.47 -20.93 -7.16
C PRO A 305 8.15 -20.20 -7.45
N MET A 306 8.27 -18.92 -7.79
CA MET A 306 7.14 -18.10 -8.16
C MET A 306 7.52 -17.28 -9.38
N GLN A 307 6.66 -17.29 -10.38
CA GLN A 307 6.90 -16.53 -11.62
C GLN A 307 5.69 -15.69 -11.97
N ILE A 308 5.96 -14.52 -12.53
CA ILE A 308 4.92 -13.63 -13.01
C ILE A 308 5.22 -13.53 -14.50
N ILE A 309 4.32 -14.05 -15.32
CA ILE A 309 4.56 -14.08 -16.76
C ILE A 309 3.52 -13.41 -17.67
N GLU A 310 4.02 -12.88 -18.79
CA GLU A 310 3.19 -12.25 -19.81
C GLU A 310 3.70 -12.86 -21.11
N PRO A 311 3.27 -14.09 -21.41
CA PRO A 311 3.64 -14.89 -22.59
C PRO A 311 3.33 -14.29 -23.95
N GLU A 312 2.47 -13.28 -23.99
CA GLU A 312 2.14 -12.63 -25.26
C GLU A 312 2.74 -11.24 -25.34
N GLY A 313 3.61 -10.93 -24.40
CA GLY A 313 4.24 -9.62 -24.39
C GLY A 313 3.59 -8.68 -23.41
N LYS A 314 4.08 -7.44 -23.39
CA LYS A 314 3.57 -6.43 -22.47
C LYS A 314 2.44 -5.59 -23.07
N ASN A 315 1.67 -4.94 -22.21
CA ASN A 315 0.59 -4.07 -22.66
C ASN A 315 1.17 -2.70 -22.99
N TYR A 316 2.38 -2.42 -22.52
CA TYR A 316 3.02 -1.13 -22.81
C TYR A 316 4.01 -1.22 -23.96
N THR A 317 4.20 -0.07 -24.61
CA THR A 317 5.13 0.06 -25.72
C THR A 317 6.10 1.19 -25.36
N ILE A 318 7.37 0.98 -25.63
CA ILE A 318 8.39 1.99 -25.33
C ILE A 318 9.04 2.42 -26.65
N THR A 319 8.73 3.64 -27.07
CA THR A 319 9.27 4.21 -28.30
C THR A 319 10.29 5.25 -27.90
N GLY A 320 11.57 4.89 -28.00
CA GLY A 320 12.60 5.80 -27.58
C GLY A 320 12.41 5.87 -26.08
N ASP A 321 11.96 7.02 -25.59
CA ASP A 321 11.70 7.20 -24.16
C ASP A 321 10.21 7.46 -23.90
N MET A 322 9.38 7.39 -24.93
CA MET A 322 7.95 7.62 -24.78
C MET A 322 7.28 6.29 -24.42
N ILE A 323 6.49 6.30 -23.36
CA ILE A 323 5.82 5.09 -22.93
C ILE A 323 4.31 5.19 -23.11
N HIS A 324 3.75 4.18 -23.75
CA HIS A 324 2.32 4.12 -23.95
C HIS A 324 1.76 2.87 -23.27
N TRP A 325 0.74 3.06 -22.45
CA TRP A 325 0.13 1.97 -21.71
C TRP A 325 -1.33 2.31 -21.42
N ARG A 326 -2.25 1.59 -22.09
CA ARG A 326 -3.68 1.82 -21.91
C ARG A 326 -4.02 3.23 -22.38
N ASN A 327 -4.62 4.02 -21.49
CA ASN A 327 -4.98 5.40 -21.78
C ASN A 327 -3.84 6.38 -21.46
N TRP A 328 -2.75 5.88 -20.88
CA TRP A 328 -1.62 6.76 -20.54
C TRP A 328 -0.54 6.88 -21.60
N ASP A 329 0.07 8.06 -21.64
CA ASP A 329 1.19 8.37 -22.52
C ASP A 329 2.09 9.33 -21.73
N PHE A 330 3.35 8.97 -21.55
CA PHE A 330 4.28 9.85 -20.86
C PHE A 330 5.70 9.63 -21.35
N HIS A 331 6.58 10.56 -21.01
CA HIS A 331 7.98 10.52 -21.42
C HIS A 331 8.87 10.33 -20.21
N LEU A 332 9.78 9.36 -20.28
CA LEU A 332 10.67 9.06 -19.16
C LEU A 332 12.11 9.39 -19.50
N SER A 333 12.72 10.29 -18.74
CA SER A 333 14.10 10.68 -18.96
C SER A 333 14.91 10.65 -17.66
N MET A 334 16.23 10.70 -17.79
CA MET A 334 17.12 10.63 -16.63
C MET A 334 17.95 11.89 -16.42
N ASN A 335 18.10 12.29 -15.16
CA ASN A 335 18.90 13.46 -14.78
C ASN A 335 19.89 13.01 -13.69
N SER A 336 21.15 13.48 -13.78
CA SER A 336 22.19 13.09 -12.81
C SER A 336 21.93 13.49 -11.37
N ARG A 337 21.13 14.52 -11.17
CA ARG A 337 20.82 15.01 -9.83
C ARG A 337 19.59 14.41 -9.18
N VAL A 338 18.43 14.56 -9.82
CA VAL A 338 17.19 14.05 -9.24
C VAL A 338 16.71 12.70 -9.76
N GLY A 339 17.39 12.15 -10.76
CA GLY A 339 16.97 10.87 -11.29
C GLY A 339 15.93 10.93 -12.39
N PRO A 340 14.92 10.05 -12.36
CA PRO A 340 13.85 9.97 -13.36
C PRO A 340 12.91 11.16 -13.41
N MET A 341 12.57 11.57 -14.63
CA MET A 341 11.65 12.67 -14.83
C MET A 341 10.51 12.19 -15.74
N ILE A 342 9.28 12.35 -15.25
CA ILE A 342 8.07 11.94 -15.97
C ILE A 342 7.51 13.19 -16.63
N SER A 343 7.53 13.22 -17.96
CA SER A 343 7.09 14.40 -18.68
C SER A 343 5.94 14.19 -19.65
N THR A 344 5.31 15.30 -20.04
CA THR A 344 4.19 15.31 -20.97
C THR A 344 3.25 14.12 -20.78
N VAL A 345 2.65 14.08 -19.59
CA VAL A 345 1.72 13.02 -19.22
C VAL A 345 0.28 13.38 -19.61
N THR A 346 -0.35 12.54 -20.42
CA THR A 346 -1.72 12.78 -20.82
C THR A 346 -2.53 11.50 -20.61
N TYR A 347 -3.84 11.67 -20.47
CA TYR A 347 -4.72 10.52 -20.31
C TYR A 347 -5.65 10.58 -21.52
N ASN A 348 -5.69 9.48 -22.27
CA ASN A 348 -6.53 9.41 -23.45
C ASN A 348 -7.98 9.10 -23.06
N ASP A 349 -8.76 10.17 -22.95
CA ASP A 349 -10.16 10.09 -22.58
C ASP A 349 -11.02 9.81 -23.81
N ASN A 350 -11.36 8.55 -24.00
CA ASN A 350 -12.19 8.11 -25.11
C ASN A 350 -11.81 8.73 -26.47
N GLY A 351 -10.52 8.72 -26.80
CA GLY A 351 -10.07 9.27 -28.07
C GLY A 351 -9.36 10.59 -28.02
N THR A 352 -9.55 11.35 -26.94
CA THR A 352 -8.91 12.66 -26.81
C THR A 352 -7.86 12.68 -25.71
N LYS A 353 -6.64 13.06 -26.05
CA LYS A 353 -5.57 13.13 -25.05
C LYS A 353 -5.67 14.41 -24.23
N ARG A 354 -5.89 14.25 -22.93
CA ARG A 354 -6.02 15.38 -22.03
C ARG A 354 -4.79 15.51 -21.13
N LYS A 355 -4.30 16.75 -21.00
CA LYS A 355 -3.12 17.05 -20.18
C LYS A 355 -3.32 16.68 -18.71
N VAL A 356 -2.26 16.18 -18.07
CA VAL A 356 -2.33 15.84 -16.67
C VAL A 356 -1.12 16.44 -15.96
N MET A 357 0.07 16.15 -16.47
CA MET A 357 1.29 16.67 -15.86
C MET A 357 2.37 16.97 -16.91
N TYR A 358 2.88 18.19 -16.90
CA TYR A 358 3.93 18.56 -17.85
C TYR A 358 5.25 17.90 -17.44
N GLU A 359 5.62 18.03 -16.17
CA GLU A 359 6.84 17.43 -15.64
C GLU A 359 6.69 17.07 -14.16
N GLY A 360 7.20 15.90 -13.80
CA GLY A 360 7.14 15.45 -12.42
C GLY A 360 8.43 14.72 -12.11
N SER A 361 8.96 14.90 -10.91
CA SER A 361 10.20 14.24 -10.52
C SER A 361 10.47 14.51 -9.07
N LEU A 362 11.47 13.82 -8.52
CA LEU A 362 11.86 14.08 -7.15
C LEU A 362 12.31 15.53 -7.19
N GLY A 363 11.89 16.33 -6.21
CA GLY A 363 12.32 17.71 -6.17
C GLY A 363 13.65 17.72 -5.44
N GLY A 364 13.65 17.18 -4.22
CA GLY A 364 14.84 17.09 -3.40
C GLY A 364 14.50 16.36 -2.11
N MET A 365 15.50 16.00 -1.32
CA MET A 365 15.23 15.32 -0.06
C MET A 365 16.28 15.60 1.01
N ILE A 366 15.94 15.35 2.27
CA ILE A 366 16.88 15.56 3.36
C ILE A 366 16.69 14.60 4.52
N VAL A 367 17.81 14.13 5.08
CA VAL A 367 17.81 13.21 6.20
C VAL A 367 18.63 13.81 7.33
N PRO A 368 18.01 14.68 8.14
CA PRO A 368 18.61 15.38 9.29
C PRO A 368 18.59 14.54 10.58
N TYR A 369 19.64 14.65 11.39
CA TYR A 369 19.72 13.91 12.64
C TYR A 369 19.40 14.74 13.88
N GLY A 370 19.07 14.07 14.99
CA GLY A 370 18.73 14.77 16.20
C GLY A 370 19.70 14.75 17.37
N ASP A 371 20.92 14.26 17.14
CA ASP A 371 21.93 14.17 18.19
C ASP A 371 22.81 15.44 18.18
N PRO A 372 23.01 16.07 19.36
CA PRO A 372 23.81 17.28 19.52
C PRO A 372 25.32 17.06 19.57
N ASP A 373 25.75 15.85 19.93
CA ASP A 373 27.17 15.55 20.05
C ASP A 373 28.05 15.91 18.86
N ILE A 374 29.34 15.99 19.13
CA ILE A 374 30.36 16.38 18.17
C ILE A 374 30.29 15.72 16.79
N GLY A 375 30.05 14.42 16.74
CA GLY A 375 29.98 13.74 15.46
C GLY A 375 28.62 13.63 14.80
N TRP A 376 27.60 14.35 15.31
CA TRP A 376 26.26 14.26 14.72
C TRP A 376 25.51 15.57 14.47
N TYR A 377 25.73 16.58 15.30
CA TYR A 377 25.02 17.85 15.20
C TYR A 377 24.93 18.53 13.82
N PHE A 378 25.91 18.30 12.96
CA PHE A 378 25.94 18.93 11.63
C PHE A 378 25.35 18.05 10.53
N LYS A 379 25.10 16.79 10.87
CA LYS A 379 24.58 15.78 9.96
C LYS A 379 23.16 16.05 9.44
N ALA A 380 23.09 16.57 8.22
CA ALA A 380 21.83 16.89 7.55
C ALA A 380 22.03 16.65 6.06
N TYR A 381 21.85 15.41 5.64
CA TYR A 381 22.07 15.04 4.24
C TYR A 381 21.00 15.39 3.22
N LEU A 382 21.45 16.03 2.14
CA LEU A 382 20.64 16.42 1.00
C LEU A 382 21.17 15.49 -0.09
N ASP A 383 20.75 14.23 -0.03
CA ASP A 383 21.21 13.21 -0.96
C ASP A 383 21.25 13.59 -2.43
N SER A 384 20.14 14.06 -2.98
CA SER A 384 20.14 14.42 -4.39
C SER A 384 20.95 15.68 -4.64
N GLY A 385 20.64 16.73 -3.90
CA GLY A 385 21.34 18.00 -4.07
C GLY A 385 22.84 18.00 -3.82
N ASP A 386 23.30 17.43 -2.72
CA ASP A 386 24.73 17.42 -2.43
C ASP A 386 25.50 16.22 -2.97
N TYR A 387 24.83 15.14 -3.34
CA TYR A 387 25.55 13.97 -3.85
C TYR A 387 25.17 13.46 -5.24
N GLY A 388 24.01 13.86 -5.75
CA GLY A 388 23.59 13.42 -7.08
C GLY A 388 23.06 11.99 -7.09
N MET A 389 21.77 11.84 -6.80
CA MET A 389 21.15 10.52 -6.76
C MET A 389 21.07 9.79 -8.10
N GLY A 390 20.92 10.54 -9.19
CA GLY A 390 20.88 9.91 -10.50
C GLY A 390 22.23 9.29 -10.80
N THR A 391 23.29 10.02 -10.46
CA THR A 391 24.65 9.55 -10.68
C THR A 391 24.90 8.29 -9.86
N LEU A 392 24.38 8.26 -8.64
CA LEU A 392 24.54 7.13 -7.75
C LEU A 392 23.43 6.10 -7.87
N THR A 393 22.78 6.07 -9.03
CA THR A 393 21.72 5.09 -9.26
C THR A 393 22.27 3.68 -9.04
N SER A 394 21.48 2.84 -8.38
CA SER A 394 21.88 1.46 -8.13
C SER A 394 21.18 0.52 -9.11
N PRO A 395 21.94 -0.20 -9.94
CA PRO A 395 21.36 -1.13 -10.91
C PRO A 395 20.38 -2.08 -10.24
N ILE A 396 19.21 -2.23 -10.85
CA ILE A 396 18.20 -3.13 -10.31
C ILE A 396 18.55 -4.60 -10.39
N ALA A 397 18.40 -5.30 -9.28
CA ALA A 397 18.66 -6.74 -9.20
C ALA A 397 17.40 -7.41 -9.75
N ARG A 398 17.48 -7.87 -10.99
CA ARG A 398 16.34 -8.49 -11.66
C ARG A 398 15.62 -9.53 -10.80
N GLY A 399 14.28 -9.45 -10.78
CA GLY A 399 13.49 -10.41 -10.03
C GLY A 399 13.47 -10.20 -8.52
N LYS A 400 14.38 -9.36 -8.02
CA LYS A 400 14.42 -9.09 -6.58
C LYS A 400 14.04 -7.64 -6.27
N ASP A 401 14.76 -6.68 -6.86
CA ASP A 401 14.41 -5.28 -6.61
C ASP A 401 13.14 -4.94 -7.39
N ALA A 402 12.82 -5.78 -8.36
CA ALA A 402 11.61 -5.59 -9.17
C ALA A 402 11.08 -6.97 -9.51
N PRO A 403 9.76 -7.09 -9.73
CA PRO A 403 9.16 -8.38 -10.06
C PRO A 403 9.75 -9.02 -11.31
N SER A 404 9.62 -10.33 -11.43
CA SER A 404 10.15 -11.06 -12.56
C SER A 404 9.54 -10.72 -13.92
N ASN A 405 8.42 -9.99 -13.94
CA ASN A 405 7.81 -9.64 -15.22
C ASN A 405 8.17 -8.21 -15.65
N ALA A 406 9.21 -7.66 -15.05
CA ALA A 406 9.62 -6.29 -15.37
C ALA A 406 10.56 -6.15 -16.57
N VAL A 407 10.60 -4.94 -17.12
CA VAL A 407 11.47 -4.60 -18.23
C VAL A 407 12.50 -3.64 -17.64
N LEU A 408 13.78 -3.95 -17.77
CA LEU A 408 14.81 -3.10 -17.20
C LEU A 408 15.45 -2.20 -18.26
N LEU A 409 15.39 -0.89 -18.01
CA LEU A 409 15.94 0.10 -18.93
C LEU A 409 17.34 0.59 -18.54
N ASN A 410 18.15 0.89 -19.54
CA ASN A 410 19.48 1.44 -19.31
C ASN A 410 19.35 2.93 -19.54
N GLU A 411 20.06 3.74 -18.75
CA GLU A 411 20.01 5.19 -18.90
C GLU A 411 21.43 5.76 -18.93
N THR A 412 21.59 6.90 -19.59
CA THR A 412 22.90 7.50 -19.72
C THR A 412 23.01 8.93 -19.22
N ILE A 413 24.02 9.18 -18.41
CA ILE A 413 24.31 10.50 -17.86
C ILE A 413 25.82 10.71 -17.98
N ALA A 414 26.28 11.93 -17.69
CA ALA A 414 27.69 12.24 -17.75
C ALA A 414 28.29 12.13 -16.35
N ASP A 415 29.53 11.64 -16.24
CA ASP A 415 30.16 11.54 -14.93
C ASP A 415 30.83 12.89 -14.63
N TYR A 416 31.47 13.01 -13.47
CA TYR A 416 32.08 14.27 -13.09
C TYR A 416 33.22 14.76 -13.99
N THR A 417 33.75 13.90 -14.85
CA THR A 417 34.82 14.32 -15.75
C THR A 417 34.27 14.64 -17.15
N GLY A 418 32.95 14.56 -17.30
CA GLY A 418 32.33 14.87 -18.58
C GLY A 418 32.29 13.72 -19.57
N VAL A 419 32.49 12.49 -19.08
CA VAL A 419 32.48 11.33 -19.95
C VAL A 419 31.15 10.57 -19.84
N PRO A 420 30.54 10.22 -20.98
CA PRO A 420 29.27 9.50 -20.95
C PRO A 420 29.37 8.27 -20.06
N MET A 421 28.29 8.02 -19.32
CA MET A 421 28.23 6.91 -18.39
C MET A 421 26.88 6.20 -18.53
N GLU A 422 26.92 4.93 -18.94
CA GLU A 422 25.67 4.18 -19.09
C GLU A 422 25.39 3.32 -17.85
N ILE A 423 24.27 3.60 -17.21
CA ILE A 423 23.86 2.89 -16.02
C ILE A 423 22.96 1.74 -16.44
N PRO A 424 23.43 0.50 -16.24
CA PRO A 424 22.66 -0.68 -16.61
C PRO A 424 21.49 -0.89 -15.65
N ARG A 425 20.35 -1.31 -16.20
CA ARG A 425 19.16 -1.58 -15.41
C ARG A 425 18.90 -0.46 -14.41
N ALA A 426 18.99 0.78 -14.89
CA ALA A 426 18.79 1.95 -14.07
C ALA A 426 17.35 2.14 -13.60
N ILE A 427 16.40 1.75 -14.44
CA ILE A 427 14.99 1.92 -14.11
C ILE A 427 14.17 0.68 -14.47
N ALA A 428 13.24 0.32 -13.59
CA ALA A 428 12.40 -0.84 -13.86
C ALA A 428 10.99 -0.40 -14.23
N VAL A 429 10.45 -1.06 -15.24
CA VAL A 429 9.08 -0.80 -15.68
C VAL A 429 8.33 -2.11 -15.58
N PHE A 430 7.24 -2.13 -14.85
CA PHE A 430 6.47 -3.36 -14.74
C PHE A 430 5.01 -3.13 -14.42
N GLU A 431 4.17 -4.01 -14.95
CA GLU A 431 2.74 -3.92 -14.70
C GLU A 431 2.46 -4.91 -13.57
N ARG A 432 1.46 -4.64 -12.76
CA ARG A 432 1.13 -5.58 -11.69
C ARG A 432 -0.34 -5.59 -11.32
N TYR A 433 -0.76 -6.75 -10.83
CA TYR A 433 -2.12 -6.97 -10.37
C TYR A 433 -2.22 -6.19 -9.05
N ALA A 434 -3.29 -5.43 -8.87
CA ALA A 434 -3.45 -4.66 -7.65
C ALA A 434 -4.83 -4.83 -7.05
N GLY A 435 -5.26 -6.10 -6.97
CA GLY A 435 -6.57 -6.40 -6.42
C GLY A 435 -7.66 -6.04 -7.40
N PRO A 436 -8.94 -6.15 -7.00
CA PRO A 436 -10.04 -5.81 -7.90
C PRO A 436 -10.16 -4.29 -8.11
N GLU A 437 -10.35 -3.86 -9.35
CA GLU A 437 -10.49 -2.43 -9.67
C GLU A 437 -11.79 -1.93 -9.04
N TYR A 438 -12.83 -2.75 -9.15
CA TYR A 438 -14.11 -2.45 -8.55
C TYR A 438 -14.87 -3.75 -8.46
N LYS A 439 -15.93 -3.76 -7.66
CA LYS A 439 -16.71 -4.97 -7.51
C LYS A 439 -18.05 -4.74 -6.85
N HIS A 440 -19.05 -5.50 -7.32
CA HIS A 440 -20.36 -5.47 -6.73
C HIS A 440 -21.02 -6.83 -6.92
N GLN A 441 -21.27 -7.50 -5.81
CA GLN A 441 -21.94 -8.79 -5.83
C GLN A 441 -23.37 -8.56 -5.33
N GLU A 442 -24.26 -8.21 -6.27
CA GLU A 442 -25.66 -7.97 -5.92
C GLU A 442 -26.28 -9.30 -5.52
N MET A 443 -26.97 -9.29 -4.39
CA MET A 443 -27.62 -10.47 -3.83
C MET A 443 -28.39 -11.28 -4.87
N GLY A 444 -27.98 -12.53 -5.07
CA GLY A 444 -28.65 -13.40 -6.01
C GLY A 444 -28.51 -13.06 -7.48
N GLN A 445 -27.49 -12.30 -7.84
CA GLN A 445 -27.28 -11.93 -9.23
C GLN A 445 -25.85 -12.28 -9.64
N PRO A 446 -25.59 -12.31 -10.96
CA PRO A 446 -24.24 -12.64 -11.41
C PRO A 446 -23.28 -11.56 -10.90
N ASN A 447 -22.14 -11.97 -10.36
CA ASN A 447 -21.15 -11.03 -9.85
C ASN A 447 -20.51 -10.15 -10.90
N VAL A 448 -20.02 -9.00 -10.46
CA VAL A 448 -19.33 -8.08 -11.36
C VAL A 448 -18.01 -7.69 -10.72
N SER A 449 -16.91 -8.12 -11.33
CA SER A 449 -15.57 -7.83 -10.84
C SER A 449 -14.63 -7.60 -12.03
N THR A 450 -13.68 -6.70 -11.85
CA THR A 450 -12.68 -6.44 -12.86
C THR A 450 -11.39 -6.25 -12.07
N GLU A 451 -10.29 -6.71 -12.62
CA GLU A 451 -9.03 -6.61 -11.90
C GLU A 451 -8.34 -5.26 -12.13
N ARG A 452 -7.59 -4.81 -11.13
CA ARG A 452 -6.88 -3.56 -11.24
C ARG A 452 -5.46 -3.81 -11.71
N ARG A 453 -4.98 -2.93 -12.58
CA ARG A 453 -3.63 -3.00 -13.10
C ARG A 453 -2.96 -1.66 -12.88
N GLU A 454 -1.69 -1.70 -12.48
CA GLU A 454 -0.93 -0.49 -12.26
C GLU A 454 0.35 -0.66 -13.05
N LEU A 455 0.89 0.45 -13.53
CA LEU A 455 2.14 0.43 -14.26
C LEU A 455 3.10 1.16 -13.34
N VAL A 456 4.10 0.44 -12.86
CA VAL A 456 5.09 1.01 -11.95
C VAL A 456 6.40 1.31 -12.64
N VAL A 457 6.95 2.49 -12.36
CA VAL A 457 8.25 2.89 -12.89
C VAL A 457 9.08 3.03 -11.60
N ARG A 458 10.05 2.14 -11.43
CA ARG A 458 10.87 2.13 -10.21
C ARG A 458 12.34 2.47 -10.43
N TRP A 459 12.85 3.31 -9.52
CA TRP A 459 14.23 3.76 -9.55
C TRP A 459 14.85 3.64 -8.17
N ILE A 460 16.07 3.14 -8.12
CA ILE A 460 16.77 2.99 -6.86
C ILE A 460 18.10 3.75 -6.88
N SER A 461 18.32 4.54 -5.84
CA SER A 461 19.55 5.31 -5.73
C SER A 461 20.16 5.03 -4.35
N THR A 462 21.47 4.87 -4.29
CA THR A 462 22.13 4.61 -3.01
C THR A 462 23.22 5.62 -2.72
N VAL A 463 23.13 6.29 -1.57
CA VAL A 463 24.11 7.28 -1.17
C VAL A 463 24.72 6.89 0.18
N GLY A 464 25.92 6.31 0.14
CA GLY A 464 26.55 5.89 1.36
C GLY A 464 25.86 4.68 1.96
N ASN A 465 25.27 4.86 3.14
CA ASN A 465 24.60 3.77 3.84
C ASN A 465 23.13 3.56 3.50
N TYQ A 466 22.46 4.62 3.05
CA TYQ A 466 21.02 4.55 2.73
C TYQ A 466 20.76 4.13 1.29
O TYQ A 466 21.51 4.49 0.38
CB TYQ A 466 20.34 5.92 2.87
CG TYQ A 466 20.71 6.72 4.09
CD1 TYQ A 466 20.13 6.47 5.35
CD2 TYQ A 466 21.65 7.73 3.98
CE1 TYQ A 466 20.52 7.21 6.44
CE2 TYQ A 466 22.02 8.46 5.08
CZ TYQ A 466 21.47 8.21 6.30
OZ TYQ A 466 19.19 5.48 5.46
N5 TYQ A 466 23.05 9.49 4.93
OH TYQ A 466 21.89 8.94 7.38
N ASP A 467 19.68 3.39 1.10
CA ASP A 467 19.24 2.96 -0.23
C ASP A 467 17.82 3.47 -0.36
N TYR A 468 17.56 4.24 -1.41
CA TYR A 468 16.22 4.79 -1.61
C TYR A 468 15.54 4.28 -2.86
N ILE A 469 14.26 3.94 -2.72
CA ILE A 469 13.45 3.40 -3.81
C ILE A 469 12.29 4.32 -4.14
N PHE A 470 12.06 4.58 -5.42
CA PHE A 470 10.95 5.43 -5.83
C PHE A 470 10.08 4.80 -6.88
N ASP A 471 8.79 4.71 -6.60
CA ASP A 471 7.85 4.15 -7.55
C ASP A 471 6.88 5.22 -8.05
N TRP A 472 6.76 5.34 -9.36
CA TRP A 472 5.81 6.27 -9.97
C TRP A 472 4.76 5.27 -10.47
N ILE A 473 3.58 5.33 -9.86
CA ILE A 473 2.51 4.39 -10.15
C ILE A 473 1.33 4.94 -10.94
N PHE A 474 1.13 4.43 -12.15
CA PHE A 474 0.01 4.88 -12.97
C PHE A 474 -1.13 3.87 -12.89
N HIS A 475 -2.28 4.32 -12.40
CA HIS A 475 -3.44 3.44 -12.30
C HIS A 475 -4.27 3.58 -13.59
N GLU A 476 -4.95 2.52 -13.99
CA GLU A 476 -5.77 2.61 -15.20
C GLU A 476 -6.85 3.67 -15.06
N ASN A 477 -7.38 3.82 -13.84
CA ASN A 477 -8.45 4.77 -13.61
C ASN A 477 -8.09 6.25 -13.51
N GLY A 478 -6.86 6.62 -13.88
CA GLY A 478 -6.48 8.02 -13.83
C GLY A 478 -5.64 8.44 -12.63
N THR A 479 -5.70 7.68 -11.54
CA THR A 479 -4.92 7.99 -10.34
C THR A 479 -3.43 7.76 -10.58
N ILE A 480 -2.61 8.61 -9.96
CA ILE A 480 -1.16 8.49 -10.05
C ILE A 480 -0.64 8.44 -8.62
N GLY A 481 0.19 7.45 -8.34
CA GLY A 481 0.76 7.31 -7.01
C GLY A 481 2.27 7.50 -7.05
N ILE A 482 2.83 7.96 -5.93
CA ILE A 482 4.27 8.14 -5.83
C ILE A 482 4.69 7.62 -4.46
N ASP A 483 5.42 6.51 -4.43
CA ASP A 483 5.87 5.95 -3.17
C ASP A 483 7.38 6.04 -3.04
N ALA A 484 7.86 6.19 -1.81
CA ALA A 484 9.28 6.26 -1.53
C ALA A 484 9.59 5.21 -0.48
N GLY A 485 10.55 4.34 -0.79
CA GLY A 485 10.92 3.30 0.15
C GLY A 485 12.34 3.53 0.63
N ALA A 486 12.62 3.12 1.85
CA ALA A 486 13.96 3.28 2.43
C ALA A 486 14.44 2.01 3.09
N THR A 487 15.67 1.63 2.75
CA THR A 487 16.31 0.45 3.31
C THR A 487 17.80 0.75 3.37
N GLY A 488 18.65 -0.26 3.53
CA GLY A 488 20.07 0.00 3.60
C GLY A 488 20.63 -0.18 4.99
N ILE A 489 21.73 0.51 5.29
CA ILE A 489 22.40 0.41 6.58
C ILE A 489 22.23 1.68 7.43
N GLU A 490 21.80 1.52 8.68
CA GLU A 490 21.63 2.68 9.57
C GLU A 490 22.94 3.25 10.09
N ALA A 491 22.98 4.58 10.20
CA ALA A 491 24.14 5.28 10.73
C ALA A 491 24.03 5.11 12.24
N VAL A 492 24.98 4.41 12.86
CA VAL A 492 24.92 4.20 14.31
C VAL A 492 25.99 4.94 15.11
N LYS A 493 25.74 5.06 16.41
CA LYS A 493 26.65 5.74 17.31
C LYS A 493 27.30 4.73 18.26
N GLY A 494 28.59 4.88 18.50
CA GLY A 494 29.28 3.99 19.40
C GLY A 494 29.01 4.40 20.84
N VAL A 495 28.59 3.45 21.67
CA VAL A 495 28.30 3.72 23.07
C VAL A 495 28.85 2.61 23.96
N LYS A 496 29.05 2.92 25.23
CA LYS A 496 29.61 1.95 26.16
C LYS A 496 28.64 0.87 26.62
N ALA A 497 27.36 1.22 26.74
CA ALA A 497 26.37 0.26 27.20
C ALA A 497 26.15 -0.90 26.23
N LYS A 498 26.00 -2.09 26.78
CA LYS A 498 25.77 -3.30 25.98
C LYS A 498 24.30 -3.72 26.08
N THR A 499 23.65 -3.39 27.19
CA THR A 499 22.24 -3.69 27.37
C THR A 499 21.64 -2.48 28.06
N MET A 500 20.32 -2.48 28.26
CA MET A 500 19.67 -1.36 28.93
C MET A 500 19.83 -1.44 30.44
N HIS A 501 20.61 -2.40 30.90
CA HIS A 501 20.84 -2.55 32.33
C HIS A 501 22.18 -1.95 32.76
N ASP A 502 22.93 -1.38 31.81
CA ASP A 502 24.21 -0.78 32.14
C ASP A 502 24.10 0.69 32.56
N GLU A 503 25.10 1.15 33.29
CA GLU A 503 25.15 2.51 33.82
C GLU A 503 24.88 3.63 32.83
N THR A 504 25.59 3.63 31.71
CA THR A 504 25.43 4.68 30.71
C THR A 504 24.23 4.49 29.77
N ALA A 505 23.49 3.40 29.95
CA ALA A 505 22.35 3.10 29.10
C ALA A 505 21.39 4.27 28.87
N LYS A 506 20.99 4.96 29.93
CA LYS A 506 20.07 6.08 29.77
C LYS A 506 20.67 7.23 28.98
N ASP A 507 21.90 7.62 29.29
CA ASP A 507 22.53 8.72 28.56
C ASP A 507 22.84 8.29 27.13
N ASP A 508 23.24 7.03 26.98
CA ASP A 508 23.58 6.51 25.66
C ASP A 508 22.39 6.46 24.71
N THR A 509 21.20 6.28 25.27
CA THR A 509 19.99 6.19 24.45
C THR A 509 19.11 7.43 24.50
N ARG A 510 19.68 8.57 24.86
CA ARG A 510 18.89 9.79 24.93
C ARG A 510 18.45 10.26 23.56
N TYR A 511 19.27 9.99 22.54
CA TYR A 511 18.94 10.45 21.20
C TYR A 511 18.76 9.32 20.20
N GLY A 512 18.54 8.11 20.68
CA GLY A 512 18.36 6.97 19.80
C GLY A 512 18.22 5.66 20.53
N THR A 513 17.69 4.66 19.84
CA THR A 513 17.48 3.32 20.40
C THR A 513 18.76 2.48 20.45
N LEU A 514 18.89 1.65 21.48
CA LEU A 514 20.06 0.78 21.59
C LEU A 514 19.66 -0.46 20.79
N ILE A 515 20.09 -0.53 19.54
CA ILE A 515 19.72 -1.66 18.68
C ILE A 515 20.67 -2.84 18.69
N ASP A 516 21.84 -2.67 19.29
CA ASP A 516 22.81 -3.75 19.39
C ASP A 516 23.82 -3.39 20.48
N HIS A 517 24.64 -4.35 20.89
CA HIS A 517 25.62 -4.08 21.94
C HIS A 517 26.58 -2.96 21.52
N ASN A 518 26.59 -1.88 22.31
CA ASN A 518 27.45 -0.72 22.06
C ASN A 518 27.09 0.03 20.79
N ILE A 519 25.88 -0.20 20.29
CA ILE A 519 25.43 0.47 19.08
C ILE A 519 24.04 1.09 19.21
N VAL A 520 23.97 2.39 18.94
CA VAL A 520 22.70 3.12 19.00
C VAL A 520 22.33 3.75 17.65
N GLY A 521 21.12 3.43 17.19
CA GLY A 521 20.64 3.99 15.95
C GLY A 521 20.10 5.37 16.24
N THR A 522 20.91 6.38 15.98
CA THR A 522 20.51 7.75 16.24
C THR A 522 19.24 8.15 15.51
N THR A 523 18.29 8.70 16.27
CA THR A 523 17.03 9.14 15.71
C THR A 523 17.26 10.21 14.65
N HIS A 524 16.42 10.21 13.62
CA HIS A 524 16.50 11.17 12.52
C HIS A 524 15.20 11.15 11.73
N GLN A 525 15.15 11.95 10.66
CA GLN A 525 13.97 11.99 9.80
C GLN A 525 14.35 11.74 8.35
N HIS A 526 13.36 11.32 7.57
CA HIS A 526 13.51 11.09 6.13
C HIS A 526 12.45 11.99 5.50
N ILE A 527 12.89 13.06 4.86
CA ILE A 527 11.94 13.99 4.26
C ILE A 527 12.12 14.08 2.74
N TYR A 528 11.08 13.65 2.02
CA TYR A 528 11.09 13.65 0.56
C TYR A 528 10.20 14.77 0.05
N ASN A 529 10.59 15.38 -1.07
CA ASN A 529 9.80 16.45 -1.67
C ASN A 529 9.70 16.15 -3.17
N PHE A 530 8.48 16.23 -3.69
CA PHE A 530 8.23 15.97 -5.11
C PHE A 530 7.75 17.22 -5.85
N ARG A 531 8.42 17.54 -6.95
CA ARG A 531 8.03 18.68 -7.76
C ARG A 531 7.09 18.13 -8.83
N LEU A 532 5.86 18.61 -8.84
CA LEU A 532 4.86 18.13 -9.78
C LEU A 532 4.19 19.26 -10.57
N ASP A 533 4.72 19.54 -11.76
CA ASP A 533 4.14 20.58 -12.58
C ASP A 533 2.90 20.03 -13.25
N LEU A 534 1.81 20.00 -12.48
CA LEU A 534 0.53 19.51 -12.97
C LEU A 534 -0.16 20.56 -13.83
N ASP A 535 -0.73 20.14 -14.96
CA ASP A 535 -1.49 21.01 -15.85
C ASP A 535 -2.80 20.25 -16.02
N VAL A 536 -3.73 20.47 -15.10
CA VAL A 536 -5.00 19.77 -15.12
C VAL A 536 -5.88 20.11 -16.33
N ASP A 537 -5.79 19.27 -17.35
CA ASP A 537 -6.56 19.43 -18.56
C ASP A 537 -6.29 20.80 -19.19
N GLY A 538 -5.11 21.33 -18.93
CA GLY A 538 -4.75 22.63 -19.46
C GLY A 538 -3.75 23.31 -18.55
N GLU A 539 -3.17 24.40 -19.04
CA GLU A 539 -2.19 25.20 -18.29
C GLU A 539 -2.76 26.01 -17.11
N ASN A 540 -3.87 26.70 -17.35
CA ASN A 540 -4.46 27.55 -16.33
C ASN A 540 -5.32 26.85 -15.29
N ASN A 541 -4.83 26.83 -14.06
CA ASN A 541 -5.52 26.17 -12.96
C ASN A 541 -5.59 27.05 -11.71
N SER A 542 -6.30 26.55 -10.69
CA SER A 542 -6.45 27.25 -9.42
C SER A 542 -6.45 26.24 -8.28
N LEU A 543 -6.07 26.68 -7.08
CA LEU A 543 -6.00 25.80 -5.92
C LEU A 543 -7.24 25.91 -5.04
N VAL A 544 -8.03 24.85 -5.00
CA VAL A 544 -9.28 24.84 -4.22
C VAL A 544 -9.23 23.92 -3.01
N ALA A 545 -9.68 24.44 -1.88
CA ALA A 545 -9.71 23.68 -0.63
C ALA A 545 -11.14 23.25 -0.31
N MET A 546 -11.28 22.02 0.14
CA MET A 546 -12.57 21.47 0.54
C MET A 546 -12.43 20.80 1.89
N ASP A 547 -12.87 21.49 2.94
CA ASP A 547 -12.77 20.96 4.29
C ASP A 547 -14.09 20.40 4.81
N PRO A 548 -14.14 19.08 5.03
CA PRO A 548 -15.35 18.42 5.54
C PRO A 548 -15.59 18.95 6.96
N VAL A 549 -16.78 19.49 7.22
CA VAL A 549 -17.08 20.01 8.55
C VAL A 549 -18.45 19.62 9.05
N VAL A 550 -18.56 19.56 10.37
CA VAL A 550 -19.82 19.22 11.03
C VAL A 550 -20.57 20.52 11.36
N LYS A 551 -21.73 20.70 10.75
CA LYS A 551 -22.55 21.89 10.99
C LYS A 551 -23.88 21.54 11.62
N PRO A 552 -24.52 22.51 12.29
CA PRO A 552 -25.82 22.31 12.92
C PRO A 552 -26.88 22.03 11.86
N ASN A 553 -27.85 21.18 12.19
CA ASN A 553 -28.92 20.85 11.25
C ASN A 553 -29.93 22.02 11.21
N THR A 554 -30.30 22.47 10.01
CA THR A 554 -31.27 23.55 9.88
C THR A 554 -32.42 23.13 8.98
N ALA A 555 -32.51 21.83 8.72
CA ALA A 555 -33.55 21.32 7.85
C ALA A 555 -34.66 20.65 8.62
N GLY A 556 -34.51 20.55 9.94
CA GLY A 556 -35.52 19.91 10.76
C GLY A 556 -35.24 18.44 10.94
N GLY A 557 -36.10 17.73 11.66
CA GLY A 557 -35.89 16.32 11.89
C GLY A 557 -35.07 16.08 13.14
N PRO A 558 -34.91 14.80 13.56
CA PRO A 558 -34.15 14.41 14.75
C PRO A 558 -32.67 14.78 14.82
N ARG A 559 -32.01 14.87 13.66
CA ARG A 559 -30.58 15.20 13.65
C ARG A 559 -30.24 16.60 14.17
N THR A 560 -29.18 16.67 14.97
CA THR A 560 -28.73 17.94 15.53
C THR A 560 -27.60 18.51 14.67
N SER A 561 -26.94 17.64 13.90
CA SER A 561 -25.83 18.07 13.04
C SER A 561 -25.82 17.39 11.67
N THR A 562 -25.01 17.92 10.76
CA THR A 562 -24.89 17.38 9.41
C THR A 562 -23.42 17.40 8.95
N MET A 563 -23.16 16.72 7.82
CA MET A 563 -21.81 16.66 7.26
C MET A 563 -21.79 17.51 6.01
N GLN A 564 -21.08 18.63 6.08
CA GLN A 564 -21.01 19.54 4.94
C GLN A 564 -19.57 19.84 4.56
N VAL A 565 -19.39 20.51 3.42
CA VAL A 565 -18.06 20.85 2.98
C VAL A 565 -17.85 22.35 2.92
N ASN A 566 -16.69 22.77 3.41
CA ASN A 566 -16.30 24.16 3.43
C ASN A 566 -15.37 24.37 2.25
N GLN A 567 -15.87 24.98 1.19
CA GLN A 567 -15.05 25.20 0.02
C GLN A 567 -14.62 26.66 -0.16
N TYR A 568 -13.40 26.84 -0.64
CA TYR A 568 -12.83 28.16 -0.88
C TYR A 568 -11.53 28.06 -1.65
N ASN A 569 -11.26 29.06 -2.48
CA ASN A 569 -10.02 29.11 -3.25
C ASN A 569 -8.86 29.65 -2.42
N ILE A 570 -7.66 29.18 -2.74
CA ILE A 570 -6.44 29.63 -2.07
C ILE A 570 -5.74 30.41 -3.18
N GLY A 571 -5.86 31.73 -3.12
CA GLY A 571 -5.34 32.60 -4.16
C GLY A 571 -3.88 32.98 -4.35
N ASN A 572 -3.02 32.67 -3.38
CA ASN A 572 -1.62 33.04 -3.52
C ASN A 572 -0.64 32.04 -2.91
N GLU A 573 0.63 32.20 -3.25
CA GLU A 573 1.67 31.28 -2.80
C GLU A 573 1.85 31.11 -1.29
N GLN A 574 1.82 32.20 -0.54
CA GLN A 574 2.00 32.09 0.91
C GLN A 574 0.91 31.23 1.53
N ASP A 575 -0.33 31.45 1.10
CA ASP A 575 -1.44 30.67 1.63
C ASP A 575 -1.35 29.21 1.19
N ALA A 576 -0.80 28.97 0.01
CA ALA A 576 -0.67 27.62 -0.53
C ALA A 576 0.32 26.78 0.28
N ALA A 577 1.32 27.44 0.88
CA ALA A 577 2.32 26.74 1.69
C ALA A 577 1.65 26.38 3.00
N GLN A 578 1.29 25.11 3.18
CA GLN A 578 0.57 24.70 4.38
C GLN A 578 0.75 23.27 4.84
N LYS A 579 0.33 23.03 6.08
CA LYS A 579 0.35 21.70 6.67
C LYS A 579 -0.75 20.93 5.99
N PHE A 580 -0.62 19.61 5.87
CA PHE A 580 -1.68 18.84 5.24
C PHE A 580 -2.46 18.01 6.25
N ASP A 581 -3.76 18.22 6.28
CA ASP A 581 -4.66 17.47 7.15
C ASP A 581 -5.22 16.38 6.23
N PRO A 582 -4.83 15.11 6.45
CA PRO A 582 -5.30 14.00 5.62
C PRO A 582 -6.82 13.83 5.66
N GLY A 583 -7.48 14.64 6.49
CA GLY A 583 -8.91 14.59 6.60
C GLY A 583 -9.59 15.65 5.74
N THR A 584 -8.80 16.49 5.10
CA THR A 584 -9.33 17.54 4.23
C THR A 584 -9.05 17.18 2.78
N ILE A 585 -9.57 17.98 1.87
CA ILE A 585 -9.38 17.76 0.45
C ILE A 585 -8.77 18.99 -0.18
N ARG A 586 -7.79 18.79 -1.05
CA ARG A 586 -7.11 19.88 -1.74
C ARG A 586 -7.07 19.54 -3.21
N LEU A 587 -7.67 20.41 -4.03
CA LEU A 587 -7.73 20.17 -5.45
C LEU A 587 -7.02 21.23 -6.28
N LEU A 588 -6.46 20.80 -7.40
CA LEU A 588 -5.86 21.72 -8.35
C LEU A 588 -6.91 21.58 -9.43
N SER A 589 -7.72 22.63 -9.59
CA SER A 589 -8.81 22.62 -10.55
C SER A 589 -8.52 23.48 -11.76
N ASN A 590 -9.28 23.24 -12.81
CA ASN A 590 -9.17 24.02 -14.03
C ASN A 590 -10.50 24.77 -14.09
N PRO A 591 -10.49 26.06 -13.71
CA PRO A 591 -11.69 26.91 -13.70
C PRO A 591 -12.29 27.16 -15.07
N ASN A 592 -11.60 26.72 -16.12
CA ASN A 592 -12.05 26.93 -17.48
C ASN A 592 -12.69 25.69 -18.12
N LYS A 593 -12.65 24.57 -17.41
CA LYS A 593 -13.23 23.33 -17.95
C LYS A 593 -14.01 22.56 -16.90
N GLU A 594 -15.13 21.99 -17.31
CA GLU A 594 -15.99 21.26 -16.39
C GLU A 594 -16.38 19.92 -16.98
N ASN A 595 -16.83 19.03 -16.11
CA ASN A 595 -17.28 17.72 -16.55
C ASN A 595 -18.78 17.80 -16.83
N ARG A 596 -19.35 16.71 -17.32
CA ARG A 596 -20.76 16.63 -17.65
C ARG A 596 -21.72 17.16 -16.58
N MET A 597 -21.31 17.18 -15.33
CA MET A 597 -22.17 17.68 -14.26
C MET A 597 -21.94 19.15 -13.87
N GLY A 598 -21.09 19.85 -14.62
CA GLY A 598 -20.84 21.25 -14.30
C GLY A 598 -19.78 21.51 -13.25
N ASN A 599 -19.02 20.48 -12.88
CA ASN A 599 -17.96 20.60 -11.90
C ASN A 599 -16.62 20.80 -12.57
N PRO A 600 -15.77 21.65 -12.00
CA PRO A 600 -14.44 21.90 -12.58
C PRO A 600 -13.59 20.63 -12.59
N VAL A 601 -13.03 20.29 -13.74
CA VAL A 601 -12.18 19.11 -13.86
C VAL A 601 -11.02 19.36 -12.92
N SER A 602 -10.70 18.39 -12.07
CA SER A 602 -9.64 18.59 -11.09
C SER A 602 -8.86 17.34 -10.71
N TYR A 603 -7.82 17.54 -9.91
CA TYR A 603 -7.00 16.47 -9.38
C TYR A 603 -6.82 16.67 -7.88
N GLN A 604 -7.09 15.63 -7.13
CA GLN A 604 -6.97 15.68 -5.68
C GLN A 604 -5.52 15.44 -5.28
N ILE A 605 -4.96 16.35 -4.51
CA ILE A 605 -3.57 16.24 -4.07
C ILE A 605 -3.48 15.67 -2.64
N ILE A 606 -2.84 14.51 -2.51
CA ILE A 606 -2.69 13.86 -1.20
C ILE A 606 -1.22 13.62 -0.84
N PRO A 607 -0.57 14.61 -0.18
CA PRO A 607 0.83 14.52 0.22
C PRO A 607 1.10 13.38 1.21
N TYR A 608 0.06 12.97 1.93
CA TYR A 608 0.22 11.90 2.88
C TYR A 608 -0.89 10.86 2.75
N ALA A 609 -0.56 9.74 2.13
CA ALA A 609 -1.52 8.67 1.94
C ALA A 609 -1.13 7.45 2.76
N GLY A 610 -0.16 7.62 3.65
CA GLY A 610 0.27 6.49 4.46
C GLY A 610 1.76 6.29 4.57
N GLY A 611 2.16 5.36 5.42
CA GLY A 611 3.57 5.06 5.61
C GLY A 611 3.73 4.01 6.69
N THR A 612 4.80 3.23 6.62
CA THR A 612 5.06 2.15 7.57
C THR A 612 5.90 2.56 8.79
N HIS A 613 6.42 3.78 8.76
CA HIS A 613 7.21 4.34 9.85
C HIS A 613 6.43 5.55 10.40
N PRO A 614 6.73 5.99 11.62
CA PRO A 614 6.01 7.14 12.18
C PRO A 614 6.09 8.33 11.21
N VAL A 615 5.02 9.11 11.14
CA VAL A 615 4.99 10.25 10.23
C VAL A 615 5.63 11.51 10.77
N ALA A 616 6.30 12.24 9.89
CA ALA A 616 6.94 13.49 10.25
C ALA A 616 5.94 14.61 9.93
N LYS A 617 5.31 15.16 10.96
CA LYS A 617 4.32 16.22 10.78
C LYS A 617 4.97 17.53 10.36
N GLY A 618 6.29 17.57 10.48
CA GLY A 618 7.06 18.75 10.12
C GLY A 618 8.50 18.48 10.48
N ALA A 619 9.29 19.53 10.62
CA ALA A 619 10.70 19.35 10.95
C ALA A 619 10.89 19.26 12.46
N GLN A 620 11.53 18.18 12.91
CA GLN A 620 11.82 17.98 14.32
C GLN A 620 13.01 18.85 14.71
N PHE A 621 12.83 20.16 14.54
CA PHE A 621 13.87 21.14 14.85
C PHE A 621 13.20 22.41 15.35
N ALA A 622 13.85 23.10 16.27
CA ALA A 622 13.30 24.35 16.78
C ALA A 622 13.44 25.33 15.63
N PRO A 623 12.51 26.28 15.51
CA PRO A 623 12.56 27.28 14.45
C PRO A 623 13.83 28.12 14.38
N ASP A 624 14.69 28.02 15.39
CA ASP A 624 15.93 28.80 15.40
C ASP A 624 17.16 27.99 14.98
N GLU A 625 16.95 26.73 14.59
CA GLU A 625 18.04 25.87 14.12
C GLU A 625 18.37 26.33 12.70
N TRP A 626 19.65 26.33 12.32
CA TRP A 626 20.02 26.77 10.98
C TRP A 626 19.51 25.89 9.84
N ILE A 627 19.50 24.58 10.05
CA ILE A 627 19.02 23.68 9.01
C ILE A 627 17.55 24.03 8.75
N TYR A 628 16.85 24.39 9.82
CA TYR A 628 15.45 24.75 9.72
C TYR A 628 15.28 26.02 8.88
N HIS A 629 16.15 27.00 9.09
CA HIS A 629 16.09 28.25 8.34
C HIS A 629 16.41 28.05 6.87
N ARG A 630 17.42 27.23 6.59
CA ARG A 630 17.86 26.97 5.24
C ARG A 630 16.88 26.13 4.41
N LEU A 631 16.14 25.26 5.08
CA LEU A 631 15.23 24.37 4.39
C LEU A 631 13.78 24.44 4.84
N SER A 632 13.07 25.46 4.38
CA SER A 632 11.67 25.64 4.74
C SER A 632 10.75 24.50 4.28
N PHE A 633 11.08 23.83 3.17
CA PHE A 633 10.19 22.78 2.67
C PHE A 633 9.95 21.62 3.62
N MET A 634 10.82 21.47 4.62
CA MET A 634 10.68 20.38 5.59
C MET A 634 9.48 20.55 6.50
N ASP A 635 9.07 21.80 6.71
CA ASP A 635 8.00 22.10 7.65
C ASP A 635 6.58 22.23 7.11
N LYS A 636 6.41 22.05 5.80
CA LYS A 636 5.08 22.12 5.19
C LYS A 636 4.92 20.96 4.22
N GLN A 637 3.76 20.32 4.21
CA GLN A 637 3.53 19.19 3.31
C GLN A 637 3.02 19.57 1.93
N LEU A 638 2.53 20.79 1.77
CA LEU A 638 2.03 21.23 0.47
C LEU A 638 2.48 22.64 0.10
N TRP A 639 2.94 22.78 -1.15
CA TRP A 639 3.39 24.06 -1.68
C TRP A 639 2.88 24.18 -3.11
N VAL A 640 2.53 25.39 -3.53
CA VAL A 640 2.08 25.64 -4.89
C VAL A 640 2.66 26.98 -5.28
N THR A 641 3.35 27.01 -6.42
CA THR A 641 3.98 28.22 -6.90
C THR A 641 3.71 28.35 -8.38
N ARG A 642 3.99 29.54 -8.91
CA ARG A 642 3.79 29.80 -10.33
C ARG A 642 4.88 29.09 -11.12
N TYR A 643 4.53 28.55 -12.28
CA TYR A 643 5.51 27.85 -13.11
C TYR A 643 6.67 28.76 -13.50
N HIS A 644 7.89 28.27 -13.31
CA HIS A 644 9.13 28.98 -13.65
C HIS A 644 10.17 27.87 -13.95
N PRO A 645 10.77 27.90 -15.16
CA PRO A 645 11.76 26.90 -15.59
C PRO A 645 12.99 26.74 -14.69
N GLY A 646 13.36 27.82 -14.02
CA GLY A 646 14.54 27.78 -13.17
C GLY A 646 14.32 27.40 -11.72
N GLU A 647 13.07 27.21 -11.32
CA GLU A 647 12.78 26.84 -9.94
C GLU A 647 12.45 25.35 -9.97
N ARG A 648 13.44 24.52 -9.64
CA ARG A 648 13.22 23.09 -9.68
C ARG A 648 13.61 22.33 -8.41
N PHE A 649 14.26 23.00 -7.47
CA PHE A 649 14.71 22.32 -6.28
C PHE A 649 14.19 22.96 -5.01
N PRO A 650 13.53 22.16 -4.15
CA PRO A 650 12.98 22.64 -2.88
C PRO A 650 14.05 23.16 -1.94
N GLU A 651 15.23 22.55 -1.99
CA GLU A 651 16.34 22.96 -1.12
C GLU A 651 17.26 23.99 -1.78
N GLY A 652 16.87 24.47 -2.95
CA GLY A 652 17.71 25.44 -3.64
C GLY A 652 18.69 24.81 -4.61
N LYS A 653 19.16 25.59 -5.57
CA LYS A 653 20.09 25.08 -6.57
C LYS A 653 21.48 24.73 -6.03
N TYR A 654 22.02 25.56 -5.14
CA TYR A 654 23.34 25.34 -4.55
C TYR A 654 23.22 25.29 -3.03
N PRO A 655 22.70 24.18 -2.48
CA PRO A 655 22.50 23.94 -1.06
C PRO A 655 23.71 23.61 -0.18
N ASN A 656 24.87 23.40 -0.77
CA ASN A 656 26.04 23.05 0.04
C ASN A 656 26.51 24.26 0.85
N ARG A 657 26.41 24.14 2.17
CA ARG A 657 26.78 25.20 3.10
C ARG A 657 26.02 26.50 2.82
N SER A 658 24.79 26.39 2.36
CA SER A 658 23.98 27.57 2.06
C SER A 658 23.71 28.37 3.35
N THR A 659 23.64 29.69 3.22
CA THR A 659 23.41 30.58 4.36
C THR A 659 21.94 30.95 4.54
N HIS A 660 21.15 30.75 3.49
CA HIS A 660 19.73 31.07 3.53
C HIS A 660 18.96 30.21 2.52
N ASP A 661 17.63 30.23 2.63
CA ASP A 661 16.75 29.44 1.77
C ASP A 661 16.63 29.97 0.33
N THR A 662 17.21 29.24 -0.62
CA THR A 662 17.14 29.62 -2.03
C THR A 662 16.20 28.70 -2.79
N GLY A 663 15.47 27.87 -2.05
CA GLY A 663 14.52 26.95 -2.66
C GLY A 663 13.10 27.44 -2.55
N LEU A 664 12.19 26.56 -2.11
CA LEU A 664 10.79 26.90 -1.97
C LEU A 664 10.56 28.16 -1.15
N GLY A 665 11.47 28.45 -0.22
CA GLY A 665 11.34 29.65 0.59
C GLY A 665 11.47 30.89 -0.29
N GLN A 666 12.31 30.79 -1.31
CA GLN A 666 12.54 31.89 -2.24
C GLN A 666 11.48 31.93 -3.33
N TYR A 667 11.06 30.76 -3.82
CA TYR A 667 10.07 30.71 -4.89
C TYR A 667 8.69 31.25 -4.49
N SER A 668 8.40 31.22 -3.19
CA SER A 668 7.11 31.69 -2.68
C SER A 668 7.21 33.03 -1.94
N LYS A 669 8.43 33.43 -1.62
CA LYS A 669 8.69 34.67 -0.90
C LYS A 669 7.84 35.84 -1.42
N ASP A 670 7.79 35.97 -2.74
CA ASP A 670 7.04 37.03 -3.41
C ASP A 670 5.52 36.96 -3.24
N ASN A 671 5.01 35.81 -2.80
CA ASN A 671 3.58 35.63 -2.59
C ASN A 671 2.74 36.01 -3.81
N GLU A 672 3.04 35.41 -4.95
CA GLU A 672 2.29 35.72 -6.16
C GLU A 672 0.93 35.05 -6.24
N SER A 673 0.14 35.50 -7.21
CA SER A 673 -1.21 34.99 -7.44
C SER A 673 -1.21 33.60 -8.06
N LEU A 674 -2.08 32.74 -7.54
CA LEU A 674 -2.22 31.38 -8.04
C LEU A 674 -3.62 31.23 -8.64
N ASP A 675 -4.23 32.35 -9.01
CA ASP A 675 -5.56 32.31 -9.58
C ASP A 675 -5.59 32.15 -11.09
N ASN A 676 -6.17 31.04 -11.53
CA ASN A 676 -6.30 30.72 -12.95
C ASN A 676 -4.99 30.97 -13.69
N THR A 677 -3.94 30.24 -13.33
CA THR A 677 -2.65 30.42 -13.96
C THR A 677 -1.86 29.11 -13.91
N ASP A 678 -0.66 29.09 -14.48
CA ASP A 678 0.18 27.88 -14.51
C ASP A 678 0.80 27.61 -13.12
N ALA A 679 0.29 26.59 -12.43
CA ALA A 679 0.79 26.25 -11.11
C ALA A 679 1.69 25.02 -11.08
N VAL A 680 2.52 24.95 -10.05
CA VAL A 680 3.42 23.82 -9.83
C VAL A 680 3.20 23.39 -8.39
N VAL A 681 2.90 22.11 -8.20
CA VAL A 681 2.67 21.56 -6.87
C VAL A 681 3.93 20.90 -6.33
N TRP A 682 4.19 21.08 -5.03
CA TRP A 682 5.34 20.45 -4.41
C TRP A 682 4.80 19.69 -3.20
N MET A 683 5.06 18.39 -3.12
CA MET A 683 4.57 17.62 -1.98
C MET A 683 5.72 17.18 -1.08
N THR A 684 5.61 17.50 0.21
CA THR A 684 6.63 17.09 1.17
C THR A 684 6.05 16.00 2.06
N THR A 685 6.69 14.84 2.06
CA THR A 685 6.23 13.74 2.90
C THR A 685 7.46 13.16 3.60
N GLY A 686 7.34 12.96 4.90
CA GLY A 686 8.46 12.43 5.63
C GLY A 686 8.13 11.52 6.79
N THR A 687 9.17 10.92 7.36
CA THR A 687 8.99 10.03 8.49
C THR A 687 9.96 10.43 9.59
N THR A 688 9.64 10.01 10.81
CA THR A 688 10.51 10.24 11.95
C THR A 688 10.91 8.82 12.32
N HIS A 689 12.22 8.56 12.29
CA HIS A 689 12.71 7.22 12.55
C HIS A 689 13.37 6.97 13.89
N VAL A 690 12.70 6.20 14.72
CA VAL A 690 13.23 5.79 16.01
C VAL A 690 13.50 4.31 15.75
N ALA A 691 14.78 3.93 15.81
CA ALA A 691 15.20 2.56 15.53
C ALA A 691 14.76 1.44 16.46
N ARG A 692 15.04 0.22 16.02
CA ARG A 692 14.74 -1.00 16.76
C ARG A 692 15.70 -2.08 16.28
N ALA A 693 15.83 -3.13 17.08
CA ALA A 693 16.72 -4.24 16.76
C ALA A 693 16.40 -4.95 15.44
N GLU A 694 15.12 -4.99 15.08
CA GLU A 694 14.70 -5.63 13.85
C GLU A 694 15.30 -4.97 12.60
N GLU A 695 15.89 -3.79 12.75
CA GLU A 695 16.44 -3.07 11.60
C GLU A 695 17.99 -3.12 11.57
N TRP A 696 18.57 -4.09 12.26
CA TRP A 696 20.02 -4.18 12.32
C TRP A 696 20.45 -5.64 12.20
N PRO A 697 21.55 -5.91 11.46
CA PRO A 697 22.48 -5.05 10.73
C PRO A 697 21.98 -4.38 9.44
N ILE A 698 20.84 -4.80 8.92
CA ILE A 698 20.31 -4.20 7.69
C ILE A 698 18.80 -3.94 7.87
N MET A 699 18.34 -2.77 7.45
CA MET A 699 16.94 -2.39 7.64
C MET A 699 15.91 -2.82 6.59
N PRO A 700 14.85 -3.53 7.02
CA PRO A 700 13.80 -3.97 6.10
C PRO A 700 13.15 -2.73 5.48
N THR A 701 12.93 -2.76 4.17
CA THR A 701 12.35 -1.63 3.45
C THR A 701 11.11 -1.03 4.12
N GLU A 702 11.11 0.29 4.28
CA GLU A 702 9.99 1.02 4.88
C GLU A 702 9.42 1.95 3.80
N TRP A 703 8.09 2.02 3.70
CA TRP A 703 7.47 2.84 2.66
C TRP A 703 6.57 4.02 3.08
N VAL A 704 6.46 5.01 2.19
CA VAL A 704 5.57 6.15 2.38
C VAL A 704 4.81 6.29 1.06
N HIS A 705 3.57 6.77 1.13
CA HIS A 705 2.75 6.86 -0.06
C HIS A 705 2.13 8.22 -0.29
N THR A 706 2.03 8.63 -1.55
CA THR A 706 1.39 9.89 -1.90
C THR A 706 0.45 9.56 -3.05
N LEU A 707 -0.54 10.42 -3.28
CA LEU A 707 -1.50 10.13 -4.33
C LEU A 707 -2.00 11.39 -5.04
N LEU A 708 -2.42 11.22 -6.29
CA LEU A 708 -2.96 12.29 -7.11
C LEU A 708 -4.15 11.61 -7.79
N LYS A 709 -5.36 11.99 -7.39
CA LYS A 709 -6.57 11.37 -7.91
C LYS A 709 -7.44 12.29 -8.73
N PRO A 710 -7.95 11.81 -9.87
CA PRO A 710 -8.79 12.65 -10.70
C PRO A 710 -10.07 12.95 -9.89
N TRP A 711 -10.49 14.21 -9.89
CA TRP A 711 -11.69 14.61 -9.15
C TRP A 711 -12.65 15.34 -10.09
N ASN A 712 -13.66 14.62 -10.55
CA ASN A 712 -14.64 15.17 -11.49
C ASN A 712 -13.90 15.58 -12.76
N PHE A 713 -12.83 14.87 -13.05
CA PHE A 713 -12.01 15.10 -14.24
C PHE A 713 -12.76 14.36 -15.34
N PHE A 714 -13.36 13.23 -14.95
CA PHE A 714 -14.13 12.38 -15.86
C PHE A 714 -15.60 12.53 -15.52
N ASP A 715 -16.47 11.88 -16.29
CA ASP A 715 -17.90 11.96 -16.04
C ASP A 715 -18.45 10.68 -15.42
N GLU A 716 -17.58 9.69 -15.24
CA GLU A 716 -17.99 8.41 -14.69
C GLU A 716 -16.79 7.52 -14.42
N THR A 717 -17.07 6.33 -13.88
CA THR A 717 -16.04 5.34 -13.61
C THR A 717 -15.19 5.28 -14.89
N PRO A 718 -13.92 5.70 -14.80
CA PRO A 718 -12.98 5.74 -15.93
C PRO A 718 -12.65 4.40 -16.57
N THR A 719 -12.81 3.31 -15.82
CA THR A 719 -12.46 1.98 -16.33
C THR A 719 -13.60 1.11 -16.85
N LEU A 720 -14.81 1.65 -16.93
CA LEU A 720 -15.92 0.86 -17.45
C LEU A 720 -15.69 0.49 -18.91
N GLY A 721 -15.07 1.39 -19.66
CA GLY A 721 -14.80 1.13 -21.06
C GLY A 721 -15.63 2.00 -21.98
N ALA A 722 -15.32 1.97 -23.27
CA ALA A 722 -16.05 2.76 -24.25
C ALA A 722 -17.40 2.12 -24.54
N LEU A 723 -18.38 2.96 -24.86
CA LEU A 723 -19.72 2.48 -25.17
C LEU A 723 -19.75 1.83 -26.55
N LYS A 724 -20.47 0.73 -26.69
CA LYS A 724 -20.56 0.05 -27.97
C LYS A 724 -21.37 0.86 -28.97
N HIS B 6 -16.33 -44.81 -20.49
CA HIS B 6 -16.58 -43.71 -21.47
C HIS B 6 -15.83 -42.47 -20.99
N MET B 7 -15.82 -41.44 -21.83
CA MET B 7 -15.13 -40.21 -21.47
C MET B 7 -15.97 -38.96 -21.60
N VAL B 8 -15.41 -37.84 -21.16
CA VAL B 8 -16.12 -36.57 -21.16
C VAL B 8 -15.24 -35.45 -21.73
N PRO B 9 -15.85 -34.41 -22.33
CA PRO B 9 -15.09 -33.29 -22.90
C PRO B 9 -14.27 -32.56 -21.83
N MET B 10 -12.98 -32.42 -22.09
CA MET B 10 -12.06 -31.80 -21.15
C MET B 10 -12.36 -30.35 -20.75
N ASP B 11 -12.41 -29.45 -21.72
CA ASP B 11 -12.68 -28.04 -21.42
C ASP B 11 -13.90 -27.81 -20.56
N LYS B 12 -15.06 -28.23 -21.09
CA LYS B 12 -16.31 -28.08 -20.38
C LYS B 12 -16.18 -28.61 -18.95
N THR B 13 -15.79 -29.87 -18.82
CA THR B 13 -15.64 -30.51 -17.51
C THR B 13 -14.71 -29.77 -16.55
N LEU B 14 -13.53 -29.37 -17.03
CA LEU B 14 -12.60 -28.66 -16.16
C LEU B 14 -13.15 -27.30 -15.72
N LYS B 15 -13.75 -26.55 -16.64
CA LYS B 15 -14.33 -25.26 -16.28
C LYS B 15 -15.36 -25.45 -15.18
N GLU B 16 -16.27 -26.41 -15.39
CA GLU B 16 -17.31 -26.72 -14.42
C GLU B 16 -16.63 -26.90 -13.07
N PHE B 17 -15.50 -27.60 -13.11
CA PHE B 17 -14.70 -27.91 -11.92
C PHE B 17 -14.06 -26.67 -11.30
N GLY B 18 -13.90 -25.62 -12.09
CA GLY B 18 -13.31 -24.40 -11.56
C GLY B 18 -11.81 -24.27 -11.83
N ALA B 19 -11.31 -25.06 -12.76
CA ALA B 19 -9.89 -25.01 -13.09
C ALA B 19 -9.69 -24.15 -14.33
N ASP B 20 -8.54 -23.49 -14.42
CA ASP B 20 -8.22 -22.67 -15.57
C ASP B 20 -7.58 -23.62 -16.59
N VAL B 21 -8.00 -23.53 -17.85
CA VAL B 21 -7.47 -24.40 -18.91
C VAL B 21 -6.74 -23.62 -19.98
N GLN B 22 -5.48 -23.98 -20.22
CA GLN B 22 -4.67 -23.30 -21.22
C GLN B 22 -4.12 -24.34 -22.20
N TRP B 23 -4.28 -24.06 -23.49
CA TRP B 23 -3.78 -24.96 -24.53
C TRP B 23 -2.67 -24.29 -25.31
N ASP B 24 -1.54 -24.97 -25.42
CA ASP B 24 -0.39 -24.46 -26.15
C ASP B 24 -0.28 -25.33 -27.39
N ASP B 25 -0.63 -24.76 -28.54
CA ASP B 25 -0.59 -25.48 -29.80
C ASP B 25 0.80 -25.87 -30.25
N TYR B 26 1.78 -25.01 -29.96
CA TYR B 26 3.16 -25.27 -30.35
C TYR B 26 3.75 -26.45 -29.56
N ALA B 27 3.51 -26.47 -28.26
CA ALA B 27 4.03 -27.54 -27.41
C ALA B 27 3.09 -28.73 -27.30
N GLN B 28 1.89 -28.62 -27.86
CA GLN B 28 0.91 -29.71 -27.79
C GLN B 28 0.79 -30.04 -26.30
N LEU B 29 0.59 -28.99 -25.51
CA LEU B 29 0.50 -29.13 -24.08
C LEU B 29 -0.64 -28.36 -23.42
N PHE B 30 -1.30 -29.03 -22.47
CA PHE B 30 -2.37 -28.43 -21.69
C PHE B 30 -1.79 -28.07 -20.32
N THR B 31 -2.08 -26.87 -19.84
CA THR B 31 -1.63 -26.45 -18.54
C THR B 31 -2.92 -26.18 -17.77
N LEU B 32 -3.11 -26.91 -16.68
CA LEU B 32 -4.32 -26.78 -15.88
C LEU B 32 -3.96 -26.26 -14.49
N ILE B 33 -4.70 -25.26 -14.02
CA ILE B 33 -4.44 -24.69 -12.70
C ILE B 33 -5.71 -24.64 -11.85
N LYS B 34 -5.60 -25.10 -10.61
CA LYS B 34 -6.72 -25.10 -9.69
C LYS B 34 -6.15 -25.09 -8.27
N ASP B 35 -6.21 -23.92 -7.65
CA ASP B 35 -5.70 -23.74 -6.29
C ASP B 35 -4.22 -24.11 -6.19
N GLY B 36 -3.90 -25.04 -5.29
CA GLY B 36 -2.51 -25.44 -5.13
C GLY B 36 -1.98 -26.35 -6.21
N ALA B 37 -2.85 -26.80 -7.11
CA ALA B 37 -2.44 -27.70 -8.17
C ALA B 37 -2.10 -27.02 -9.49
N TYR B 38 -0.88 -27.31 -9.96
CA TYR B 38 -0.38 -26.78 -11.23
C TYR B 38 -0.04 -28.02 -12.05
N VAL B 39 -0.88 -28.31 -13.02
CA VAL B 39 -0.78 -29.50 -13.85
C VAL B 39 -0.43 -29.30 -15.31
N LYS B 40 0.33 -30.24 -15.85
CA LYS B 40 0.72 -30.24 -17.25
C LYS B 40 0.45 -31.62 -17.82
N VAL B 41 -0.22 -31.66 -18.96
CA VAL B 41 -0.55 -32.93 -19.58
C VAL B 41 -0.62 -32.80 -21.10
N LYS B 42 0.06 -33.73 -21.76
CA LYS B 42 0.11 -33.78 -23.22
C LYS B 42 -0.88 -34.82 -23.73
N PRO B 43 -1.60 -34.49 -24.81
CA PRO B 43 -2.58 -35.44 -25.36
C PRO B 43 -1.88 -36.76 -25.67
N GLY B 44 -2.53 -37.87 -25.34
CA GLY B 44 -1.95 -39.18 -25.60
C GLY B 44 -0.87 -39.67 -24.62
N ALA B 45 -0.32 -38.78 -23.81
CA ALA B 45 0.72 -39.15 -22.86
C ALA B 45 0.22 -40.09 -21.75
N GLN B 46 1.10 -40.98 -21.29
CA GLN B 46 0.74 -41.91 -20.23
C GLN B 46 0.84 -41.31 -18.84
N THR B 47 1.62 -40.24 -18.69
CA THR B 47 1.74 -39.60 -17.38
C THR B 47 1.47 -38.11 -17.51
N ALA B 48 1.18 -37.48 -16.39
CA ALA B 48 0.94 -36.04 -16.34
C ALA B 48 1.87 -35.52 -15.25
N ILE B 49 2.01 -34.20 -15.16
CA ILE B 49 2.87 -33.61 -14.14
C ILE B 49 2.02 -32.80 -13.21
N VAL B 50 2.16 -33.04 -11.90
CA VAL B 50 1.43 -32.31 -10.87
C VAL B 50 2.46 -31.73 -9.91
N ASN B 51 2.57 -30.41 -9.88
CA ASN B 51 3.54 -29.74 -9.02
C ASN B 51 4.94 -30.32 -9.18
N GLY B 52 5.35 -30.52 -10.43
CA GLY B 52 6.67 -31.05 -10.74
C GLY B 52 6.84 -32.55 -10.60
N GLN B 53 5.79 -33.24 -10.17
CA GLN B 53 5.86 -34.69 -9.96
C GLN B 53 5.06 -35.52 -10.97
N PRO B 54 5.64 -36.64 -11.44
CA PRO B 54 4.97 -37.52 -12.40
C PRO B 54 3.79 -38.28 -11.82
N LEU B 55 2.71 -38.36 -12.60
CA LEU B 55 1.48 -39.05 -12.20
C LEU B 55 1.04 -39.94 -13.35
N ALA B 56 0.96 -41.24 -13.10
CA ALA B 56 0.54 -42.18 -14.13
C ALA B 56 -0.95 -42.08 -14.32
N LEU B 57 -1.38 -42.06 -15.58
CA LEU B 57 -2.79 -41.95 -15.89
C LEU B 57 -3.28 -43.27 -16.45
N GLN B 58 -4.46 -43.67 -16.06
CA GLN B 58 -4.98 -44.91 -16.59
C GLN B 58 -5.52 -44.67 -17.98
N VAL B 59 -6.11 -43.48 -18.18
CA VAL B 59 -6.64 -43.12 -19.47
C VAL B 59 -6.03 -41.79 -19.88
N PRO B 60 -5.22 -41.79 -20.93
CA PRO B 60 -4.59 -40.55 -21.37
C PRO B 60 -5.62 -39.58 -21.92
N VAL B 61 -5.21 -38.33 -22.10
CA VAL B 61 -6.08 -37.33 -22.67
C VAL B 61 -6.17 -37.59 -24.17
N VAL B 62 -7.39 -37.67 -24.68
CA VAL B 62 -7.62 -37.96 -26.10
C VAL B 62 -8.04 -36.71 -26.87
N MET B 63 -7.37 -36.49 -28.00
CA MET B 63 -7.63 -35.35 -28.86
C MET B 63 -8.40 -35.86 -30.09
N LYS B 64 -9.64 -35.41 -30.25
CA LYS B 64 -10.46 -35.84 -31.39
C LYS B 64 -11.01 -34.67 -32.19
N ASP B 65 -10.57 -34.55 -33.44
CA ASP B 65 -11.03 -33.46 -34.30
C ASP B 65 -10.90 -32.12 -33.59
N ASN B 66 -9.74 -31.91 -32.98
CA ASN B 66 -9.41 -30.68 -32.25
C ASN B 66 -10.09 -30.53 -30.89
N LYS B 67 -10.73 -31.59 -30.42
CA LYS B 67 -11.38 -31.57 -29.10
C LYS B 67 -10.74 -32.59 -28.16
N ALA B 68 -10.36 -32.14 -26.97
CA ALA B 68 -9.76 -33.03 -25.99
C ALA B 68 -10.84 -33.68 -25.14
N TRP B 69 -10.63 -34.94 -24.79
CA TRP B 69 -11.57 -35.67 -23.95
C TRP B 69 -10.79 -36.39 -22.86
N VAL B 70 -11.38 -36.49 -21.67
CA VAL B 70 -10.74 -37.17 -20.57
C VAL B 70 -11.66 -38.18 -19.91
N SER B 71 -11.06 -39.06 -19.11
CA SER B 71 -11.80 -40.07 -18.39
C SER B 71 -12.68 -39.36 -17.36
N ASP B 72 -13.74 -40.03 -16.94
CA ASP B 72 -14.66 -39.48 -15.94
C ASP B 72 -13.98 -39.49 -14.58
N THR B 73 -12.78 -40.05 -14.52
CA THR B 73 -12.01 -40.13 -13.29
C THR B 73 -10.82 -39.19 -13.31
N PHE B 74 -10.55 -38.59 -14.46
CA PHE B 74 -9.41 -37.68 -14.61
C PHE B 74 -9.33 -36.62 -13.52
N ILE B 75 -10.41 -35.87 -13.31
CA ILE B 75 -10.41 -34.84 -12.28
C ILE B 75 -10.00 -35.35 -10.90
N ASN B 76 -10.57 -36.47 -10.46
CA ASN B 76 -10.24 -37.01 -9.15
C ASN B 76 -8.84 -37.62 -9.08
N ASP B 77 -8.46 -38.40 -10.09
CA ASP B 77 -7.14 -39.00 -10.09
C ASP B 77 -6.03 -37.97 -10.05
N VAL B 78 -6.22 -36.89 -10.80
CA VAL B 78 -5.25 -35.80 -10.90
C VAL B 78 -5.26 -34.81 -9.74
N PHE B 79 -6.39 -34.12 -9.56
CA PHE B 79 -6.49 -33.14 -8.51
C PHE B 79 -6.52 -33.64 -7.07
N GLN B 80 -6.85 -34.91 -6.87
CA GLN B 80 -6.85 -35.47 -5.52
C GLN B 80 -5.78 -36.54 -5.42
N SER B 81 -4.77 -36.48 -6.29
CA SER B 81 -3.70 -37.48 -6.31
C SER B 81 -2.89 -37.55 -5.01
N GLY B 82 -2.53 -36.40 -4.48
CA GLY B 82 -1.72 -36.37 -3.27
C GLY B 82 -0.41 -35.66 -3.58
N LEU B 83 -0.13 -35.49 -4.87
CA LEU B 83 1.09 -34.81 -5.31
C LEU B 83 0.94 -33.31 -5.00
N ASP B 84 -0.29 -32.88 -4.78
CA ASP B 84 -0.55 -31.50 -4.38
C ASP B 84 -0.68 -31.62 -2.87
N GLN B 85 0.35 -31.17 -2.17
CA GLN B 85 0.42 -31.28 -0.72
C GLN B 85 -0.05 -30.05 0.04
N THR B 86 -0.66 -29.12 -0.69
CA THR B 86 -1.15 -27.89 -0.08
C THR B 86 -2.01 -28.17 1.15
N PHE B 87 -2.94 -29.11 1.01
CA PHE B 87 -3.85 -29.50 2.08
C PHE B 87 -3.49 -30.86 2.67
N GLN B 88 -3.37 -30.90 4.00
CA GLN B 88 -3.06 -32.14 4.71
C GLN B 88 -4.18 -32.40 5.70
N VAL B 89 -4.45 -33.67 6.00
CA VAL B 89 -5.52 -34.01 6.93
C VAL B 89 -5.09 -33.76 8.37
N GLU B 90 -5.98 -33.10 9.11
CA GLU B 90 -5.73 -32.79 10.50
C GLU B 90 -5.92 -34.07 11.31
N LYS B 91 -4.92 -34.45 12.09
CA LYS B 91 -5.04 -35.65 12.87
C LYS B 91 -5.72 -35.37 14.20
N ARG B 92 -5.17 -34.42 14.94
CA ARG B 92 -5.73 -34.05 16.23
C ARG B 92 -6.52 -32.75 16.01
N PRO B 93 -7.86 -32.83 16.04
CA PRO B 93 -8.76 -31.69 15.85
C PRO B 93 -8.51 -30.49 16.75
N HIS B 94 -8.24 -29.35 16.13
CA HIS B 94 -7.97 -28.12 16.87
C HIS B 94 -9.23 -27.72 17.65
N PRO B 95 -9.07 -27.35 18.94
CA PRO B 95 -10.21 -26.95 19.75
C PRO B 95 -10.99 -25.75 19.21
N LEU B 96 -10.33 -24.92 18.40
CA LEU B 96 -11.01 -23.75 17.84
C LEU B 96 -11.70 -23.97 16.50
N ASN B 97 -11.72 -25.22 16.03
CA ASN B 97 -12.41 -25.51 14.78
C ASN B 97 -13.87 -25.08 14.88
N ALA B 98 -14.39 -24.44 13.84
CA ALA B 98 -15.77 -24.00 13.83
C ALA B 98 -16.68 -25.21 13.88
N LEU B 99 -17.94 -24.98 14.25
CA LEU B 99 -18.90 -26.07 14.32
C LEU B 99 -19.03 -26.69 12.95
N THR B 100 -19.06 -28.02 12.89
CA THR B 100 -19.22 -28.72 11.62
C THR B 100 -20.70 -28.68 11.27
N ALA B 101 -21.06 -29.17 10.09
CA ALA B 101 -22.46 -29.19 9.70
C ALA B 101 -23.20 -30.05 10.72
N ASP B 102 -22.68 -31.25 10.98
CA ASP B 102 -23.31 -32.17 11.93
C ASP B 102 -23.49 -31.54 13.30
N GLU B 103 -22.46 -30.84 13.78
CA GLU B 103 -22.55 -30.19 15.08
C GLU B 103 -23.65 -29.13 15.04
N ILE B 104 -23.71 -28.40 13.93
CA ILE B 104 -24.74 -27.37 13.77
C ILE B 104 -26.10 -28.03 13.91
N LYS B 105 -26.34 -29.07 13.13
CA LYS B 105 -27.61 -29.78 13.17
C LYS B 105 -27.90 -30.37 14.54
N GLN B 106 -26.85 -30.75 15.25
CA GLN B 106 -26.98 -31.33 16.59
C GLN B 106 -27.47 -30.27 17.56
N ALA B 107 -26.81 -29.11 17.56
CA ALA B 107 -27.18 -28.01 18.44
C ALA B 107 -28.64 -27.64 18.21
N VAL B 108 -29.08 -27.68 16.96
CA VAL B 108 -30.45 -27.35 16.61
C VAL B 108 -31.45 -28.40 17.12
N GLU B 109 -31.08 -29.67 17.08
CA GLU B 109 -31.95 -30.72 17.57
C GLU B 109 -32.09 -30.60 19.09
N ILE B 110 -31.02 -30.19 19.76
CA ILE B 110 -31.06 -30.05 21.20
C ILE B 110 -32.02 -28.94 21.67
N VAL B 111 -31.96 -27.76 21.04
CA VAL B 111 -32.85 -26.67 21.43
C VAL B 111 -34.29 -26.94 21.00
N LYS B 112 -34.47 -27.67 19.89
CA LYS B 112 -35.82 -27.99 19.44
C LYS B 112 -36.39 -29.11 20.31
N ALA B 113 -35.54 -29.67 21.17
CA ALA B 113 -35.96 -30.73 22.08
C ALA B 113 -36.41 -30.13 23.40
N SER B 114 -36.07 -28.86 23.61
CA SER B 114 -36.46 -28.15 24.82
C SER B 114 -37.96 -27.88 24.74
N ALA B 115 -38.61 -27.82 25.90
CA ALA B 115 -40.06 -27.59 25.94
C ALA B 115 -40.48 -26.18 25.54
N ASP B 116 -39.52 -25.26 25.41
CA ASP B 116 -39.86 -23.88 25.06
C ASP B 116 -39.68 -23.46 23.60
N PHE B 117 -38.91 -24.23 22.84
CA PHE B 117 -38.69 -23.86 21.43
C PHE B 117 -40.00 -23.50 20.76
N LYS B 118 -39.92 -22.64 19.75
CA LYS B 118 -41.08 -22.17 19.00
C LYS B 118 -40.83 -22.39 17.50
N PRO B 119 -41.90 -22.60 16.72
CA PRO B 119 -41.92 -22.83 15.28
C PRO B 119 -41.26 -21.76 14.44
N ASN B 120 -41.62 -20.51 14.71
CA ASN B 120 -41.05 -19.40 13.97
C ASN B 120 -39.68 -19.02 14.54
N THR B 121 -39.21 -19.78 15.53
CA THR B 121 -37.92 -19.47 16.14
C THR B 121 -36.78 -19.60 15.14
N ARG B 122 -36.13 -18.48 14.87
CA ARG B 122 -35.01 -18.43 13.93
C ARG B 122 -33.68 -18.37 14.69
N PHE B 123 -32.58 -18.50 13.96
CA PHE B 123 -31.27 -18.47 14.57
C PHE B 123 -30.42 -17.33 14.03
N THR B 124 -30.10 -16.38 14.91
CA THR B 124 -29.27 -15.24 14.52
C THR B 124 -27.80 -15.67 14.48
N GLU B 125 -27.42 -16.57 15.38
CA GLU B 125 -26.05 -17.06 15.40
C GLU B 125 -25.92 -18.37 16.18
N ILE B 126 -25.29 -19.35 15.54
CA ILE B 126 -25.02 -20.65 16.13
C ILE B 126 -23.52 -20.82 15.99
N SER B 127 -22.79 -20.54 17.06
CA SER B 127 -21.33 -20.61 17.02
C SER B 127 -20.70 -21.38 18.17
N LEU B 128 -19.46 -21.82 17.95
CA LEU B 128 -18.73 -22.55 18.97
C LEU B 128 -18.61 -21.67 20.21
N LEU B 129 -18.60 -22.30 21.37
CA LEU B 129 -18.43 -21.57 22.62
C LEU B 129 -16.96 -21.81 22.92
N PRO B 130 -16.16 -20.72 22.91
CA PRO B 130 -14.71 -20.74 23.15
C PRO B 130 -14.23 -21.36 24.45
N PRO B 131 -13.41 -22.42 24.37
CA PRO B 131 -12.87 -23.10 25.54
C PRO B 131 -12.02 -22.06 26.25
N ASP B 132 -11.54 -22.34 27.45
CA ASP B 132 -10.74 -21.31 28.09
C ASP B 132 -9.44 -21.10 27.32
N LYS B 133 -9.11 -19.83 27.15
CA LYS B 133 -7.92 -19.41 26.45
C LYS B 133 -6.68 -20.21 26.84
N GLU B 134 -6.50 -20.43 28.14
CA GLU B 134 -5.33 -21.14 28.64
C GLU B 134 -5.24 -22.59 28.16
N ALA B 135 -6.38 -23.22 27.96
CA ALA B 135 -6.38 -24.60 27.50
C ALA B 135 -6.04 -24.66 26.02
N VAL B 136 -6.53 -23.69 25.25
CA VAL B 136 -6.26 -23.65 23.82
C VAL B 136 -4.79 -23.41 23.51
N TRP B 137 -4.15 -22.49 24.24
CA TRP B 137 -2.73 -22.22 24.05
C TRP B 137 -1.92 -23.47 24.42
N ALA B 138 -2.34 -24.14 25.50
CA ALA B 138 -1.65 -25.35 25.95
C ALA B 138 -1.67 -26.37 24.82
N PHE B 139 -2.77 -26.40 24.08
CA PHE B 139 -2.92 -27.32 22.96
C PHE B 139 -2.01 -26.92 21.80
N ALA B 140 -2.09 -25.67 21.40
CA ALA B 140 -1.29 -25.15 20.30
C ALA B 140 0.21 -25.22 20.57
N LEU B 141 0.61 -24.93 21.81
CA LEU B 141 2.02 -24.92 22.17
C LEU B 141 2.58 -26.21 22.77
N GLU B 142 1.89 -26.76 23.76
CA GLU B 142 2.35 -27.97 24.44
C GLU B 142 1.67 -29.22 23.91
N ASN B 143 0.69 -29.03 23.04
CA ASN B 143 -0.04 -30.14 22.45
C ASN B 143 -0.87 -30.85 23.51
N LYS B 144 -1.29 -30.13 24.53
CA LYS B 144 -2.10 -30.70 25.61
C LYS B 144 -3.57 -30.69 25.20
N PRO B 145 -4.23 -31.85 25.26
CA PRO B 145 -5.64 -31.99 24.90
C PRO B 145 -6.56 -31.13 25.76
N VAL B 146 -7.61 -30.61 25.12
CA VAL B 146 -8.58 -29.78 25.82
C VAL B 146 -9.62 -30.75 26.37
N ASP B 147 -9.60 -30.96 27.67
CA ASP B 147 -10.54 -31.90 28.29
C ASP B 147 -11.87 -31.26 28.65
N GLN B 148 -12.17 -30.12 28.04
CA GLN B 148 -13.43 -29.41 28.27
C GLN B 148 -14.35 -29.75 27.10
N PRO B 149 -15.63 -30.06 27.38
CA PRO B 149 -16.64 -30.42 26.37
C PRO B 149 -16.93 -29.39 25.28
N ARG B 150 -17.08 -29.87 24.04
CA ARG B 150 -17.39 -29.01 22.90
C ARG B 150 -18.78 -28.43 23.15
N LYS B 151 -18.85 -27.11 23.31
CA LYS B 151 -20.13 -26.46 23.52
C LYS B 151 -20.42 -25.48 22.40
N ALA B 152 -21.67 -25.07 22.29
CA ALA B 152 -22.06 -24.14 21.24
C ALA B 152 -23.09 -23.13 21.72
N ASP B 153 -22.91 -21.87 21.33
CA ASP B 153 -23.85 -20.83 21.69
C ASP B 153 -24.91 -20.81 20.61
N VAL B 154 -26.18 -20.83 21.02
CA VAL B 154 -27.28 -20.80 20.08
C VAL B 154 -28.14 -19.59 20.43
N ILE B 155 -28.04 -18.54 19.61
CA ILE B 155 -28.81 -17.33 19.84
C ILE B 155 -30.02 -17.38 18.93
N MET B 156 -31.20 -17.48 19.54
CA MET B 156 -32.45 -17.57 18.80
C MET B 156 -33.30 -16.30 18.83
N LEU B 157 -34.16 -16.18 17.83
CA LEU B 157 -35.06 -15.04 17.75
C LEU B 157 -36.48 -15.56 17.66
N ASP B 158 -37.19 -15.51 18.78
CA ASP B 158 -38.57 -15.96 18.84
C ASP B 158 -39.47 -14.76 18.55
N GLY B 159 -39.80 -14.58 17.28
CA GLY B 159 -40.61 -13.43 16.90
C GLY B 159 -39.69 -12.22 16.93
N LYS B 160 -39.72 -11.47 18.03
CA LYS B 160 -38.84 -10.30 18.16
C LYS B 160 -38.03 -10.42 19.44
N HIS B 161 -38.16 -11.55 20.14
CA HIS B 161 -37.43 -11.77 21.40
C HIS B 161 -36.16 -12.60 21.23
N ILE B 162 -35.09 -12.14 21.86
CA ILE B 162 -33.82 -12.84 21.82
C ILE B 162 -33.70 -13.82 22.96
N ILE B 163 -33.17 -15.00 22.66
CA ILE B 163 -32.98 -16.03 23.66
C ILE B 163 -31.59 -16.62 23.45
N GLU B 164 -30.82 -16.71 24.53
CA GLU B 164 -29.47 -17.26 24.47
C GLU B 164 -29.42 -18.64 25.09
N ALA B 165 -29.10 -19.65 24.28
CA ALA B 165 -29.01 -21.02 24.77
C ALA B 165 -27.62 -21.60 24.56
N VAL B 166 -27.18 -22.44 25.50
CA VAL B 166 -25.87 -23.08 25.40
C VAL B 166 -26.11 -24.59 25.37
N VAL B 167 -25.61 -25.24 24.33
CA VAL B 167 -25.78 -26.68 24.21
C VAL B 167 -24.46 -27.41 24.40
N ASP B 168 -24.53 -28.59 25.01
CA ASP B 168 -23.36 -29.42 25.25
C ASP B 168 -23.30 -30.47 24.15
N LEU B 169 -22.49 -30.23 23.13
CA LEU B 169 -22.38 -31.16 22.02
C LEU B 169 -21.76 -32.50 22.38
N GLN B 170 -20.79 -32.51 23.29
CA GLN B 170 -20.15 -33.76 23.70
C GLN B 170 -21.14 -34.71 24.36
N ASN B 171 -21.98 -34.18 25.26
CA ASN B 171 -22.96 -35.00 25.96
C ASN B 171 -24.39 -34.81 25.45
N ASN B 172 -24.53 -34.14 24.31
CA ASN B 172 -25.82 -33.88 23.70
C ASN B 172 -26.89 -33.44 24.69
N LYS B 173 -26.64 -32.35 25.42
CA LYS B 173 -27.61 -31.86 26.38
C LYS B 173 -27.63 -30.32 26.50
N LEU B 174 -28.83 -29.78 26.69
CA LEU B 174 -29.00 -28.33 26.84
C LEU B 174 -28.46 -27.91 28.19
N LEU B 175 -27.59 -26.90 28.20
CA LEU B 175 -27.00 -26.42 29.45
C LEU B 175 -27.63 -25.16 29.99
N SER B 176 -28.26 -24.38 29.12
CA SER B 176 -28.91 -23.15 29.55
C SER B 176 -29.82 -22.56 28.50
N TRP B 177 -30.84 -21.84 28.96
CA TRP B 177 -31.83 -21.21 28.10
C TRP B 177 -32.20 -19.89 28.77
N GLN B 178 -31.51 -18.82 28.38
CA GLN B 178 -31.73 -17.49 28.98
C GLN B 178 -32.27 -16.41 28.05
N PRO B 179 -33.50 -15.93 28.31
CA PRO B 179 -34.15 -14.88 27.52
C PRO B 179 -33.46 -13.54 27.80
N ILE B 180 -33.26 -12.72 26.78
CA ILE B 180 -32.61 -11.43 26.97
C ILE B 180 -33.58 -10.29 26.70
N LYS B 181 -34.09 -9.70 27.78
CA LYS B 181 -35.05 -8.61 27.69
C LYS B 181 -34.50 -7.33 27.09
N ASP B 182 -35.38 -6.59 26.41
CA ASP B 182 -35.05 -5.32 25.78
C ASP B 182 -34.11 -5.43 24.58
N ALA B 183 -33.50 -6.59 24.41
CA ALA B 183 -32.58 -6.79 23.29
C ALA B 183 -33.32 -7.06 22.00
N HIS B 184 -32.85 -6.44 20.91
CA HIS B 184 -33.44 -6.67 19.60
C HIS B 184 -32.48 -7.58 18.85
N GLY B 185 -33.03 -8.41 17.96
CA GLY B 185 -32.19 -9.30 17.19
C GLY B 185 -31.74 -8.57 15.93
N MET B 186 -30.69 -9.10 15.31
CA MET B 186 -30.16 -8.52 14.07
C MET B 186 -31.17 -8.75 12.94
N VAL B 187 -30.89 -8.21 11.76
CA VAL B 187 -31.78 -8.40 10.61
C VAL B 187 -31.50 -9.78 9.99
N LEU B 188 -32.55 -10.50 9.61
CA LEU B 188 -32.37 -11.82 9.01
C LEU B 188 -32.85 -11.84 7.56
N LEU B 189 -32.30 -12.78 6.79
CA LEU B 189 -32.61 -12.93 5.37
C LEU B 189 -34.09 -12.83 5.00
N ASP B 190 -34.94 -13.57 5.72
CA ASP B 190 -36.35 -13.55 5.41
C ASP B 190 -37.01 -12.19 5.63
N ASP B 191 -36.36 -11.31 6.38
CA ASP B 191 -36.93 -9.99 6.60
C ASP B 191 -36.90 -9.21 5.29
N PHE B 192 -35.89 -9.46 4.47
CA PHE B 192 -35.77 -8.78 3.18
C PHE B 192 -36.99 -9.10 2.31
N ALA B 193 -37.30 -10.40 2.21
CA ALA B 193 -38.43 -10.86 1.43
C ALA B 193 -39.75 -10.34 2.01
N SER B 194 -39.80 -10.29 3.34
CA SER B 194 -40.99 -9.83 4.03
C SER B 194 -41.28 -8.37 3.69
N VAL B 195 -40.26 -7.52 3.76
CA VAL B 195 -40.39 -6.10 3.46
C VAL B 195 -40.90 -5.82 2.04
N GLN B 196 -40.32 -6.48 1.05
CA GLN B 196 -40.73 -6.31 -0.34
C GLN B 196 -42.17 -6.76 -0.52
N ASN B 197 -42.53 -7.85 0.16
CA ASN B 197 -43.87 -8.41 0.08
C ASN B 197 -44.89 -7.48 0.73
N ILE B 198 -44.56 -6.98 1.92
CA ILE B 198 -45.45 -6.08 2.64
C ILE B 198 -45.71 -4.82 1.82
N ILE B 199 -44.68 -4.29 1.16
CA ILE B 199 -44.85 -3.11 0.33
C ILE B 199 -45.68 -3.40 -0.91
N ASN B 200 -45.50 -4.59 -1.49
CA ASN B 200 -46.25 -4.98 -2.69
C ASN B 200 -47.74 -5.14 -2.43
N ASN B 201 -48.09 -5.46 -1.20
CA ASN B 201 -49.49 -5.64 -0.81
C ASN B 201 -50.09 -4.37 -0.22
N SER B 202 -49.26 -3.35 -0.03
CA SER B 202 -49.73 -2.09 0.54
C SER B 202 -50.46 -1.20 -0.45
N GLU B 203 -51.76 -1.04 -0.23
CA GLU B 203 -52.60 -0.21 -1.08
C GLU B 203 -52.16 1.25 -0.98
N GLU B 204 -51.86 1.70 0.22
CA GLU B 204 -51.44 3.08 0.44
C GLU B 204 -50.09 3.35 -0.20
N PHE B 205 -49.16 2.42 -0.05
CA PHE B 205 -47.85 2.61 -0.62
C PHE B 205 -47.92 2.65 -2.14
N ALA B 206 -48.75 1.80 -2.72
CA ALA B 206 -48.91 1.78 -4.17
C ALA B 206 -49.43 3.14 -4.61
N ALA B 207 -50.24 3.75 -3.76
CA ALA B 207 -50.81 5.06 -4.02
C ALA B 207 -49.73 6.13 -3.91
N ALA B 208 -48.92 6.02 -2.86
CA ALA B 208 -47.83 6.97 -2.64
C ALA B 208 -46.86 6.94 -3.81
N VAL B 209 -46.51 5.73 -4.23
CA VAL B 209 -45.60 5.52 -5.36
C VAL B 209 -46.15 6.09 -6.67
N LYS B 210 -47.45 5.94 -6.88
CA LYS B 210 -48.07 6.43 -8.11
C LYS B 210 -48.01 7.95 -8.24
N LYS B 211 -48.25 8.65 -7.15
CA LYS B 211 -48.21 10.11 -7.17
C LYS B 211 -46.80 10.63 -7.39
N ARG B 212 -45.83 9.73 -7.39
CA ARG B 212 -44.44 10.11 -7.61
C ARG B 212 -43.93 9.66 -8.97
N GLY B 213 -44.84 9.61 -9.94
CA GLY B 213 -44.46 9.24 -11.31
C GLY B 213 -44.29 7.78 -11.66
N ILE B 214 -44.48 6.86 -10.72
CA ILE B 214 -44.31 5.44 -11.03
C ILE B 214 -45.63 4.79 -11.46
N THR B 215 -45.67 4.29 -12.69
CA THR B 215 -46.88 3.64 -13.23
C THR B 215 -47.03 2.21 -12.73
N ASP B 216 -46.06 1.37 -13.05
CA ASP B 216 -46.09 -0.04 -12.64
C ASP B 216 -45.39 -0.21 -11.28
N ALA B 217 -46.19 -0.31 -10.22
CA ALA B 217 -45.66 -0.47 -8.87
C ALA B 217 -44.95 -1.81 -8.67
N LYS B 218 -45.08 -2.71 -9.65
CA LYS B 218 -44.43 -4.01 -9.55
C LYS B 218 -42.92 -3.88 -9.73
N LYS B 219 -42.50 -2.79 -10.37
CA LYS B 219 -41.08 -2.55 -10.62
C LYS B 219 -40.38 -1.81 -9.48
N VAL B 220 -40.96 -1.80 -8.30
CA VAL B 220 -40.35 -1.12 -7.18
C VAL B 220 -39.54 -2.08 -6.30
N ILE B 221 -38.28 -1.75 -6.10
CA ILE B 221 -37.39 -2.57 -5.27
C ILE B 221 -37.20 -1.90 -3.91
N THR B 222 -37.43 -2.65 -2.84
CA THR B 222 -37.29 -2.14 -1.48
C THR B 222 -35.93 -2.53 -0.91
N THR B 223 -35.60 -1.94 0.24
CA THR B 223 -34.37 -2.22 0.97
C THR B 223 -34.68 -2.11 2.46
N PRO B 224 -34.26 -3.12 3.24
CA PRO B 224 -34.48 -3.22 4.70
C PRO B 224 -33.44 -2.44 5.52
N LEU B 225 -33.79 -1.30 6.07
CA LEU B 225 -32.80 -0.54 6.84
C LEU B 225 -33.11 -0.45 8.34
N THR B 226 -32.07 -0.51 9.16
CA THR B 226 -32.27 -0.40 10.60
C THR B 226 -32.63 1.06 10.88
N VAL B 227 -33.41 1.29 11.94
CA VAL B 227 -33.84 2.65 12.29
C VAL B 227 -33.00 3.34 13.36
N GLY B 228 -32.25 2.57 14.13
CA GLY B 228 -31.43 3.17 15.18
C GLY B 228 -32.24 3.55 16.40
N TYR B 229 -31.82 4.60 17.09
CA TYR B 229 -32.53 5.08 18.28
C TYR B 229 -32.46 6.61 18.38
N PHE B 230 -33.61 7.23 18.59
CA PHE B 230 -33.71 8.68 18.68
C PHE B 230 -34.51 9.19 19.87
N ASP B 231 -34.47 8.45 20.98
CA ASP B 231 -35.18 8.84 22.19
C ASP B 231 -36.65 9.18 21.90
N GLY B 232 -37.16 8.67 20.78
CA GLY B 232 -38.55 8.92 20.43
C GLY B 232 -38.77 10.01 19.42
N LYS B 233 -37.76 10.83 19.14
CA LYS B 233 -37.92 11.90 18.17
C LYS B 233 -38.31 11.42 16.79
N ASP B 234 -38.07 10.13 16.51
CA ASP B 234 -38.45 9.57 15.21
C ASP B 234 -39.88 9.07 15.35
N GLY B 235 -40.43 9.24 16.55
CA GLY B 235 -41.80 8.81 16.82
C GLY B 235 -41.97 7.31 16.70
N LEU B 236 -40.93 6.56 17.01
CA LEU B 236 -40.98 5.11 16.90
C LEU B 236 -40.93 4.37 18.23
N LYS B 237 -41.93 3.52 18.43
CA LYS B 237 -42.04 2.70 19.63
C LYS B 237 -40.79 1.85 19.78
N GLN B 238 -40.05 2.07 20.86
CA GLN B 238 -38.81 1.33 21.10
C GLN B 238 -39.02 -0.18 21.16
N ASP B 239 -40.12 -0.59 21.77
CA ASP B 239 -40.46 -2.00 21.93
C ASP B 239 -40.61 -2.84 20.66
N ALA B 240 -41.20 -2.26 19.61
CA ALA B 240 -41.44 -2.99 18.37
C ALA B 240 -40.21 -3.32 17.53
N ARG B 241 -40.31 -4.41 16.76
CA ARG B 241 -39.23 -4.83 15.86
C ARG B 241 -39.53 -4.14 14.51
N LEU B 242 -38.81 -3.06 14.23
CA LEU B 242 -39.05 -2.27 13.03
C LEU B 242 -37.88 -2.14 12.05
N LEU B 243 -38.22 -1.71 10.85
CA LEU B 243 -37.28 -1.47 9.78
C LEU B 243 -37.85 -0.39 8.88
N LYS B 244 -37.00 0.50 8.37
CA LYS B 244 -37.46 1.54 7.46
C LYS B 244 -37.17 1.06 6.05
N VAL B 245 -37.98 1.52 5.10
CA VAL B 245 -37.82 1.09 3.73
C VAL B 245 -37.57 2.22 2.75
N ILE B 246 -36.51 2.09 1.97
CA ILE B 246 -36.13 3.05 0.96
C ILE B 246 -36.32 2.35 -0.38
N SER B 247 -36.97 3.02 -1.31
CA SER B 247 -37.24 2.39 -2.59
C SER B 247 -36.56 2.95 -3.82
N TYR B 248 -36.46 2.08 -4.83
CA TYR B 248 -35.83 2.42 -6.10
C TYR B 248 -36.71 1.85 -7.20
N LEU B 249 -36.51 2.31 -8.42
CA LEU B 249 -37.29 1.83 -9.56
C LEU B 249 -36.43 0.92 -10.46
N ASP B 250 -36.96 -0.25 -10.79
CA ASP B 250 -36.24 -1.18 -11.66
C ASP B 250 -36.47 -0.73 -13.10
N VAL B 251 -35.42 -0.26 -13.74
CA VAL B 251 -35.51 0.20 -15.13
C VAL B 251 -35.00 -0.87 -16.09
N GLY B 252 -34.52 -1.97 -15.54
CA GLY B 252 -34.02 -3.06 -16.36
C GLY B 252 -32.55 -2.96 -16.75
N ASP B 253 -31.81 -2.06 -16.10
CA ASP B 253 -30.39 -1.89 -16.41
C ASP B 253 -29.52 -2.66 -15.40
N GLY B 254 -30.17 -3.48 -14.59
CA GLY B 254 -29.47 -4.28 -13.59
C GLY B 254 -28.88 -3.48 -12.44
N ASN B 255 -29.24 -2.20 -12.37
CA ASN B 255 -28.73 -1.33 -11.32
C ASN B 255 -29.80 -0.37 -10.82
N TYR B 256 -30.69 -0.90 -9.98
CA TYR B 256 -31.78 -0.11 -9.43
C TYR B 256 -31.28 0.99 -8.51
N TRP B 257 -30.07 0.84 -7.97
CA TRP B 257 -29.51 1.86 -7.08
C TRP B 257 -29.43 3.21 -7.77
N ALA B 258 -29.44 3.19 -9.11
CA ALA B 258 -29.35 4.42 -9.89
C ALA B 258 -30.71 5.05 -10.17
N HIS B 259 -31.76 4.59 -9.49
CA HIS B 259 -33.09 5.12 -9.74
C HIS B 259 -33.91 5.27 -8.45
N PRO B 260 -33.42 6.11 -7.54
CA PRO B 260 -34.04 6.38 -6.23
C PRO B 260 -35.40 7.08 -6.30
N ILE B 261 -36.28 6.71 -5.38
CA ILE B 261 -37.60 7.32 -5.27
C ILE B 261 -37.41 8.12 -3.99
N GLU B 262 -36.91 9.34 -4.15
CA GLU B 262 -36.60 10.20 -3.01
C GLU B 262 -37.78 10.74 -2.21
N ASN B 263 -37.54 10.95 -0.91
CA ASN B 263 -38.56 11.50 -0.02
C ASN B 263 -39.77 10.60 0.24
N LEU B 264 -39.54 9.29 0.19
CA LEU B 264 -40.59 8.31 0.46
C LEU B 264 -39.99 7.26 1.38
N VAL B 265 -40.58 7.11 2.56
CA VAL B 265 -40.07 6.15 3.53
C VAL B 265 -41.20 5.43 4.25
N ALA B 266 -41.20 4.11 4.20
CA ALA B 266 -42.24 3.35 4.88
C ALA B 266 -41.61 2.71 6.11
N VAL B 267 -42.37 2.62 7.19
CA VAL B 267 -41.88 1.98 8.41
C VAL B 267 -42.62 0.67 8.56
N VAL B 268 -41.88 -0.44 8.57
CA VAL B 268 -42.51 -1.74 8.70
C VAL B 268 -42.28 -2.44 10.03
N ASP B 269 -43.36 -2.96 10.59
CA ASP B 269 -43.32 -3.69 11.85
C ASP B 269 -43.28 -5.17 11.43
N LEU B 270 -42.15 -5.81 11.65
CA LEU B 270 -41.98 -7.21 11.24
C LEU B 270 -42.92 -8.25 11.82
N GLU B 271 -43.13 -8.26 13.14
CA GLU B 271 -44.04 -9.25 13.70
C GLU B 271 -45.48 -9.02 13.25
N GLN B 272 -45.83 -7.76 13.07
CA GLN B 272 -47.16 -7.39 12.65
C GLN B 272 -47.30 -7.48 11.12
N LYS B 273 -46.16 -7.67 10.45
CA LYS B 273 -46.12 -7.76 8.99
C LYS B 273 -47.01 -6.72 8.31
N LYS B 274 -46.79 -5.46 8.65
CA LYS B 274 -47.60 -4.38 8.12
C LYS B 274 -46.87 -3.04 8.14
N ILE B 275 -47.23 -2.15 7.23
CA ILE B 275 -46.63 -0.82 7.18
C ILE B 275 -47.32 0.02 8.26
N VAL B 276 -46.56 0.40 9.29
CA VAL B 276 -47.12 1.17 10.38
C VAL B 276 -46.96 2.69 10.23
N LYS B 277 -46.29 3.11 9.15
CA LYS B 277 -46.08 4.52 8.93
C LYS B 277 -45.43 4.78 7.57
N ILE B 278 -45.81 5.90 6.95
CA ILE B 278 -45.27 6.29 5.65
C ILE B 278 -44.93 7.78 5.70
N GLU B 279 -43.64 8.11 5.71
CA GLU B 279 -43.25 9.52 5.74
C GLU B 279 -43.04 9.97 4.30
N GLU B 280 -43.64 11.12 3.95
CA GLU B 280 -43.52 11.62 2.59
C GLU B 280 -42.91 13.02 2.56
N GLY B 281 -42.14 13.30 1.52
CA GLY B 281 -41.52 14.59 1.36
C GLY B 281 -41.80 15.09 -0.04
N PRO B 282 -41.11 16.14 -0.49
CA PRO B 282 -41.32 16.69 -1.83
C PRO B 282 -41.14 15.65 -2.93
N VAL B 283 -42.00 15.70 -3.93
CA VAL B 283 -41.93 14.76 -5.03
C VAL B 283 -40.76 15.14 -5.94
N VAL B 284 -39.88 14.16 -6.17
CA VAL B 284 -38.71 14.36 -7.01
C VAL B 284 -38.73 13.35 -8.15
N PRO B 285 -38.70 13.83 -9.40
CA PRO B 285 -38.72 12.94 -10.56
C PRO B 285 -37.63 11.87 -10.46
N VAL B 286 -38.00 10.62 -10.67
CA VAL B 286 -37.07 9.52 -10.59
C VAL B 286 -36.04 9.52 -11.71
N PRO B 287 -34.74 9.42 -11.36
CA PRO B 287 -33.68 9.40 -12.37
C PRO B 287 -33.94 8.14 -13.21
N MET B 288 -34.19 8.32 -14.49
CA MET B 288 -34.54 7.22 -15.39
C MET B 288 -33.44 6.64 -16.29
N THR B 289 -32.50 7.46 -16.72
CA THR B 289 -31.44 7.01 -17.61
C THR B 289 -30.75 5.72 -17.16
N ALA B 290 -30.62 4.77 -18.08
CA ALA B 290 -29.99 3.50 -17.77
C ALA B 290 -28.53 3.71 -17.41
N ARG B 291 -28.10 3.13 -16.30
CA ARG B 291 -26.72 3.26 -15.85
C ARG B 291 -26.16 1.93 -15.36
N PRO B 292 -26.11 0.93 -16.26
CA PRO B 292 -25.60 -0.41 -15.94
C PRO B 292 -24.11 -0.39 -15.60
N PHE B 293 -23.70 -1.26 -14.67
CA PHE B 293 -22.31 -1.34 -14.30
C PHE B 293 -21.67 -2.66 -14.70
N ASP B 294 -22.44 -3.56 -15.30
CA ASP B 294 -21.89 -4.87 -15.69
C ASP B 294 -21.26 -4.96 -17.06
N GLY B 295 -21.12 -3.82 -17.74
CA GLY B 295 -20.50 -3.82 -19.06
C GLY B 295 -21.36 -4.17 -20.26
N ARG B 296 -22.63 -4.49 -20.05
CA ARG B 296 -23.51 -4.86 -21.16
C ARG B 296 -23.45 -3.84 -22.31
N ASP B 297 -23.31 -2.56 -21.97
CA ASP B 297 -23.26 -1.49 -22.95
C ASP B 297 -21.85 -1.05 -23.29
N ARG B 298 -20.85 -1.82 -22.86
CA ARG B 298 -19.46 -1.44 -23.08
C ARG B 298 -18.71 -2.34 -24.04
N VAL B 299 -17.59 -1.82 -24.55
CA VAL B 299 -16.73 -2.57 -25.45
C VAL B 299 -15.66 -3.25 -24.61
N ALA B 300 -15.41 -4.52 -24.90
CA ALA B 300 -14.40 -5.27 -24.17
C ALA B 300 -13.02 -5.02 -24.77
N PRO B 301 -12.15 -4.31 -24.04
CA PRO B 301 -10.79 -3.99 -24.49
C PRO B 301 -9.91 -5.24 -24.51
N ALA B 302 -9.06 -5.37 -25.53
CA ALA B 302 -8.16 -6.51 -25.61
C ALA B 302 -7.01 -6.25 -24.68
N VAL B 303 -6.63 -7.26 -23.90
CA VAL B 303 -5.53 -7.13 -22.96
C VAL B 303 -4.69 -8.39 -23.02
N LYS B 304 -3.38 -8.24 -22.88
CA LYS B 304 -2.51 -9.40 -22.91
C LYS B 304 -2.55 -10.12 -21.56
N PRO B 305 -2.47 -11.45 -21.59
CA PRO B 305 -2.51 -12.28 -20.38
C PRO B 305 -1.34 -12.10 -19.41
N MET B 306 -1.66 -12.23 -18.13
CA MET B 306 -0.65 -12.13 -17.07
C MET B 306 -0.98 -13.19 -16.01
N GLN B 307 -0.04 -14.09 -15.78
CA GLN B 307 -0.29 -15.13 -14.79
C GLN B 307 0.79 -15.15 -13.72
N ILE B 308 0.36 -15.35 -12.48
CA ILE B 308 1.30 -15.47 -11.39
C ILE B 308 1.23 -16.97 -11.11
N ILE B 309 2.35 -17.66 -11.30
CA ILE B 309 2.37 -19.10 -11.11
C ILE B 309 3.40 -19.62 -10.12
N GLU B 310 3.04 -20.76 -9.52
CA GLU B 310 3.86 -21.48 -8.55
C GLU B 310 3.75 -22.94 -8.99
N PRO B 311 4.50 -23.30 -10.05
CA PRO B 311 4.54 -24.64 -10.66
C PRO B 311 4.91 -25.83 -9.79
N GLU B 312 5.56 -25.60 -8.66
CA GLU B 312 5.94 -26.69 -7.77
C GLU B 312 5.10 -26.72 -6.49
N GLY B 313 4.01 -25.95 -6.46
CA GLY B 313 3.17 -25.91 -5.27
C GLY B 313 3.41 -24.67 -4.44
N LYS B 314 2.74 -24.59 -3.30
CA LYS B 314 2.84 -23.44 -2.40
C LYS B 314 3.86 -23.63 -1.28
N ASN B 315 4.19 -22.54 -0.60
CA ASN B 315 5.13 -22.57 0.51
C ASN B 315 4.38 -22.77 1.83
N TYR B 316 3.07 -22.64 1.78
CA TYR B 316 2.26 -22.83 2.98
C TYR B 316 1.54 -24.17 2.90
N THR B 317 1.12 -24.70 4.04
CA THR B 317 0.41 -25.96 4.09
C THR B 317 -0.82 -25.72 4.96
N ILE B 318 -1.94 -26.30 4.58
CA ILE B 318 -3.18 -26.12 5.31
C ILE B 318 -3.64 -27.46 5.88
N THR B 319 -3.43 -27.65 7.18
CA THR B 319 -3.81 -28.88 7.86
C THR B 319 -5.09 -28.62 8.63
N GLY B 320 -6.20 -29.09 8.09
CA GLY B 320 -7.48 -28.82 8.73
C GLY B 320 -7.67 -27.33 8.53
N ASP B 321 -7.79 -26.58 9.61
CA ASP B 321 -7.94 -25.14 9.51
C ASP B 321 -6.67 -24.40 9.90
N MET B 322 -5.61 -25.12 10.19
CA MET B 322 -4.37 -24.47 10.54
C MET B 322 -3.43 -24.23 9.36
N ILE B 323 -2.90 -23.01 9.30
CA ILE B 323 -2.01 -22.64 8.22
C ILE B 323 -0.60 -22.47 8.74
N HIS B 324 0.36 -23.04 8.00
CA HIS B 324 1.76 -22.96 8.32
C HIS B 324 2.43 -22.31 7.10
N TRP B 325 3.24 -21.28 7.35
CA TRP B 325 3.91 -20.58 6.28
C TRP B 325 5.16 -19.95 6.86
N ARG B 326 6.32 -20.42 6.40
CA ARG B 326 7.59 -19.92 6.90
C ARG B 326 7.60 -19.98 8.44
N ASN B 327 7.82 -18.85 9.12
CA ASN B 327 7.83 -18.85 10.59
C ASN B 327 6.47 -18.67 11.24
N TRP B 328 5.42 -18.48 10.45
CA TRP B 328 4.09 -18.31 11.02
C TRP B 328 3.30 -19.60 11.16
N ASP B 329 2.40 -19.58 12.15
CA ASP B 329 1.50 -20.68 12.45
C ASP B 329 0.25 -20.05 13.04
N PHE B 330 -0.90 -20.33 12.42
CA PHE B 330 -2.15 -19.82 12.93
C PHE B 330 -3.33 -20.66 12.51
N HIS B 331 -4.46 -20.41 13.16
CA HIS B 331 -5.68 -21.14 12.89
C HIS B 331 -6.68 -20.15 12.32
N LEU B 332 -7.35 -20.55 11.26
CA LEU B 332 -8.31 -19.69 10.57
C LEU B 332 -9.70 -20.32 10.53
N SER B 333 -10.67 -19.63 11.12
CA SER B 333 -12.05 -20.12 11.12
C SER B 333 -13.03 -19.03 10.68
N MET B 334 -14.30 -19.40 10.55
CA MET B 334 -15.32 -18.49 10.10
C MET B 334 -16.48 -18.31 11.07
N ASN B 335 -16.88 -17.06 11.29
CA ASN B 335 -18.00 -16.72 12.17
C ASN B 335 -19.05 -16.01 11.32
N SER B 336 -20.32 -16.34 11.53
CA SER B 336 -21.41 -15.75 10.74
C SER B 336 -21.61 -14.24 10.94
N ARG B 337 -21.10 -13.71 12.05
CA ARG B 337 -21.26 -12.29 12.33
C ARG B 337 -20.09 -11.44 11.84
N VAL B 338 -18.91 -11.68 12.42
CA VAL B 338 -17.72 -10.91 12.04
C VAL B 338 -16.87 -11.49 10.91
N GLY B 339 -17.18 -12.70 10.47
CA GLY B 339 -16.40 -13.30 9.39
C GLY B 339 -15.21 -14.10 9.86
N PRO B 340 -14.06 -13.99 9.17
CA PRO B 340 -12.84 -14.72 9.52
C PRO B 340 -12.25 -14.41 10.90
N MET B 341 -11.72 -15.45 11.53
CA MET B 341 -11.08 -15.33 12.84
C MET B 341 -9.70 -15.98 12.81
N ILE B 342 -8.68 -15.18 13.10
CA ILE B 342 -7.28 -15.61 13.11
C ILE B 342 -6.92 -15.94 14.56
N SER B 343 -6.63 -17.21 14.83
CA SER B 343 -6.33 -17.59 16.21
C SER B 343 -4.97 -18.26 16.44
N THR B 344 -4.58 -18.33 17.71
CA THR B 344 -3.30 -18.92 18.12
C THR B 344 -2.19 -18.67 17.12
N VAL B 345 -1.84 -17.40 16.96
CA VAL B 345 -0.79 -16.98 16.04
C VAL B 345 0.57 -16.96 16.72
N THR B 346 1.50 -17.78 16.24
CA THR B 346 2.83 -17.80 16.79
C THR B 346 3.86 -17.57 15.70
N TYR B 347 5.05 -17.16 16.12
CA TYR B 347 6.14 -16.95 15.19
C TYR B 347 7.28 -17.84 15.69
N ASN B 348 7.75 -18.73 14.83
CA ASN B 348 8.82 -19.64 15.19
C ASN B 348 10.16 -18.93 15.17
N ASP B 349 10.68 -18.66 16.36
CA ASP B 349 11.96 -17.98 16.51
C ASP B 349 13.06 -19.03 16.68
N ASN B 350 13.75 -19.34 15.59
CA ASN B 350 14.82 -20.33 15.60
C ASN B 350 14.50 -21.55 16.46
N GLY B 351 13.35 -22.15 16.23
CA GLY B 351 12.98 -23.33 16.99
C GLY B 351 11.95 -23.15 18.09
N THR B 352 11.78 -21.92 18.57
CA THR B 352 10.82 -21.68 19.65
C THR B 352 9.61 -20.87 19.17
N LYS B 353 8.42 -21.47 19.30
CA LYS B 353 7.18 -20.80 18.90
C LYS B 353 6.78 -19.78 19.94
N ARG B 354 6.94 -18.51 19.61
CA ARG B 354 6.58 -17.42 20.53
C ARG B 354 5.18 -16.90 20.23
N LYS B 355 4.41 -16.66 21.28
CA LYS B 355 3.05 -16.16 21.14
C LYS B 355 3.03 -14.74 20.56
N VAL B 356 2.02 -14.47 19.74
CA VAL B 356 1.88 -13.13 19.18
C VAL B 356 0.45 -12.66 19.40
N MET B 357 -0.51 -13.38 18.84
CA MET B 357 -1.90 -13.03 18.96
C MET B 357 -2.76 -14.26 19.21
N TYR B 358 -3.52 -14.24 20.30
CA TYR B 358 -4.37 -15.38 20.62
C TYR B 358 -5.63 -15.39 19.75
N GLU B 359 -6.12 -14.21 19.41
CA GLU B 359 -7.35 -14.13 18.65
C GLU B 359 -7.51 -12.75 18.02
N GLY B 360 -7.74 -12.72 16.72
CA GLY B 360 -7.92 -11.47 16.00
C GLY B 360 -9.04 -11.59 14.99
N SER B 361 -9.73 -10.49 14.72
CA SER B 361 -10.82 -10.51 13.76
C SER B 361 -11.43 -9.14 13.68
N LEU B 362 -12.34 -8.96 12.74
CA LEU B 362 -13.04 -7.70 12.61
C LEU B 362 -13.78 -7.56 13.93
N GLY B 363 -13.87 -6.34 14.45
CA GLY B 363 -14.59 -6.14 15.69
C GLY B 363 -16.01 -5.76 15.30
N GLY B 364 -16.12 -4.70 14.53
CA GLY B 364 -17.40 -4.20 14.05
C GLY B 364 -17.13 -2.98 13.21
N MET B 365 -18.15 -2.48 12.52
CA MET B 365 -17.97 -1.31 11.69
C MET B 365 -19.25 -0.49 11.61
N ILE B 366 -19.10 0.78 11.24
CA ILE B 366 -20.25 1.66 11.12
C ILE B 366 -20.09 2.59 9.93
N VAL B 367 -21.19 2.81 9.23
CA VAL B 367 -21.20 3.69 8.06
C VAL B 367 -22.34 4.68 8.23
N PRO B 368 -22.08 5.80 8.92
CA PRO B 368 -23.04 6.87 9.20
C PRO B 368 -23.09 7.95 8.11
N TYR B 369 -24.29 8.33 7.70
CA TYR B 369 -24.46 9.39 6.70
C TYR B 369 -24.66 10.72 7.38
N GLY B 370 -24.53 11.81 6.63
CA GLY B 370 -24.67 13.12 7.22
C GLY B 370 -25.75 14.01 6.64
N ASP B 371 -26.78 13.41 6.04
CA ASP B 371 -27.88 14.16 5.45
C ASP B 371 -29.07 14.12 6.42
N PRO B 372 -29.63 15.29 6.76
CA PRO B 372 -30.77 15.42 7.66
C PRO B 372 -32.15 15.02 7.14
N ASP B 373 -32.32 14.95 5.82
CA ASP B 373 -33.63 14.62 5.28
C ASP B 373 -34.22 13.27 5.69
N ILE B 374 -35.52 13.13 5.48
CA ILE B 374 -36.29 11.93 5.86
C ILE B 374 -35.74 10.57 5.43
N GLY B 375 -35.18 10.50 4.23
CA GLY B 375 -34.66 9.23 3.75
C GLY B 375 -33.20 9.03 4.10
N TRP B 376 -32.65 9.85 4.98
CA TRP B 376 -31.23 9.73 5.33
C TRP B 376 -30.82 9.90 6.79
N TYR B 377 -31.55 10.73 7.53
CA TYR B 377 -31.19 11.03 8.92
C TYR B 377 -30.92 9.86 9.87
N PHE B 378 -31.64 8.75 9.68
CA PHE B 378 -31.50 7.57 10.54
C PHE B 378 -30.42 6.58 10.04
N LYS B 379 -30.00 6.79 8.80
CA LYS B 379 -29.04 5.91 8.14
C LYS B 379 -27.62 5.86 8.73
N ALA B 380 -27.38 4.88 9.59
CA ALA B 380 -26.08 4.67 10.24
C ALA B 380 -25.90 3.16 10.41
N TYR B 381 -25.37 2.51 9.38
CA TYR B 381 -25.20 1.07 9.38
C TYR B 381 -24.08 0.41 10.19
N LEU B 382 -24.43 -0.70 10.82
CA LEU B 382 -23.51 -1.54 11.60
C LEU B 382 -23.64 -2.87 10.87
N ASP B 383 -23.03 -2.93 9.70
CA ASP B 383 -23.07 -4.09 8.82
C ASP B 383 -22.87 -5.48 9.43
N SER B 384 -21.81 -5.66 10.21
CA SER B 384 -21.58 -6.98 10.80
C SER B 384 -22.60 -7.27 11.91
N GLY B 385 -22.83 -6.29 12.77
CA GLY B 385 -23.77 -6.46 13.86
C GLY B 385 -25.24 -6.61 13.48
N ASP B 386 -25.73 -5.75 12.59
CA ASP B 386 -27.14 -5.84 12.19
C ASP B 386 -27.42 -6.71 10.99
N TYR B 387 -26.40 -7.08 10.23
CA TYR B 387 -26.64 -7.92 9.07
C TYR B 387 -25.90 -9.24 9.01
N GLY B 388 -24.78 -9.34 9.72
CA GLY B 388 -24.03 -10.59 9.70
C GLY B 388 -23.19 -10.71 8.45
N MET B 389 -22.00 -10.13 8.46
CA MET B 389 -21.15 -10.15 7.29
C MET B 389 -20.61 -11.52 6.94
N GLY B 390 -20.47 -12.39 7.93
CA GLY B 390 -19.99 -13.74 7.65
C GLY B 390 -21.04 -14.44 6.79
N THR B 391 -22.30 -14.22 7.14
CA THR B 391 -23.42 -14.82 6.42
C THR B 391 -23.54 -14.25 5.00
N LEU B 392 -23.21 -12.98 4.83
CA LEU B 392 -23.29 -12.33 3.53
C LEU B 392 -21.98 -12.36 2.75
N THR B 393 -21.08 -13.26 3.13
CA THR B 393 -19.82 -13.38 2.43
C THR B 393 -20.09 -13.52 0.93
N SER B 394 -19.24 -12.88 0.11
CA SER B 394 -19.37 -12.96 -1.34
C SER B 394 -18.27 -13.87 -1.89
N PRO B 395 -18.66 -14.96 -2.56
CA PRO B 395 -17.66 -15.88 -3.11
C PRO B 395 -16.61 -15.16 -3.97
N ILE B 396 -15.34 -15.45 -3.72
CA ILE B 396 -14.24 -14.84 -4.44
C ILE B 396 -14.28 -15.19 -5.94
N ALA B 397 -14.16 -14.17 -6.79
CA ALA B 397 -14.14 -14.40 -8.23
C ALA B 397 -12.68 -14.75 -8.54
N ARG B 398 -12.46 -16.03 -8.79
CA ARG B 398 -11.13 -16.55 -9.07
C ARG B 398 -10.37 -15.71 -10.10
N GLY B 399 -9.17 -15.28 -9.75
CA GLY B 399 -8.35 -14.50 -10.67
C GLY B 399 -8.64 -13.00 -10.74
N LYS B 400 -9.80 -12.59 -10.24
CA LYS B 400 -10.16 -11.18 -10.27
C LYS B 400 -10.19 -10.56 -8.87
N ASP B 401 -10.94 -11.16 -7.95
CA ASP B 401 -11.01 -10.64 -6.60
C ASP B 401 -9.76 -11.04 -5.83
N ALA B 402 -9.00 -11.97 -6.38
CA ALA B 402 -7.76 -12.44 -5.78
C ALA B 402 -6.84 -12.83 -6.93
N PRO B 403 -5.52 -12.71 -6.74
CA PRO B 403 -4.59 -13.07 -7.82
C PRO B 403 -4.75 -14.52 -8.26
N SER B 404 -4.37 -14.79 -9.50
CA SER B 404 -4.47 -16.13 -10.08
C SER B 404 -3.68 -17.22 -9.34
N ASN B 405 -2.79 -16.84 -8.42
CA ASN B 405 -2.00 -17.84 -7.69
C ASN B 405 -2.56 -18.09 -6.30
N ALA B 406 -3.84 -17.79 -6.13
CA ALA B 406 -4.51 -17.96 -4.84
C ALA B 406 -5.14 -19.33 -4.66
N VAL B 407 -5.35 -19.69 -3.40
CA VAL B 407 -6.00 -20.93 -3.02
C VAL B 407 -7.29 -20.46 -2.36
N LEU B 408 -8.43 -20.96 -2.83
CA LEU B 408 -9.73 -20.53 -2.31
C LEU B 408 -10.34 -21.57 -1.37
N LEU B 409 -10.64 -21.16 -0.14
CA LEU B 409 -11.21 -22.04 0.87
C LEU B 409 -12.73 -21.96 0.95
N ASN B 410 -13.36 -23.08 1.28
CA ASN B 410 -14.80 -23.07 1.46
C ASN B 410 -15.00 -23.00 2.97
N GLU B 411 -16.10 -22.40 3.41
CA GLU B 411 -16.39 -22.27 4.83
C GLU B 411 -17.85 -22.61 5.09
N THR B 412 -18.12 -23.20 6.24
CA THR B 412 -19.47 -23.59 6.60
C THR B 412 -20.00 -22.92 7.86
N ILE B 413 -21.20 -22.38 7.76
CA ILE B 413 -21.88 -21.72 8.87
C ILE B 413 -23.35 -22.15 8.81
N ALA B 414 -24.14 -21.68 9.76
CA ALA B 414 -25.56 -22.00 9.80
C ALA B 414 -26.37 -20.82 9.28
N ASP B 415 -27.43 -21.09 8.52
CA ASP B 415 -28.26 -20.00 8.00
C ASP B 415 -29.25 -19.65 9.14
N TYR B 416 -30.18 -18.73 8.89
CA TYR B 416 -31.10 -18.34 9.96
C TYR B 416 -32.07 -19.42 10.40
N THR B 417 -32.29 -20.44 9.58
CA THR B 417 -33.22 -21.52 9.96
C THR B 417 -32.48 -22.69 10.62
N GLY B 418 -31.20 -22.51 10.91
CA GLY B 418 -30.43 -23.56 11.56
C GLY B 418 -29.87 -24.65 10.67
N VAL B 419 -30.00 -24.47 9.35
CA VAL B 419 -29.48 -25.45 8.40
C VAL B 419 -28.05 -25.13 7.96
N PRO B 420 -27.14 -26.13 8.00
CA PRO B 420 -25.75 -25.93 7.59
C PRO B 420 -25.66 -25.31 6.19
N MET B 421 -24.76 -24.33 6.06
CA MET B 421 -24.59 -23.59 4.82
C MET B 421 -23.11 -23.49 4.42
N GLU B 422 -22.74 -24.03 3.25
CA GLU B 422 -21.36 -23.95 2.81
C GLU B 422 -21.16 -22.79 1.83
N ILE B 423 -20.24 -21.90 2.16
CA ILE B 423 -19.95 -20.76 1.32
C ILE B 423 -18.75 -21.12 0.45
N PRO B 424 -18.95 -21.21 -0.87
CA PRO B 424 -17.86 -21.55 -1.79
C PRO B 424 -16.92 -20.36 -1.96
N ARG B 425 -15.63 -20.64 -2.07
CA ARG B 425 -14.64 -19.58 -2.27
C ARG B 425 -14.86 -18.44 -1.27
N ALA B 426 -15.05 -18.81 0.00
CA ALA B 426 -15.30 -17.86 1.07
C ALA B 426 -14.09 -17.02 1.47
N ILE B 427 -12.92 -17.65 1.46
CA ILE B 427 -11.69 -16.96 1.85
C ILE B 427 -10.56 -17.31 0.90
N ALA B 428 -9.77 -16.31 0.53
CA ALA B 428 -8.64 -16.52 -0.37
C ALA B 428 -7.33 -16.43 0.39
N VAL B 429 -6.43 -17.36 0.09
CA VAL B 429 -5.11 -17.39 0.70
C VAL B 429 -4.12 -17.30 -0.46
N PHE B 430 -3.15 -16.41 -0.34
CA PHE B 430 -2.16 -16.30 -1.40
C PHE B 430 -0.91 -15.57 -0.98
N GLU B 431 0.21 -16.02 -1.51
CA GLU B 431 1.51 -15.41 -1.22
C GLU B 431 1.73 -14.41 -2.34
N ARG B 432 2.44 -13.33 -2.06
CA ARG B 432 2.70 -12.34 -3.09
C ARG B 432 4.05 -11.66 -2.93
N TYR B 433 4.62 -11.27 -4.08
CA TYR B 433 5.89 -10.56 -4.13
C TYR B 433 5.54 -9.18 -3.63
N ALA B 434 6.39 -8.59 -2.80
CA ALA B 434 6.10 -7.25 -2.27
C ALA B 434 7.34 -6.38 -2.27
N GLY B 435 8.06 -6.40 -3.39
CA GLY B 435 9.29 -5.61 -3.50
C GLY B 435 10.41 -6.23 -2.69
N PRO B 436 11.55 -5.55 -2.55
CA PRO B 436 12.70 -6.04 -1.79
C PRO B 436 12.48 -6.00 -0.28
N GLU B 437 12.75 -7.13 0.38
CA GLU B 437 12.63 -7.23 1.83
C GLU B 437 13.58 -6.19 2.43
N TYR B 438 14.80 -6.15 1.88
CA TYR B 438 15.81 -5.19 2.28
C TYR B 438 16.87 -5.14 1.18
N LYS B 439 17.64 -4.07 1.14
CA LYS B 439 18.65 -3.92 0.11
C LYS B 439 19.74 -2.93 0.47
N HIS B 440 20.95 -3.24 0.01
CA HIS B 440 22.06 -2.33 0.20
C HIS B 440 23.11 -2.58 -0.86
N GLN B 441 23.33 -1.54 -1.66
CA GLN B 441 24.30 -1.56 -2.72
C GLN B 441 25.49 -0.72 -2.25
N GLU B 442 26.45 -1.36 -1.59
CA GLU B 442 27.63 -0.66 -1.12
C GLU B 442 28.41 -0.30 -2.39
N MET B 443 28.84 0.94 -2.49
CA MET B 443 29.56 1.39 -3.67
C MET B 443 30.78 0.53 -3.99
N GLY B 444 30.89 0.10 -5.25
CA GLY B 444 32.02 -0.72 -5.66
C GLY B 444 32.03 -2.13 -5.11
N GLN B 445 30.92 -2.55 -4.51
CA GLN B 445 30.82 -3.89 -3.94
C GLN B 445 29.64 -4.65 -4.56
N PRO B 446 29.63 -5.99 -4.43
CA PRO B 446 28.53 -6.76 -5.00
C PRO B 446 27.23 -6.34 -4.29
N ASN B 447 26.13 -6.26 -5.02
CA ASN B 447 24.87 -5.87 -4.43
C ASN B 447 24.29 -6.90 -3.45
N VAL B 448 23.43 -6.44 -2.56
CA VAL B 448 22.75 -7.32 -1.60
C VAL B 448 21.26 -6.99 -1.63
N SER B 449 20.44 -7.96 -2.04
CA SER B 449 19.00 -7.76 -2.10
C SER B 449 18.28 -9.09 -1.87
N THR B 450 17.12 -9.02 -1.24
CA THR B 450 16.32 -10.21 -1.02
C THR B 450 14.89 -9.76 -1.28
N GLU B 451 14.07 -10.66 -1.82
CA GLU B 451 12.70 -10.27 -2.10
C GLU B 451 11.79 -10.46 -0.90
N ARG B 452 10.77 -9.61 -0.81
CA ARG B 452 9.81 -9.69 0.26
C ARG B 452 8.61 -10.52 -0.16
N ARG B 453 8.12 -11.32 0.76
CA ARG B 453 6.94 -12.14 0.52
C ARG B 453 5.94 -11.88 1.64
N GLU B 454 4.68 -11.73 1.26
CA GLU B 454 3.62 -11.52 2.23
C GLU B 454 2.61 -12.63 1.98
N LEU B 455 1.99 -13.12 3.04
CA LEU B 455 0.97 -14.15 2.90
C LEU B 455 -0.33 -13.40 3.18
N VAL B 456 -1.20 -13.31 2.17
CA VAL B 456 -2.47 -12.61 2.34
C VAL B 456 -3.67 -13.53 2.53
N VAL B 457 -4.53 -13.17 3.50
CA VAL B 457 -5.76 -13.92 3.78
C VAL B 457 -6.89 -12.92 3.51
N ARG B 458 -7.56 -13.10 2.37
CA ARG B 458 -8.62 -12.17 1.96
C ARG B 458 -10.04 -12.71 2.06
N TRP B 459 -10.93 -11.84 2.53
CA TRP B 459 -12.33 -12.14 2.70
C TRP B 459 -13.16 -10.94 2.26
N ILE B 460 -14.21 -11.21 1.52
CA ILE B 460 -15.10 -10.16 1.02
C ILE B 460 -16.53 -10.41 1.45
N SER B 461 -17.20 -9.35 1.92
CA SER B 461 -18.59 -9.43 2.36
C SER B 461 -19.37 -8.28 1.75
N THR B 462 -20.54 -8.57 1.20
CA THR B 462 -21.38 -7.55 0.58
C THR B 462 -22.71 -7.41 1.33
N VAL B 463 -23.00 -6.20 1.79
CA VAL B 463 -24.21 -5.93 2.53
C VAL B 463 -25.01 -4.84 1.80
N GLY B 464 -25.91 -5.27 0.92
CA GLY B 464 -26.70 -4.31 0.16
C GLY B 464 -25.94 -3.78 -1.04
N ASN B 465 -25.58 -2.51 -1.01
CA ASN B 465 -24.86 -1.86 -2.11
C ASN B 465 -23.35 -1.81 -1.90
N TYQ B 466 -22.91 -2.01 -0.66
CA TYQ B 466 -21.48 -1.97 -0.34
C TYQ B 466 -20.81 -3.33 -0.42
O TYQ B 466 -21.41 -4.34 -0.02
CB TYQ B 466 -21.27 -1.46 1.10
CG TYQ B 466 -22.10 -0.26 1.48
CD1 TYQ B 466 -21.75 1.04 1.06
CD2 TYQ B 466 -23.25 -0.43 2.24
CE1 TYQ B 466 -22.54 2.12 1.40
CE2 TYQ B 466 -24.03 0.65 2.57
CZ TYQ B 466 -23.68 1.93 2.16
OZ TYQ B 466 -20.63 1.23 0.30
N5 TYQ B 466 -25.26 0.45 3.34
OH TYQ B 466 -24.48 2.98 2.51
N ASP B 467 -19.59 -3.35 -0.92
CA ASP B 467 -18.78 -4.57 -1.01
C ASP B 467 -17.49 -4.26 -0.24
N TYR B 468 -17.26 -5.00 0.84
CA TYR B 468 -16.09 -4.78 1.66
C TYR B 468 -15.07 -5.91 1.54
N ILE B 469 -13.80 -5.53 1.52
CA ILE B 469 -12.70 -6.48 1.38
C ILE B 469 -11.73 -6.37 2.56
N PHE B 470 -11.43 -7.50 3.20
CA PHE B 470 -10.49 -7.49 4.32
C PHE B 470 -9.30 -8.40 4.06
N ASP B 471 -8.10 -7.86 4.25
CA ASP B 471 -6.87 -8.62 4.06
C ASP B 471 -6.09 -8.68 5.37
N TRP B 472 -5.67 -9.89 5.75
CA TRP B 472 -4.87 -10.07 6.94
C TRP B 472 -3.53 -10.48 6.35
N ILE B 473 -2.59 -9.55 6.42
CA ILE B 473 -1.27 -9.70 5.83
C ILE B 473 -0.13 -10.09 6.77
N PHE B 474 0.36 -11.32 6.62
CA PHE B 474 1.46 -11.79 7.44
C PHE B 474 2.78 -11.59 6.70
N HIS B 475 3.59 -10.64 7.18
CA HIS B 475 4.90 -10.41 6.56
C HIS B 475 5.88 -11.42 7.10
N GLU B 476 6.79 -11.87 6.25
CA GLU B 476 7.79 -12.83 6.66
C GLU B 476 8.63 -12.29 7.82
N ASN B 477 8.79 -10.97 7.90
CA ASN B 477 9.63 -10.38 8.95
C ASN B 477 8.98 -10.15 10.31
N GLY B 478 7.78 -10.68 10.52
CA GLY B 478 7.11 -10.53 11.81
C GLY B 478 5.98 -9.52 11.81
N THR B 479 5.99 -8.61 10.85
CA THR B 479 4.95 -7.61 10.75
C THR B 479 3.63 -8.22 10.32
N ILE B 480 2.54 -7.64 10.80
CA ILE B 480 1.21 -8.09 10.46
C ILE B 480 0.42 -6.87 10.00
N GLY B 481 -0.12 -6.94 8.79
CA GLY B 481 -0.90 -5.84 8.28
C GLY B 481 -2.36 -6.22 8.20
N ILE B 482 -3.25 -5.23 8.24
CA ILE B 482 -4.68 -5.46 8.13
C ILE B 482 -5.26 -4.30 7.34
N ASP B 483 -5.71 -4.56 6.12
CA ASP B 483 -6.28 -3.49 5.30
C ASP B 483 -7.74 -3.73 5.03
N ALA B 484 -8.46 -2.66 4.78
CA ALA B 484 -9.89 -2.76 4.49
C ALA B 484 -10.12 -2.02 3.19
N GLY B 485 -10.77 -2.69 2.25
CA GLY B 485 -11.08 -2.08 0.97
C GLY B 485 -12.57 -1.89 0.81
N ALA B 486 -12.96 -0.81 0.14
CA ALA B 486 -14.37 -0.51 -0.06
C ALA B 486 -14.68 -0.25 -1.52
N THR B 487 -15.71 -0.91 -2.02
CA THR B 487 -16.14 -0.74 -3.41
C THR B 487 -17.65 -1.02 -3.46
N GLY B 488 -18.19 -1.19 -4.65
CA GLY B 488 -19.62 -1.44 -4.75
C GLY B 488 -20.36 -0.26 -5.38
N ILE B 489 -21.63 -0.10 -5.04
CA ILE B 489 -22.44 0.98 -5.61
C ILE B 489 -22.85 1.97 -4.53
N GLU B 490 -22.72 3.26 -4.81
CA GLU B 490 -23.10 4.29 -3.84
C GLU B 490 -24.59 4.49 -3.64
N ALA B 491 -24.94 4.84 -2.41
CA ALA B 491 -26.32 5.13 -2.06
C ALA B 491 -26.47 6.59 -2.46
N VAL B 492 -27.25 6.84 -3.51
CA VAL B 492 -27.44 8.20 -3.97
C VAL B 492 -28.80 8.80 -3.62
N LYS B 493 -28.88 10.12 -3.78
CA LYS B 493 -30.09 10.86 -3.48
C LYS B 493 -30.59 11.47 -4.79
N GLY B 494 -31.89 11.35 -5.02
CA GLY B 494 -32.45 11.91 -6.24
C GLY B 494 -32.64 13.41 -6.06
N VAL B 495 -32.19 14.20 -7.02
CA VAL B 495 -32.34 15.64 -6.95
C VAL B 495 -32.82 16.18 -8.28
N LYS B 496 -33.28 17.42 -8.30
CA LYS B 496 -33.78 18.03 -9.53
C LYS B 496 -32.70 18.56 -10.45
N ALA B 497 -31.58 19.00 -9.88
CA ALA B 497 -30.49 19.54 -10.70
C ALA B 497 -29.80 18.51 -11.56
N LYS B 498 -29.48 18.90 -12.79
CA LYS B 498 -28.77 18.04 -13.72
C LYS B 498 -27.29 18.41 -13.73
N THR B 499 -27.02 19.70 -13.48
CA THR B 499 -25.65 20.21 -13.44
C THR B 499 -25.58 21.21 -12.30
N MET B 500 -24.37 21.66 -11.97
CA MET B 500 -24.20 22.62 -10.91
C MET B 500 -24.74 24.00 -11.31
N HIS B 501 -25.16 24.13 -12.56
CA HIS B 501 -25.69 25.40 -13.02
C HIS B 501 -27.18 25.56 -12.76
N ASP B 502 -27.86 24.47 -12.43
CA ASP B 502 -29.30 24.54 -12.17
C ASP B 502 -29.63 25.18 -10.82
N GLU B 503 -30.73 25.92 -10.80
CA GLU B 503 -31.20 26.63 -9.62
C GLU B 503 -31.13 25.89 -8.28
N THR B 504 -31.42 24.60 -8.28
CA THR B 504 -31.40 23.83 -7.04
C THR B 504 -30.05 23.19 -6.71
N ALA B 505 -29.08 23.32 -7.61
CA ALA B 505 -27.75 22.73 -7.41
C ALA B 505 -27.17 22.99 -6.03
N LYS B 506 -27.10 24.26 -5.66
CA LYS B 506 -26.55 24.65 -4.37
C LYS B 506 -27.19 23.87 -3.22
N ASP B 507 -28.52 23.83 -3.16
CA ASP B 507 -29.19 23.10 -2.09
C ASP B 507 -29.11 21.59 -2.26
N ASP B 508 -29.12 21.12 -3.51
CA ASP B 508 -29.06 19.69 -3.74
C ASP B 508 -27.71 19.10 -3.37
N THR B 509 -26.66 19.92 -3.44
CA THR B 509 -25.33 19.42 -3.12
C THR B 509 -24.79 19.83 -1.76
N ARG B 510 -25.66 20.26 -0.87
CA ARG B 510 -25.21 20.69 0.45
C ARG B 510 -24.67 19.53 1.28
N TYR B 511 -25.18 18.33 1.03
CA TYR B 511 -24.73 17.16 1.79
C TYR B 511 -24.06 16.10 0.93
N GLY B 512 -23.65 16.49 -0.28
CA GLY B 512 -23.01 15.54 -1.17
C GLY B 512 -22.75 16.10 -2.55
N THR B 513 -21.84 15.47 -3.27
CA THR B 513 -21.46 15.89 -4.61
C THR B 513 -22.47 15.42 -5.66
N LEU B 514 -22.64 16.20 -6.72
CA LEU B 514 -23.55 15.83 -7.80
C LEU B 514 -22.67 14.99 -8.72
N ILE B 515 -22.80 13.67 -8.62
CA ILE B 515 -21.99 12.76 -9.42
C ILE B 515 -22.62 12.34 -10.73
N ASP B 516 -23.86 12.74 -10.95
CA ASP B 516 -24.55 12.42 -12.19
C ASP B 516 -25.79 13.29 -12.28
N HIS B 517 -26.39 13.35 -13.45
CA HIS B 517 -27.59 14.15 -13.64
C HIS B 517 -28.65 13.68 -12.65
N ASN B 518 -29.16 14.61 -11.86
CA ASN B 518 -30.20 14.29 -10.87
C ASN B 518 -29.76 13.31 -9.81
N ILE B 519 -28.47 13.05 -9.72
CA ILE B 519 -27.94 12.10 -8.75
C ILE B 519 -26.82 12.68 -7.87
N VAL B 520 -27.02 12.59 -6.56
CA VAL B 520 -26.04 13.09 -5.60
C VAL B 520 -25.51 11.98 -4.70
N GLY B 521 -24.19 11.97 -4.51
CA GLY B 521 -23.56 10.98 -3.65
C GLY B 521 -23.45 11.50 -2.22
N THR B 522 -24.47 11.24 -1.43
CA THR B 522 -24.50 11.69 -0.05
C THR B 522 -23.25 11.35 0.74
N THR B 523 -22.63 12.37 1.32
CA THR B 523 -21.42 12.18 2.11
C THR B 523 -21.72 11.27 3.30
N HIS B 524 -20.74 10.44 3.66
CA HIS B 524 -20.87 9.51 4.78
C HIS B 524 -19.45 9.06 5.14
N GLN B 525 -19.32 8.17 6.11
CA GLN B 525 -18.01 7.67 6.51
C GLN B 525 -18.06 6.15 6.64
N HIS B 526 -16.88 5.54 6.61
CA HIS B 526 -16.72 4.11 6.77
C HIS B 526 -15.79 3.97 7.96
N ILE B 527 -16.29 3.42 9.05
CA ILE B 527 -15.45 3.27 10.23
C ILE B 527 -15.32 1.81 10.65
N TYR B 528 -14.11 1.27 10.50
CA TYR B 528 -13.86 -0.13 10.84
C TYR B 528 -13.15 -0.24 12.18
N ASN B 529 -13.44 -1.32 12.90
CA ASN B 529 -12.80 -1.57 14.20
C ASN B 529 -12.35 -3.02 14.25
N PHE B 530 -11.12 -3.24 14.69
CA PHE B 530 -10.56 -4.58 14.78
C PHE B 530 -10.22 -4.98 16.22
N ARG B 531 -10.73 -6.13 16.64
CA ARG B 531 -10.47 -6.65 17.98
C ARG B 531 -9.24 -7.54 17.89
N LEU B 532 -8.13 -7.06 18.46
CA LEU B 532 -6.88 -7.80 18.42
C LEU B 532 -6.38 -8.23 19.81
N ASP B 533 -6.63 -9.48 20.18
CA ASP B 533 -6.16 -9.97 21.47
C ASP B 533 -4.72 -10.42 21.33
N LEU B 534 -3.82 -9.45 21.35
CA LEU B 534 -2.39 -9.75 21.24
C LEU B 534 -1.84 -10.20 22.58
N ASP B 535 -0.99 -11.22 22.54
CA ASP B 535 -0.31 -11.73 23.72
C ASP B 535 1.14 -11.72 23.30
N VAL B 536 1.77 -10.55 23.42
CA VAL B 536 3.15 -10.40 23.02
C VAL B 536 4.09 -11.26 23.84
N ASP B 537 4.39 -12.44 23.30
CA ASP B 537 5.29 -13.40 23.91
C ASP B 537 4.81 -13.82 25.29
N GLY B 538 3.49 -13.78 25.49
CA GLY B 538 2.90 -14.14 26.77
C GLY B 538 1.65 -13.30 26.97
N GLU B 539 0.80 -13.70 27.93
CA GLU B 539 -0.43 -12.96 28.19
C GLU B 539 -0.25 -11.65 28.96
N ASN B 540 0.67 -11.62 29.91
CA ASN B 540 0.85 -10.41 30.70
C ASN B 540 1.67 -9.33 30.02
N ASN B 541 0.97 -8.29 29.54
CA ASN B 541 1.61 -7.19 28.85
C ASN B 541 1.23 -5.83 29.45
N SER B 542 1.85 -4.78 28.92
CA SER B 542 1.59 -3.42 29.35
C SER B 542 1.61 -2.49 28.13
N LEU B 543 0.83 -1.42 28.18
CA LEU B 543 0.77 -0.47 27.09
C LEU B 543 1.77 0.65 27.36
N VAL B 544 2.70 0.85 26.44
CA VAL B 544 3.69 1.90 26.60
C VAL B 544 3.59 2.91 25.46
N ALA B 545 3.79 4.18 25.80
CA ALA B 545 3.74 5.26 24.83
C ALA B 545 5.12 5.85 24.66
N MET B 546 5.47 6.19 23.41
CA MET B 546 6.75 6.82 23.09
C MET B 546 6.48 7.99 22.15
N ASP B 547 6.45 9.20 22.71
CA ASP B 547 6.19 10.38 21.89
C ASP B 547 7.46 11.10 21.48
N PRO B 548 7.77 11.09 20.17
CA PRO B 548 8.97 11.77 19.68
C PRO B 548 8.80 13.26 19.98
N VAL B 549 9.81 13.90 20.56
CA VAL B 549 9.70 15.32 20.86
C VAL B 549 10.99 16.08 20.66
N VAL B 550 10.85 17.38 20.45
CA VAL B 550 11.99 18.25 20.26
C VAL B 550 12.26 18.97 21.58
N LYS B 551 13.41 18.69 22.19
CA LYS B 551 13.76 19.35 23.44
C LYS B 551 15.03 20.19 23.28
N PRO B 552 15.17 21.25 24.09
CA PRO B 552 16.33 22.15 24.06
C PRO B 552 17.65 21.42 24.23
N ASN B 553 18.65 21.84 23.46
CA ASN B 553 19.98 21.25 23.55
C ASN B 553 20.60 21.68 24.88
N THR B 554 21.03 20.73 25.68
CA THR B 554 21.66 21.04 26.96
C THR B 554 23.00 20.32 27.06
N ALA B 555 23.61 20.05 25.92
CA ALA B 555 24.88 19.34 25.90
C ALA B 555 25.98 20.10 25.19
N GLY B 556 25.73 21.37 24.88
CA GLY B 556 26.75 22.17 24.21
C GLY B 556 26.72 22.00 22.70
N GLY B 557 27.55 22.77 22.00
CA GLY B 557 27.60 22.69 20.55
C GLY B 557 26.65 23.70 19.94
N PRO B 558 26.67 23.89 18.61
CA PRO B 558 25.81 24.84 17.88
C PRO B 558 24.29 24.58 17.93
N ARG B 559 23.87 23.32 17.93
CA ARG B 559 22.44 22.99 17.95
C ARG B 559 21.67 23.58 19.12
N THR B 560 20.48 24.12 18.83
CA THR B 560 19.62 24.69 19.85
C THR B 560 18.67 23.60 20.38
N SER B 561 18.36 22.62 19.53
CA SER B 561 17.45 21.54 19.92
C SER B 561 17.96 20.15 19.58
N THR B 562 17.25 19.15 20.09
CA THR B 562 17.60 17.75 19.85
C THR B 562 16.31 16.95 19.72
N MET B 563 16.40 15.72 19.22
CA MET B 563 15.23 14.86 19.05
C MET B 563 15.29 13.76 20.12
N GLN B 564 14.34 13.81 21.06
CA GLN B 564 14.28 12.84 22.14
C GLN B 564 12.89 12.23 22.21
N VAL B 565 12.69 11.31 23.16
CA VAL B 565 11.40 10.66 23.28
C VAL B 565 10.84 10.66 24.71
N ASN B 566 9.55 10.97 24.83
CA ASN B 566 8.88 10.94 26.11
C ASN B 566 8.23 9.57 26.24
N GLN B 567 8.79 8.73 27.09
CA GLN B 567 8.27 7.39 27.31
C GLN B 567 7.53 7.28 28.63
N TYR B 568 6.32 6.73 28.59
CA TYR B 568 5.51 6.56 29.79
C TYR B 568 4.49 5.44 29.61
N ASN B 569 4.07 4.83 30.71
CA ASN B 569 3.08 3.76 30.66
C ASN B 569 1.66 4.29 30.76
N ILE B 570 0.73 3.53 30.19
CA ILE B 570 -0.68 3.88 30.24
C ILE B 570 -1.28 2.79 31.12
N GLY B 571 -1.44 3.10 32.41
CA GLY B 571 -1.92 2.14 33.37
C GLY B 571 -3.38 1.74 33.42
N ASN B 572 -4.26 2.46 32.75
CA ASN B 572 -5.67 2.10 32.79
C ASN B 572 -6.41 2.20 31.45
N GLU B 573 -7.51 1.48 31.36
CA GLU B 573 -8.34 1.42 30.16
C GLU B 573 -8.81 2.80 29.70
N GLN B 574 -9.23 3.63 30.65
CA GLN B 574 -9.73 4.97 30.34
C GLN B 574 -8.72 5.81 29.57
N ASP B 575 -7.45 5.73 29.97
CA ASP B 575 -6.38 6.49 29.31
C ASP B 575 -5.90 5.81 28.02
N ALA B 576 -6.14 4.51 27.90
CA ALA B 576 -5.71 3.77 26.70
C ALA B 576 -6.67 4.05 25.55
N ALA B 577 -7.88 4.51 25.87
CA ALA B 577 -8.88 4.84 24.86
C ALA B 577 -8.55 6.26 24.38
N GLN B 578 -7.92 6.37 23.22
CA GLN B 578 -7.50 7.69 22.75
C GLN B 578 -7.41 7.84 21.24
N LYS B 579 -7.12 9.07 20.81
CA LYS B 579 -6.94 9.39 19.40
C LYS B 579 -5.53 8.89 19.07
N PHE B 580 -5.26 8.64 17.80
CA PHE B 580 -3.95 8.18 17.40
C PHE B 580 -3.22 9.22 16.57
N ASP B 581 -2.05 9.62 17.03
CA ASP B 581 -1.22 10.58 16.34
C ASP B 581 -0.17 9.76 15.59
N PRO B 582 -0.28 9.69 14.26
CA PRO B 582 0.67 8.92 13.44
C PRO B 582 2.12 9.31 13.66
N GLY B 583 2.33 10.44 14.32
CA GLY B 583 3.69 10.89 14.61
C GLY B 583 4.25 10.27 15.87
N THR B 584 3.40 9.61 16.65
CA THR B 584 3.82 8.97 17.89
C THR B 584 3.92 7.47 17.76
N ILE B 585 4.39 6.84 18.83
CA ILE B 585 4.57 5.40 18.89
C ILE B 585 3.85 4.82 20.11
N ARG B 586 3.10 3.73 19.87
CA ARG B 586 2.36 3.04 20.92
C ARG B 586 2.73 1.55 20.88
N LEU B 587 3.14 1.00 22.03
CA LEU B 587 3.56 -0.39 22.10
C LEU B 587 2.85 -1.25 23.12
N LEU B 588 2.60 -2.50 22.77
CA LEU B 588 2.04 -3.44 23.73
C LEU B 588 3.26 -4.28 24.09
N SER B 589 3.95 -3.90 25.15
CA SER B 589 5.16 -4.58 25.59
C SER B 589 4.89 -5.70 26.58
N ASN B 590 5.90 -6.54 26.80
CA ASN B 590 5.83 -7.62 27.77
C ASN B 590 6.93 -7.27 28.76
N PRO B 591 6.56 -6.69 29.91
CA PRO B 591 7.52 -6.29 30.95
C PRO B 591 8.26 -7.45 31.59
N ASN B 592 7.88 -8.67 31.24
CA ASN B 592 8.52 -9.85 31.81
C ASN B 592 9.61 -10.44 30.93
N LYS B 593 9.66 -10.04 29.66
CA LYS B 593 10.67 -10.57 28.74
C LYS B 593 11.36 -9.50 27.91
N GLU B 594 12.68 -9.60 27.83
CA GLU B 594 13.47 -8.63 27.08
C GLU B 594 14.25 -9.29 25.95
N ASN B 595 14.77 -8.48 25.03
CA ASN B 595 15.56 -9.03 23.94
C ASN B 595 17.03 -8.96 24.36
N ARG B 596 17.92 -9.38 23.46
CA ARG B 596 19.35 -9.40 23.72
C ARG B 596 19.93 -8.10 24.26
N MET B 597 19.30 -6.97 23.96
CA MET B 597 19.78 -5.65 24.43
C MET B 597 19.12 -5.13 25.72
N GLY B 598 18.29 -5.95 26.35
CA GLY B 598 17.65 -5.51 27.58
C GLY B 598 16.36 -4.74 27.39
N ASN B 599 15.82 -4.72 26.17
CA ASN B 599 14.57 -4.03 25.87
C ASN B 599 13.38 -4.98 25.89
N PRO B 600 12.24 -4.54 26.44
CA PRO B 600 11.02 -5.34 26.53
C PRO B 600 10.49 -5.71 25.14
N VAL B 601 10.36 -7.00 24.87
CA VAL B 601 9.87 -7.45 23.58
C VAL B 601 8.49 -6.84 23.38
N SER B 602 8.30 -6.12 22.27
CA SER B 602 7.03 -5.43 22.02
C SER B 602 6.53 -5.45 20.58
N TYR B 603 5.30 -4.96 20.41
CA TYR B 603 4.69 -4.80 19.10
C TYR B 603 4.14 -3.39 19.01
N GLN B 604 4.47 -2.71 17.92
CA GLN B 604 4.02 -1.35 17.68
C GLN B 604 2.62 -1.43 17.07
N ILE B 605 1.70 -0.68 17.65
CA ILE B 605 0.30 -0.68 17.19
C ILE B 605 0.05 0.57 16.35
N ILE B 606 -0.31 0.37 15.08
CA ILE B 606 -0.56 1.49 14.18
C ILE B 606 -1.94 1.42 13.53
N PRO B 607 -2.95 2.05 14.16
CA PRO B 607 -4.35 2.11 13.72
C PRO B 607 -4.49 2.87 12.41
N TYR B 608 -3.52 3.72 12.13
CA TYR B 608 -3.55 4.52 10.92
C TYR B 608 -2.23 4.49 10.17
N ALA B 609 -2.18 3.69 9.11
CA ALA B 609 -0.97 3.57 8.29
C ALA B 609 -1.23 4.13 6.89
N GLY B 610 -2.32 4.88 6.76
CA GLY B 610 -2.65 5.45 5.47
C GLY B 610 -3.95 4.96 4.86
N GLY B 611 -4.34 5.60 3.77
CA GLY B 611 -5.57 5.25 3.07
C GLY B 611 -5.72 6.07 1.79
N THR B 612 -6.61 5.61 0.90
CA THR B 612 -6.83 6.28 -0.38
C THR B 612 -7.97 7.30 -0.42
N HIS B 613 -8.74 7.38 0.67
CA HIS B 613 -9.83 8.35 0.80
C HIS B 613 -9.40 9.26 1.95
N PRO B 614 -10.05 10.42 2.11
CA PRO B 614 -9.66 11.28 3.22
C PRO B 614 -9.85 10.47 4.51
N VAL B 615 -9.02 10.70 5.51
CA VAL B 615 -9.13 9.94 6.74
C VAL B 615 -10.17 10.53 7.68
N ALA B 616 -10.90 9.64 8.36
CA ALA B 616 -11.91 10.06 9.31
C ALA B 616 -11.22 10.29 10.65
N LYS B 617 -11.19 11.54 11.08
CA LYS B 617 -10.57 11.93 12.33
C LYS B 617 -11.39 11.48 13.54
N GLY B 618 -12.57 10.96 13.25
CA GLY B 618 -13.48 10.49 14.28
C GLY B 618 -14.85 10.49 13.62
N ALA B 619 -15.91 10.44 14.43
CA ALA B 619 -17.25 10.45 13.85
C ALA B 619 -17.66 11.87 13.55
N GLN B 620 -18.13 12.10 12.32
CA GLN B 620 -18.57 13.44 11.92
C GLN B 620 -19.96 13.72 12.51
N PHE B 621 -20.03 13.77 13.83
CA PHE B 621 -21.29 14.04 14.52
C PHE B 621 -21.07 15.01 15.67
N ALA B 622 -22.02 15.91 15.88
CA ALA B 622 -21.92 16.84 16.99
C ALA B 622 -22.01 15.93 18.21
N PRO B 623 -21.31 16.27 19.30
CA PRO B 623 -21.34 15.44 20.51
C PRO B 623 -22.72 15.21 21.13
N ASP B 624 -23.77 15.80 20.54
CA ASP B 624 -25.12 15.63 21.08
C ASP B 624 -26.05 14.78 20.22
N GLU B 625 -25.49 13.98 19.31
CA GLU B 625 -26.28 13.08 18.46
C GLU B 625 -26.35 11.73 19.17
N TRP B 626 -27.47 11.03 19.07
CA TRP B 626 -27.59 9.73 19.72
C TRP B 626 -26.61 8.68 19.18
N ILE B 627 -26.52 8.57 17.86
CA ILE B 627 -25.60 7.59 17.26
C ILE B 627 -24.22 7.72 17.89
N TYR B 628 -23.80 8.95 18.11
CA TYR B 628 -22.51 9.25 18.72
C TYR B 628 -22.50 8.76 20.16
N HIS B 629 -23.66 8.85 20.80
CA HIS B 629 -23.84 8.42 22.18
C HIS B 629 -23.84 6.90 22.31
N ARG B 630 -24.73 6.25 21.56
CA ARG B 630 -24.86 4.79 21.58
C ARG B 630 -23.55 4.07 21.26
N LEU B 631 -22.80 4.63 20.31
CA LEU B 631 -21.55 4.03 19.85
C LEU B 631 -20.36 4.95 20.06
N SER B 632 -19.56 4.68 21.09
CA SER B 632 -18.39 5.50 21.38
C SER B 632 -17.08 5.05 20.72
N PHE B 633 -17.05 3.83 20.19
CA PHE B 633 -15.83 3.33 19.55
C PHE B 633 -15.46 4.15 18.31
N MET B 634 -16.44 4.93 17.83
CA MET B 634 -16.28 5.76 16.63
C MET B 634 -15.28 6.90 16.72
N ASP B 635 -15.19 7.52 17.89
CA ASP B 635 -14.34 8.69 18.07
C ASP B 635 -12.90 8.47 18.53
N LYS B 636 -12.54 7.24 18.87
CA LYS B 636 -11.18 6.93 19.33
C LYS B 636 -10.56 5.90 18.39
N GLN B 637 -9.30 6.09 18.01
CA GLN B 637 -8.66 5.13 17.12
C GLN B 637 -7.99 3.99 17.85
N LEU B 638 -7.71 4.17 19.14
CA LEU B 638 -7.05 3.14 19.92
C LEU B 638 -7.71 2.85 21.28
N TRP B 639 -8.00 1.58 21.54
CA TRP B 639 -8.59 1.16 22.81
C TRP B 639 -7.84 -0.05 23.32
N VAL B 640 -7.75 -0.19 24.64
CA VAL B 640 -7.09 -1.34 25.24
C VAL B 640 -7.89 -1.72 26.49
N THR B 641 -8.36 -2.97 26.54
CA THR B 641 -9.13 -3.45 27.66
C THR B 641 -8.60 -4.74 28.26
N ARG B 642 -9.09 -5.08 29.44
CA ARG B 642 -8.69 -6.31 30.09
C ARG B 642 -9.37 -7.45 29.34
N TYR B 643 -8.65 -8.54 29.13
CA TYR B 643 -9.22 -9.68 28.43
C TYR B 643 -10.46 -10.22 29.13
N HIS B 644 -11.51 -10.43 28.34
CA HIS B 644 -12.78 -11.00 28.80
C HIS B 644 -13.40 -11.70 27.60
N PRO B 645 -13.64 -13.02 27.72
CA PRO B 645 -14.21 -13.83 26.64
C PRO B 645 -15.59 -13.37 26.15
N GLY B 646 -16.26 -12.55 26.96
CA GLY B 646 -17.58 -12.08 26.58
C GLY B 646 -17.63 -10.70 25.94
N GLU B 647 -16.47 -10.05 25.82
CA GLU B 647 -16.42 -8.71 25.23
C GLU B 647 -15.75 -8.82 23.88
N ARG B 648 -16.53 -8.80 22.81
CA ARG B 648 -15.98 -8.95 21.48
C ARG B 648 -16.44 -7.93 20.43
N PHE B 649 -17.48 -7.16 20.73
CA PHE B 649 -17.98 -6.20 19.74
C PHE B 649 -17.88 -4.75 20.18
N PRO B 650 -17.34 -3.89 19.31
CA PRO B 650 -17.19 -2.47 19.61
C PRO B 650 -18.53 -1.77 19.80
N GLU B 651 -19.50 -2.13 18.96
CA GLU B 651 -20.83 -1.55 19.02
C GLU B 651 -21.75 -2.26 20.02
N GLY B 652 -21.28 -3.36 20.59
CA GLY B 652 -22.10 -4.08 21.54
C GLY B 652 -22.70 -5.35 20.93
N LYS B 653 -23.08 -6.30 21.79
CA LYS B 653 -23.65 -7.56 21.33
C LYS B 653 -25.02 -7.44 20.66
N TYR B 654 -25.81 -6.45 21.07
CA TYR B 654 -27.15 -6.24 20.51
C TYR B 654 -27.37 -4.76 20.21
N PRO B 655 -26.72 -4.25 19.15
CA PRO B 655 -26.77 -2.86 18.67
C PRO B 655 -28.04 -2.41 17.94
N ASN B 656 -28.93 -3.33 17.59
CA ASN B 656 -30.15 -2.97 16.86
C ASN B 656 -31.17 -2.23 17.73
N ARG B 657 -31.20 -0.90 17.56
CA ARG B 657 -32.08 -0.01 18.30
C ARG B 657 -31.65 0.11 19.76
N SER B 658 -30.37 -0.11 20.01
CA SER B 658 -29.85 -0.03 21.37
C SER B 658 -30.05 1.38 21.92
N THR B 659 -30.26 1.47 23.23
CA THR B 659 -30.49 2.74 23.89
C THR B 659 -29.21 3.32 24.49
N HIS B 660 -28.29 2.44 24.86
CA HIS B 660 -27.02 2.86 25.46
C HIS B 660 -25.86 2.02 24.95
N ASP B 661 -24.65 2.54 25.15
CA ASP B 661 -23.43 1.88 24.73
C ASP B 661 -23.14 0.60 25.53
N THR B 662 -23.24 -0.55 24.87
CA THR B 662 -22.98 -1.83 25.52
C THR B 662 -21.70 -2.46 24.95
N GLY B 663 -20.88 -1.64 24.30
CA GLY B 663 -19.64 -2.11 23.70
C GLY B 663 -18.42 -1.52 24.37
N LEU B 664 -17.46 -1.05 23.58
CA LEU B 664 -16.24 -0.47 24.12
C LEU B 664 -16.45 0.59 25.19
N GLY B 665 -17.57 1.29 25.13
CA GLY B 665 -17.83 2.31 26.14
C GLY B 665 -18.04 1.58 27.45
N GLN B 666 -18.70 0.43 27.37
CA GLN B 666 -18.99 -0.40 28.51
C GLN B 666 -17.78 -1.20 29.00
N TYR B 667 -17.04 -1.78 28.06
CA TYR B 667 -15.89 -2.61 28.42
C TYR B 667 -14.80 -1.84 29.15
N SER B 668 -14.82 -0.52 29.05
CA SER B 668 -13.80 0.30 29.70
C SER B 668 -14.33 1.25 30.78
N LYS B 669 -15.65 1.32 30.91
CA LYS B 669 -16.26 2.24 31.87
C LYS B 669 -15.76 2.07 33.31
N ASP B 670 -15.32 0.86 33.67
CA ASP B 670 -14.80 0.61 35.02
C ASP B 670 -13.33 0.99 35.13
N ASN B 671 -12.78 1.54 34.05
CA ASN B 671 -11.39 1.97 34.02
C ASN B 671 -10.42 1.04 34.76
N GLU B 672 -10.38 -0.23 34.36
CA GLU B 672 -9.50 -1.18 35.02
C GLU B 672 -8.01 -1.02 34.70
N SER B 673 -7.17 -1.67 35.50
CA SER B 673 -5.73 -1.60 35.33
C SER B 673 -5.23 -2.37 34.10
N LEU B 674 -4.28 -1.78 33.39
CA LEU B 674 -3.71 -2.40 32.20
C LEU B 674 -2.22 -2.62 32.41
N ASP B 675 -1.84 -2.76 33.67
CA ASP B 675 -0.43 -2.97 34.01
C ASP B 675 -0.08 -4.44 34.16
N ASN B 676 0.77 -4.92 33.25
CA ASN B 676 1.24 -6.30 33.27
C ASN B 676 0.11 -7.32 33.40
N THR B 677 -0.87 -7.25 32.50
CA THR B 677 -1.99 -8.19 32.53
C THR B 677 -2.44 -8.53 31.10
N ASP B 678 -3.37 -9.46 30.95
CA ASP B 678 -3.85 -9.85 29.62
C ASP B 678 -4.61 -8.70 28.93
N ALA B 679 -3.98 -8.08 27.94
CA ALA B 679 -4.61 -6.97 27.23
C ALA B 679 -5.25 -7.36 25.89
N VAL B 680 -6.18 -6.52 25.45
CA VAL B 680 -6.87 -6.73 24.18
C VAL B 680 -6.90 -5.38 23.46
N VAL B 681 -6.29 -5.32 22.29
CA VAL B 681 -6.23 -4.08 21.52
C VAL B 681 -7.36 -3.96 20.50
N TRP B 682 -7.94 -2.76 20.42
CA TRP B 682 -9.01 -2.49 19.48
C TRP B 682 -8.57 -1.30 18.62
N MET B 683 -8.44 -1.52 17.31
CA MET B 683 -8.04 -0.42 16.44
C MET B 683 -9.21 0.06 15.61
N THR B 684 -9.42 1.38 15.61
CA THR B 684 -10.49 1.97 14.84
C THR B 684 -9.86 2.83 13.76
N THR B 685 -10.36 2.69 12.54
CA THR B 685 -9.85 3.46 11.42
C THR B 685 -10.98 3.63 10.41
N GLY B 686 -11.03 4.81 9.81
CA GLY B 686 -12.08 5.04 8.85
C GLY B 686 -11.73 6.09 7.84
N THR B 687 -12.69 6.37 6.97
CA THR B 687 -12.53 7.37 5.93
C THR B 687 -13.77 8.23 5.88
N THR B 688 -13.62 9.44 5.34
CA THR B 688 -14.73 10.36 5.19
C THR B 688 -14.95 10.41 3.68
N HIS B 689 -16.11 9.95 3.24
CA HIS B 689 -16.37 9.88 1.80
C HIS B 689 -17.18 11.00 1.17
N VAL B 690 -16.50 11.82 0.40
CA VAL B 690 -17.12 12.91 -0.35
C VAL B 690 -16.99 12.37 -1.77
N ALA B 691 -18.13 12.11 -2.39
CA ALA B 691 -18.17 11.54 -3.73
C ALA B 691 -17.64 12.38 -4.88
N ARG B 692 -17.47 11.72 -6.03
CA ARG B 692 -17.01 12.34 -7.28
C ARG B 692 -17.51 11.46 -8.42
N ALA B 693 -17.60 12.04 -9.62
CA ALA B 693 -18.12 11.31 -10.78
C ALA B 693 -17.36 10.02 -11.10
N GLU B 694 -16.07 9.99 -10.79
CA GLU B 694 -15.26 8.81 -11.06
C GLU B 694 -15.78 7.57 -10.32
N GLU B 695 -16.58 7.77 -9.29
CA GLU B 695 -17.09 6.66 -8.48
C GLU B 695 -18.50 6.22 -8.87
N TRP B 696 -18.96 6.68 -10.03
CA TRP B 696 -20.31 6.34 -10.48
C TRP B 696 -20.30 5.98 -11.96
N PRO B 697 -21.12 4.99 -12.36
CA PRO B 697 -22.07 4.16 -11.60
C PRO B 697 -21.48 3.13 -10.62
N ILE B 698 -20.18 2.88 -10.70
CA ILE B 698 -19.57 1.92 -9.79
C ILE B 698 -18.27 2.48 -9.21
N MET B 699 -18.05 2.25 -7.93
CA MET B 699 -16.88 2.78 -7.24
C MET B 699 -15.59 1.96 -7.27
N PRO B 700 -14.49 2.58 -7.72
CA PRO B 700 -13.19 1.90 -7.78
C PRO B 700 -12.79 1.64 -6.33
N THR B 701 -12.22 0.47 -6.06
CA THR B 701 -11.82 0.10 -4.71
C THR B 701 -10.90 1.10 -4.01
N GLU B 702 -11.29 1.51 -2.80
CA GLU B 702 -10.51 2.44 -1.97
C GLU B 702 -10.03 1.66 -0.72
N TRP B 703 -8.78 1.88 -0.32
CA TRP B 703 -8.22 1.16 0.83
C TRP B 703 -7.72 1.97 2.03
N VAL B 704 -7.72 1.32 3.20
CA VAL B 704 -7.19 1.89 4.44
C VAL B 704 -6.25 0.81 4.99
N HIS B 705 -5.13 1.22 5.58
CA HIS B 705 -4.15 0.27 6.08
C HIS B 705 -3.84 0.42 7.55
N THR B 706 -3.64 -0.70 8.23
CA THR B 706 -3.29 -0.67 9.64
C THR B 706 -2.05 -1.56 9.74
N LEU B 707 -1.29 -1.43 10.83
CA LEU B 707 -0.07 -2.21 10.94
C LEU B 707 0.31 -2.62 12.37
N LEU B 708 0.96 -3.78 12.49
CA LEU B 708 1.43 -4.31 13.76
C LEU B 708 2.87 -4.75 13.53
N LYS B 709 3.82 -3.95 13.98
CA LYS B 709 5.24 -4.25 13.76
C LYS B 709 5.95 -4.67 15.02
N PRO B 710 6.79 -5.72 14.95
CA PRO B 710 7.54 -6.18 16.12
C PRO B 710 8.56 -5.10 16.52
N TRP B 711 8.58 -4.74 17.80
CA TRP B 711 9.48 -3.70 18.28
C TRP B 711 10.40 -4.30 19.36
N ASN B 712 11.63 -4.60 18.96
CA ASN B 712 12.59 -5.22 19.85
C ASN B 712 12.08 -6.58 20.33
N PHE B 713 11.23 -7.20 19.50
CA PHE B 713 10.67 -8.51 19.80
C PHE B 713 11.78 -9.51 19.44
N PHE B 714 12.59 -9.12 18.46
CA PHE B 714 13.72 -9.93 17.99
C PHE B 714 15.00 -9.20 18.37
N ASP B 715 16.15 -9.81 18.07
CA ASP B 715 17.44 -9.22 18.39
C ASP B 715 18.16 -8.66 17.17
N GLU B 716 17.58 -8.88 15.99
CA GLU B 716 18.21 -8.42 14.74
C GLU B 716 17.22 -8.51 13.60
N THR B 717 17.71 -8.20 12.40
CA THR B 717 16.91 -8.27 11.18
C THR B 717 16.31 -9.67 11.15
N PRO B 718 14.98 -9.77 11.27
CA PRO B 718 14.27 -11.06 11.28
C PRO B 718 14.45 -11.98 10.08
N THR B 719 14.69 -11.42 8.90
CA THR B 719 14.84 -12.26 7.71
C THR B 719 16.28 -12.52 7.25
N LEU B 720 17.26 -12.20 8.08
CA LEU B 720 18.64 -12.43 7.68
C LEU B 720 18.92 -13.88 7.33
N GLY B 721 18.27 -14.81 8.02
CA GLY B 721 18.51 -16.21 7.72
C GLY B 721 19.13 -17.01 8.87
N ALA B 722 19.17 -18.33 8.70
CA ALA B 722 19.72 -19.22 9.70
C ALA B 722 21.22 -19.00 9.85
N LEU B 723 21.65 -18.85 11.10
CA LEU B 723 23.07 -18.61 11.40
C LEU B 723 23.91 -19.85 11.05
N LYS B 724 24.93 -19.64 10.22
CA LYS B 724 25.79 -20.73 9.76
C LYS B 724 26.76 -21.24 10.83
N LYS B 725 27.29 -20.36 11.66
CA LYS B 725 28.20 -20.76 12.73
C LYS B 725 27.69 -20.30 14.08
CU CU C . 15.86 6.11 8.86
CA CA D . 1.22 23.53 -14.17
CA CA E . 6.91 32.14 -7.81
C1' HY1 F . 27.15 10.22 2.94
C2' HY1 F . 27.25 9.28 4.00
C3' HY1 F . 28.16 8.18 3.91
C4' HY1 F . 28.95 8.00 2.77
C5' HY1 F . 28.83 8.92 1.72
C6' HY1 F . 27.94 10.03 1.80
CA HY1 F . 26.17 11.41 3.05
C HY1 F . 24.71 10.94 3.00
O HY1 F . 24.30 9.90 2.54
C1' PEA G . 26.02 14.76 -32.26
C6' PEA G . 27.41 14.78 -32.39
C5' PEA G . 28.08 13.76 -33.12
C4' PEA G . 27.36 12.71 -33.75
C3' PEA G . 25.97 12.69 -33.63
C2' PEA G . 25.29 13.71 -32.88
C2 PEA G . 25.29 15.79 -31.38
C1 PEA G . 24.25 16.53 -32.23
N PEA G . 24.85 17.69 -32.88
C1 GOL H . -7.25 4.36 -7.81
O1 GOL H . -6.50 3.14 -7.80
C2 GOL H . -8.15 4.50 -6.59
O2 GOL H . -9.08 5.56 -6.73
C3 GOL H . -7.30 4.69 -5.30
O3 GOL H . -5.88 4.71 -5.56
CU CU I . -18.21 5.48 0.90
CA CA J . -3.91 -10.44 25.26
CA CA K . -12.50 -3.69 31.45
C1' HY1 L . -28.68 -2.37 3.76
C2' HY1 L . -28.76 -1.50 2.66
C3' HY1 L . -29.33 -1.92 1.43
C4' HY1 L . -29.82 -3.23 1.29
C5' HY1 L . -29.73 -4.09 2.39
C6' HY1 L . -29.16 -3.67 3.62
CA HY1 L . -28.12 -1.86 5.11
C HY1 L . -26.60 -1.61 4.98
O HY1 L . -25.85 -2.22 4.29
C1 GOL M . -6.14 -18.69 -12.57
O1 GOL M . -7.47 -18.54 -12.05
C2 GOL M . -6.07 -18.20 -14.03
O2 GOL M . -4.74 -18.40 -14.50
C3 GOL M . -6.44 -16.72 -14.07
O3 GOL M . -6.18 -16.16 -15.36
#